data_2JJB
#
_entry.id   2JJB
#
_cell.length_a   92.481
_cell.length_b   117.863
_cell.length_c   203.451
_cell.angle_alpha   90.00
_cell.angle_beta   90.00
_cell.angle_gamma   90.00
#
_symmetry.space_group_name_H-M   'P 21 21 21'
#
loop_
_entity.id
_entity.type
_entity.pdbx_description
1 polymer 'PERIPLASMIC TREHALASE'
2 non-polymer CASUARINE
3 non-polymer alpha-D-glucopyranose
4 non-polymer 'SULFATE ION'
5 non-polymer 1,2-ETHANEDIOL
6 water water
#
_entity_poly.entity_id   1
_entity_poly.type   'polypeptide(L)'
_entity_poly.pdbx_seq_one_letter_code
;EETPVTPQPPDILLGPLFNDVQNAKLFPDQKTFADAVPNSDPLMILADYRMQQNQSGFDLRHFVNVNFTLPKEGEKYVPP
EGQSLREHIDGLWPVLTRSTENTEKWDSLLPLPEPYVVPGGRFREVYYWDSYFTMLGLAESGHWDKVADMVANFAHEIDT
YGHIPNGNRSYYLSRSQPPFFALMVELLAQHEGDAALKQYLPQMQKEYAYWMDGVENLQAGQQEKRVVKLQDGTLLNRYW
DDRDTPRPESWVEDIATAKSNPNRPATEIYRDLRSAAASGWDFSSRWMDNPQQLNTLRTTSIVPVDLNSLMFKMEKILAR
ASKAAGDNAMANQYETLANARQKGIEKYLWNDQQGWYADYDLKSHKVRNQLTAAALFPLYVNAAAKDRANKMATATKTHL
LQPGGLNTTSVKSGQQWDAPNGWAPLQWVATEGLQNYGQKEVAMDISWHFLTNVQHTYDREKKLVEKYDVSTTGTGGGGG
EYPLQDGFGWTNGVTLKMLDLICPKEQPCDNVPATRPTVKSATTQPSTKEAQPTP
;
_entity_poly.pdbx_strand_id   A,B,C,D
#
# COMPACT_ATOMS: atom_id res chain seq x y z
N VAL A 5 -16.16 -21.49 34.40
CA VAL A 5 -15.77 -20.70 33.17
C VAL A 5 -14.72 -21.42 32.35
N THR A 6 -14.93 -21.34 31.05
CA THR A 6 -13.96 -21.68 30.03
C THR A 6 -12.68 -20.86 30.27
N PRO A 7 -11.52 -21.55 30.28
CA PRO A 7 -10.28 -20.83 30.48
C PRO A 7 -10.02 -19.91 29.29
N GLN A 8 -9.31 -18.83 29.56
CA GLN A 8 -8.84 -17.98 28.48
CA GLN A 8 -8.75 -17.95 28.56
C GLN A 8 -7.80 -18.78 27.65
N PRO A 9 -7.47 -18.30 26.43
CA PRO A 9 -6.40 -18.98 25.68
C PRO A 9 -5.09 -18.92 26.46
N PRO A 10 -4.12 -19.80 26.13
CA PRO A 10 -2.90 -19.96 26.95
C PRO A 10 -2.06 -18.69 27.14
N ASP A 11 -2.00 -17.84 26.11
CA ASP A 11 -1.27 -16.59 26.22
C ASP A 11 -1.89 -15.65 27.25
N ILE A 12 -3.21 -15.61 27.33
CA ILE A 12 -3.90 -14.77 28.28
C ILE A 12 -3.77 -15.40 29.68
N LEU A 13 -3.97 -16.71 29.74
CA LEU A 13 -3.96 -17.46 30.99
CA LEU A 13 -3.96 -17.46 30.99
C LEU A 13 -2.62 -17.32 31.71
N LEU A 14 -1.54 -17.46 30.96
CA LEU A 14 -0.19 -17.46 31.51
C LEU A 14 0.58 -16.14 31.42
N GLY A 15 -0.07 -15.07 30.96
CA GLY A 15 0.64 -13.81 30.74
C GLY A 15 1.94 -14.07 29.99
N PRO A 16 3.00 -13.28 30.29
CA PRO A 16 4.32 -13.33 29.62
C PRO A 16 5.10 -14.62 29.70
N LEU A 17 4.75 -15.50 30.64
CA LEU A 17 5.35 -16.86 30.69
C LEU A 17 5.16 -17.63 29.37
N PHE A 18 3.95 -17.58 28.83
CA PHE A 18 3.69 -18.24 27.55
C PHE A 18 4.65 -17.69 26.49
N ASN A 19 4.66 -16.36 26.33
CA ASN A 19 5.51 -15.70 25.34
C ASN A 19 6.96 -16.19 25.48
N ASP A 20 7.43 -16.25 26.72
CA ASP A 20 8.80 -16.63 26.97
C ASP A 20 9.11 -18.07 26.59
N VAL A 21 8.21 -19.01 26.92
CA VAL A 21 8.42 -20.41 26.55
C VAL A 21 8.40 -20.62 25.04
N GLN A 22 7.46 -19.96 24.35
CA GLN A 22 7.38 -20.06 22.90
C GLN A 22 8.64 -19.49 22.22
N ASN A 23 9.03 -18.28 22.62
CA ASN A 23 10.22 -17.64 22.05
C ASN A 23 11.49 -18.42 22.30
N ALA A 24 11.60 -19.03 23.48
CA ALA A 24 12.76 -19.87 23.80
C ALA A 24 12.78 -21.15 22.96
N LYS A 25 11.68 -21.43 22.23
CA LYS A 25 11.52 -22.67 21.44
C LYS A 25 11.99 -23.91 22.17
N LEU A 26 11.52 -24.10 23.39
CA LEU A 26 11.85 -25.30 24.16
C LEU A 26 11.36 -26.56 23.47
N PHE A 27 10.34 -26.39 22.63
CA PHE A 27 9.72 -27.50 21.91
C PHE A 27 9.73 -27.10 20.45
N PRO A 28 9.99 -28.07 19.56
CA PRO A 28 10.15 -27.76 18.14
C PRO A 28 8.85 -27.40 17.43
N ASP A 29 7.71 -27.75 18.05
CA ASP A 29 6.39 -27.37 17.52
C ASP A 29 5.80 -26.33 18.45
N GLN A 30 5.46 -25.16 17.91
CA GLN A 30 4.81 -24.13 18.72
C GLN A 30 3.49 -24.63 19.36
N LYS A 31 2.81 -25.55 18.68
CA LYS A 31 1.53 -26.09 19.20
C LYS A 31 1.74 -26.89 20.50
N THR A 32 2.94 -27.43 20.71
CA THR A 32 3.19 -28.28 21.88
C THR A 32 2.90 -27.56 23.20
N PHE A 33 3.47 -26.37 23.42
CA PHE A 33 3.20 -25.67 24.69
C PHE A 33 1.80 -25.05 24.72
N ALA A 34 1.24 -24.74 23.54
CA ALA A 34 -0.18 -24.32 23.53
C ALA A 34 -1.09 -25.40 24.12
N ASP A 35 -0.69 -26.65 23.99
CA ASP A 35 -1.48 -27.78 24.50
C ASP A 35 -0.99 -28.26 25.89
N ALA A 36 -0.05 -27.55 26.50
CA ALA A 36 0.44 -27.98 27.82
C ALA A 36 -0.68 -27.76 28.83
N VAL A 37 -0.77 -28.62 29.86
CA VAL A 37 -1.80 -28.47 30.90
C VAL A 37 -1.15 -27.99 32.21
N PRO A 38 -1.59 -26.82 32.75
CA PRO A 38 -1.01 -26.31 34.00
C PRO A 38 -1.31 -27.28 35.13
N ASN A 39 -0.35 -27.45 36.03
CA ASN A 39 -0.56 -28.34 37.17
C ASN A 39 -1.25 -27.64 38.36
N SER A 40 -1.40 -26.32 38.26
CA SER A 40 -2.07 -25.50 39.27
C SER A 40 -2.59 -24.24 38.62
N ASP A 41 -3.17 -23.35 39.44
CA ASP A 41 -3.80 -22.11 38.94
C ASP A 41 -2.72 -21.29 38.24
N PRO A 42 -2.86 -21.09 36.92
CA PRO A 42 -1.95 -20.26 36.12
C PRO A 42 -1.65 -18.89 36.73
N LEU A 43 -2.62 -18.30 37.44
CA LEU A 43 -2.40 -17.02 38.13
C LEU A 43 -1.28 -17.20 39.16
N MET A 44 -1.32 -18.32 39.86
CA MET A 44 -0.29 -18.65 40.84
C MET A 44 1.02 -19.08 40.18
N ILE A 45 0.94 -19.83 39.07
CA ILE A 45 2.16 -20.17 38.30
C ILE A 45 2.90 -18.91 37.85
N LEU A 46 2.15 -17.93 37.34
CA LEU A 46 2.76 -16.69 36.86
C LEU A 46 3.40 -15.90 38.01
N ALA A 47 2.75 -15.88 39.17
CA ALA A 47 3.32 -15.22 40.36
C ALA A 47 4.64 -15.89 40.80
N ASP A 48 4.64 -17.22 40.82
CA ASP A 48 5.83 -18.03 41.10
C ASP A 48 6.93 -17.71 40.09
N TYR A 49 6.56 -17.64 38.81
CA TYR A 49 7.50 -17.36 37.71
C TYR A 49 8.25 -16.04 37.90
N ARG A 50 7.50 -14.98 38.22
CA ARG A 50 8.06 -13.66 38.42
C ARG A 50 9.00 -13.66 39.64
N MET A 51 8.61 -14.39 40.68
CA MET A 51 9.40 -14.52 41.91
C MET A 51 10.69 -15.30 41.58
N GLN A 52 10.53 -16.43 40.91
CA GLN A 52 11.66 -17.31 40.61
C GLN A 52 12.64 -16.73 39.60
N GLN A 53 12.16 -15.86 38.73
CA GLN A 53 13.05 -15.09 37.86
C GLN A 53 13.97 -14.15 38.67
N ASN A 54 13.45 -13.68 39.80
CA ASN A 54 14.21 -12.77 40.70
C ASN A 54 15.05 -13.48 41.76
N GLN A 55 15.10 -14.82 41.65
CA GLN A 55 15.96 -15.67 42.47
C GLN A 55 16.92 -16.43 41.55
N PHE A 58 17.81 -19.69 37.98
CA PHE A 58 16.53 -20.00 37.33
C PHE A 58 16.70 -20.76 36.01
N ASP A 59 15.88 -21.80 35.82
CA ASP A 59 15.94 -22.63 34.62
C ASP A 59 14.52 -22.77 34.06
N LEU A 60 14.26 -22.13 32.91
N LEU A 60 14.27 -22.14 32.91
CA LEU A 60 12.91 -22.10 32.33
CA LEU A 60 12.92 -22.08 32.33
C LEU A 60 12.36 -23.49 32.03
C LEU A 60 12.36 -23.47 31.99
N ARG A 61 13.15 -24.29 31.32
CA ARG A 61 12.76 -25.68 31.02
C ARG A 61 12.35 -26.47 32.29
N HIS A 62 13.11 -26.29 33.36
CA HIS A 62 12.83 -27.03 34.59
C HIS A 62 11.56 -26.45 35.21
N PHE A 63 11.43 -25.13 35.18
CA PHE A 63 10.21 -24.50 35.69
C PHE A 63 8.98 -25.05 34.96
N VAL A 64 9.08 -25.16 33.62
CA VAL A 64 7.96 -25.70 32.84
CA VAL A 64 7.99 -25.72 32.81
C VAL A 64 7.68 -27.17 33.17
N ASN A 65 8.72 -27.97 33.31
CA ASN A 65 8.59 -29.37 33.71
C ASN A 65 7.82 -29.55 35.04
N VAL A 66 8.13 -28.72 36.03
CA VAL A 66 7.44 -28.77 37.33
C VAL A 66 5.96 -28.33 37.25
N ASN A 67 5.67 -27.32 36.43
CA ASN A 67 4.37 -26.66 36.49
C ASN A 67 3.37 -27.07 35.41
N PHE A 68 3.80 -27.83 34.43
CA PHE A 68 2.93 -28.23 33.31
C PHE A 68 3.04 -29.70 32.97
N THR A 69 1.94 -30.28 32.48
CA THR A 69 2.01 -31.59 31.86
C THR A 69 1.91 -31.38 30.34
N LEU A 70 2.91 -31.87 29.62
CA LEU A 70 3.04 -31.66 28.16
C LEU A 70 2.43 -32.82 27.40
N PRO A 71 1.98 -32.59 26.14
CA PRO A 71 1.35 -33.71 25.39
C PRO A 71 2.33 -34.85 25.21
N LYS A 72 1.82 -36.08 25.15
CA LYS A 72 2.66 -37.26 24.95
C LYS A 72 3.14 -37.37 23.50
N TYR A 77 1.77 -45.97 16.11
CA TYR A 77 0.98 -46.94 15.37
C TYR A 77 1.83 -47.87 14.51
N VAL A 78 1.51 -49.15 14.60
CA VAL A 78 2.02 -50.16 13.70
C VAL A 78 0.81 -50.86 13.09
N PRO A 79 0.58 -50.65 11.79
CA PRO A 79 -0.61 -51.22 11.16
C PRO A 79 -0.54 -52.75 11.09
N PRO A 80 -1.70 -53.43 11.11
CA PRO A 80 -1.70 -54.87 10.84
C PRO A 80 -1.06 -55.19 9.50
N GLU A 81 -0.61 -56.43 9.36
CA GLU A 81 0.01 -56.94 8.13
CA GLU A 81 0.02 -56.88 8.12
C GLU A 81 -0.96 -56.94 6.95
N GLY A 82 -0.49 -56.47 5.79
CA GLY A 82 -1.15 -56.74 4.51
C GLY A 82 -2.56 -56.21 4.25
N GLN A 83 -2.91 -55.08 4.85
CA GLN A 83 -4.21 -54.43 4.64
CA GLN A 83 -4.22 -54.52 4.59
C GLN A 83 -4.30 -53.81 3.25
N SER A 84 -5.46 -53.93 2.61
CA SER A 84 -5.77 -53.13 1.42
C SER A 84 -5.96 -51.68 1.92
N LEU A 85 -6.04 -50.74 0.98
CA LEU A 85 -6.27 -49.32 1.28
C LEU A 85 -7.55 -49.14 2.10
N ARG A 86 -8.64 -49.78 1.65
CA ARG A 86 -9.92 -49.68 2.31
C ARG A 86 -9.85 -50.25 3.71
N GLU A 87 -9.23 -51.43 3.88
CA GLU A 87 -9.10 -52.05 5.20
C GLU A 87 -8.29 -51.17 6.15
N HIS A 88 -7.22 -50.56 5.64
CA HIS A 88 -6.35 -49.72 6.48
C HIS A 88 -7.15 -48.55 7.02
N ILE A 89 -7.88 -47.89 6.13
CA ILE A 89 -8.74 -46.79 6.52
C ILE A 89 -9.78 -47.26 7.54
N ASP A 90 -10.52 -48.31 7.23
CA ASP A 90 -11.60 -48.75 8.15
C ASP A 90 -11.05 -49.14 9.52
N GLY A 91 -9.87 -49.75 9.53
CA GLY A 91 -9.20 -50.15 10.77
C GLY A 91 -8.69 -49.00 11.61
N LEU A 92 -8.50 -47.84 10.98
CA LEU A 92 -7.91 -46.70 11.71
C LEU A 92 -8.90 -45.85 12.51
N TRP A 93 -10.20 -46.01 12.28
CA TRP A 93 -11.16 -45.14 12.98
C TRP A 93 -10.96 -45.13 14.51
N PRO A 94 -10.78 -46.32 15.15
CA PRO A 94 -10.61 -46.28 16.62
C PRO A 94 -9.35 -45.55 17.09
N VAL A 95 -8.26 -45.74 16.37
CA VAL A 95 -7.00 -45.10 16.60
C VAL A 95 -7.13 -43.57 16.58
N LEU A 96 -7.98 -43.04 15.70
CA LEU A 96 -8.16 -41.59 15.56
C LEU A 96 -9.29 -41.02 16.44
N THR A 97 -9.92 -41.89 17.23
CA THR A 97 -11.03 -41.48 18.08
C THR A 97 -10.55 -41.08 19.47
N ARG A 98 -11.10 -39.98 19.97
CA ARG A 98 -10.87 -39.51 21.33
C ARG A 98 -12.19 -39.31 22.05
N SER A 99 -12.14 -39.34 23.38
CA SER A 99 -13.35 -39.27 24.21
C SER A 99 -12.94 -38.40 25.35
N THR A 100 -13.36 -37.13 25.32
CA THR A 100 -12.97 -36.13 26.33
CA THR A 100 -12.98 -36.21 26.39
C THR A 100 -14.17 -35.36 26.92
N GLU A 101 -14.99 -36.07 27.72
CA GLU A 101 -16.20 -35.51 28.33
C GLU A 101 -15.88 -34.55 29.46
N ASN A 102 -14.72 -34.77 30.08
CA ASN A 102 -14.22 -33.95 31.18
C ASN A 102 -12.77 -33.67 30.85
N THR A 103 -12.35 -32.45 31.13
CA THR A 103 -10.96 -32.09 30.96
C THR A 103 -10.49 -31.51 32.28
N GLU A 104 -9.19 -31.53 32.52
CA GLU A 104 -8.63 -30.81 33.63
C GLU A 104 -9.01 -29.34 33.63
N LYS A 105 -8.98 -28.77 34.83
CA LYS A 105 -8.98 -27.33 34.96
C LYS A 105 -7.75 -26.78 34.21
N TRP A 106 -7.97 -25.67 33.53
CA TRP A 106 -6.88 -24.93 32.86
C TRP A 106 -6.35 -25.58 31.57
N ASP A 107 -6.94 -26.71 31.19
CA ASP A 107 -6.57 -27.39 29.96
C ASP A 107 -7.11 -26.57 28.79
N SER A 108 -6.30 -26.43 27.74
CA SER A 108 -6.76 -25.75 26.55
C SER A 108 -7.73 -26.65 25.82
N LEU A 109 -7.68 -27.96 26.08
CA LEU A 109 -8.66 -28.87 25.47
C LEU A 109 -10.06 -28.64 26.06
N LEU A 110 -11.05 -28.43 25.20
CA LEU A 110 -12.40 -28.09 25.68
C LEU A 110 -13.26 -29.33 25.66
N PRO A 111 -14.00 -29.58 26.76
CA PRO A 111 -14.78 -30.83 26.82
C PRO A 111 -15.88 -30.93 25.76
N LEU A 112 -16.16 -32.16 25.37
CA LEU A 112 -17.23 -32.50 24.46
C LEU A 112 -17.97 -33.71 25.04
N PRO A 113 -19.30 -33.78 24.85
CA PRO A 113 -20.12 -34.84 25.52
C PRO A 113 -19.94 -36.24 24.92
N GLU A 114 -19.43 -36.32 23.69
CA GLU A 114 -19.33 -37.58 22.95
C GLU A 114 -17.93 -37.82 22.37
N PRO A 115 -17.60 -39.09 22.07
CA PRO A 115 -16.41 -39.46 21.31
C PRO A 115 -16.31 -38.70 19.98
N TYR A 116 -15.08 -38.45 19.52
CA TYR A 116 -14.90 -37.78 18.23
C TYR A 116 -13.64 -38.26 17.52
N VAL A 117 -13.67 -38.19 16.19
CA VAL A 117 -12.50 -38.55 15.40
C VAL A 117 -11.68 -37.27 15.15
N VAL A 118 -10.37 -37.36 15.38
CA VAL A 118 -9.47 -36.23 15.10
C VAL A 118 -8.67 -36.49 13.82
N PRO A 119 -8.03 -35.44 13.27
CA PRO A 119 -7.39 -35.65 11.97
C PRO A 119 -6.20 -36.62 12.05
N GLY A 120 -5.39 -36.49 13.10
CA GLY A 120 -4.20 -37.32 13.25
C GLY A 120 -3.00 -36.48 13.64
N GLY A 121 -1.95 -37.14 14.13
CA GLY A 121 -0.69 -36.46 14.47
C GLY A 121 -0.84 -35.32 15.48
N ARG A 122 -0.26 -34.17 15.18
CA ARG A 122 -0.31 -33.02 16.08
C ARG A 122 -1.73 -32.49 16.24
N PHE A 123 -2.66 -32.97 15.41
CA PHE A 123 -4.06 -32.47 15.46
C PHE A 123 -4.85 -33.35 16.40
N ARG A 124 -4.74 -33.00 17.68
CA ARG A 124 -5.17 -33.80 18.82
C ARG A 124 -6.46 -33.22 19.37
N GLU A 125 -7.32 -32.78 18.45
CA GLU A 125 -8.59 -32.17 18.82
C GLU A 125 -9.46 -32.29 17.57
N VAL A 126 -10.77 -32.12 17.76
CA VAL A 126 -11.68 -32.17 16.61
C VAL A 126 -11.56 -30.86 15.81
N TYR A 127 -11.69 -30.95 14.48
CA TYR A 127 -11.60 -29.79 13.59
C TYR A 127 -12.93 -29.66 12.90
N TYR A 128 -13.37 -28.42 12.66
CA TYR A 128 -14.70 -28.19 12.12
C TYR A 128 -14.84 -28.72 10.70
N TRP A 129 -14.19 -28.11 9.69
CA TRP A 129 -14.51 -28.60 8.36
C TRP A 129 -13.96 -29.99 8.03
N ASP A 130 -12.82 -30.35 8.63
CA ASP A 130 -12.26 -31.71 8.46
C ASP A 130 -13.33 -32.72 8.84
N SER A 131 -14.07 -32.38 9.89
CA SER A 131 -15.01 -33.35 10.43
C SER A 131 -16.08 -33.77 9.44
N TYR A 132 -16.49 -32.86 8.55
CA TYR A 132 -17.50 -33.26 7.58
C TYR A 132 -17.01 -34.40 6.67
N PHE A 133 -15.81 -34.23 6.12
CA PHE A 133 -15.24 -35.19 5.20
C PHE A 133 -14.92 -36.50 5.94
N THR A 134 -14.46 -36.37 7.17
CA THR A 134 -14.22 -37.52 8.04
C THR A 134 -15.54 -38.26 8.27
N MET A 135 -16.61 -37.51 8.54
CA MET A 135 -17.92 -38.11 8.84
C MET A 135 -18.51 -38.80 7.60
N LEU A 136 -18.20 -38.31 6.39
CA LEU A 136 -18.56 -39.04 5.15
C LEU A 136 -17.97 -40.45 5.12
N GLY A 137 -16.72 -40.57 5.57
CA GLY A 137 -16.01 -41.83 5.65
C GLY A 137 -16.59 -42.76 6.72
N LEU A 138 -16.92 -42.18 7.87
CA LEU A 138 -17.53 -42.90 8.99
C LEU A 138 -18.88 -43.43 8.57
N ALA A 139 -19.70 -42.56 7.96
CA ALA A 139 -21.00 -42.96 7.43
C ALA A 139 -20.87 -44.07 6.36
N GLU A 140 -20.00 -43.87 5.38
CA GLU A 140 -19.74 -44.87 4.32
C GLU A 140 -19.41 -46.27 4.87
N SER A 141 -18.63 -46.31 5.93
CA SER A 141 -18.13 -47.59 6.43
C SER A 141 -18.97 -48.09 7.61
N GLY A 142 -20.17 -47.54 7.78
CA GLY A 142 -21.18 -48.07 8.73
C GLY A 142 -21.18 -47.51 10.14
N HIS A 143 -20.35 -46.52 10.43
CA HIS A 143 -20.20 -46.01 11.78
C HIS A 143 -21.09 -44.81 12.04
N TRP A 144 -22.39 -45.03 11.90
CA TRP A 144 -23.35 -43.97 12.11
C TRP A 144 -23.40 -43.45 13.55
N ASP A 145 -23.14 -44.31 14.54
CA ASP A 145 -23.07 -43.90 15.93
C ASP A 145 -22.05 -42.76 16.15
N LYS A 146 -20.86 -42.89 15.53
CA LYS A 146 -19.82 -41.84 15.59
CA LYS A 146 -19.81 -41.86 15.58
C LYS A 146 -20.29 -40.58 14.86
N VAL A 147 -20.97 -40.76 13.74
CA VAL A 147 -21.51 -39.61 13.00
C VAL A 147 -22.48 -38.84 13.94
N ALA A 148 -23.42 -39.55 14.57
CA ALA A 148 -24.37 -38.90 15.49
C ALA A 148 -23.67 -38.24 16.70
N ASP A 149 -22.65 -38.91 17.22
CA ASP A 149 -21.79 -38.37 18.29
C ASP A 149 -21.21 -36.99 17.89
N MET A 150 -20.61 -36.94 16.70
CA MET A 150 -19.95 -35.71 16.26
CA MET A 150 -19.96 -35.73 16.16
C MET A 150 -20.95 -34.60 15.93
N VAL A 151 -22.10 -34.91 15.30
CA VAL A 151 -23.17 -33.90 15.19
C VAL A 151 -23.57 -33.35 16.56
N ALA A 152 -23.81 -34.23 17.54
CA ALA A 152 -24.15 -33.79 18.91
C ALA A 152 -23.10 -32.89 19.53
N ASN A 153 -21.84 -33.26 19.33
CA ASN A 153 -20.73 -32.45 19.85
C ASN A 153 -20.74 -31.03 19.27
N PHE A 154 -20.89 -30.92 17.96
CA PHE A 154 -20.94 -29.59 17.36
C PHE A 154 -22.18 -28.79 17.78
N ALA A 155 -23.32 -29.47 17.91
CA ALA A 155 -24.55 -28.78 18.41
C ALA A 155 -24.31 -28.26 19.82
N HIS A 156 -23.60 -29.05 20.61
CA HIS A 156 -23.25 -28.65 21.96
C HIS A 156 -22.35 -27.42 21.98
N GLU A 157 -21.38 -27.35 21.07
CA GLU A 157 -20.50 -26.19 21.00
C GLU A 157 -21.27 -24.95 20.62
N ILE A 158 -22.20 -25.07 19.66
CA ILE A 158 -23.08 -23.92 19.29
C ILE A 158 -23.89 -23.46 20.49
N ASP A 159 -24.42 -24.43 21.24
CA ASP A 159 -25.20 -24.19 22.46
CA ASP A 159 -25.24 -24.11 22.40
C ASP A 159 -24.39 -23.45 23.51
N THR A 160 -23.13 -23.86 23.67
CA THR A 160 -22.28 -23.41 24.76
CA THR A 160 -22.33 -23.36 24.78
C THR A 160 -21.48 -22.15 24.41
N TYR A 161 -20.99 -22.09 23.17
CA TYR A 161 -20.09 -20.98 22.75
C TYR A 161 -20.73 -19.99 21.80
N GLY A 162 -21.83 -20.40 21.16
CA GLY A 162 -22.50 -19.55 20.19
C GLY A 162 -22.10 -19.83 18.75
N HIS A 163 -21.09 -20.68 18.55
CA HIS A 163 -20.62 -21.05 17.22
C HIS A 163 -19.77 -22.29 17.37
N ILE A 164 -19.38 -22.87 16.24
CA ILE A 164 -18.46 -23.95 16.27
C ILE A 164 -17.03 -23.42 16.10
N PRO A 165 -16.18 -23.61 17.13
CA PRO A 165 -14.83 -23.08 17.00
C PRO A 165 -14.03 -23.90 15.97
N ASN A 166 -12.93 -23.32 15.48
CA ASN A 166 -11.99 -23.98 14.56
C ASN A 166 -11.73 -25.44 15.03
N GLY A 167 -11.57 -25.60 16.34
CA GLY A 167 -11.48 -26.96 16.94
C GLY A 167 -11.78 -26.80 18.41
N ASN A 168 -11.84 -27.90 19.17
CA ASN A 168 -12.14 -27.77 20.61
C ASN A 168 -10.93 -27.39 21.47
N ARG A 169 -10.37 -26.20 21.21
CA ARG A 169 -9.23 -25.69 21.96
C ARG A 169 -9.56 -24.26 22.35
N SER A 170 -9.17 -23.86 23.54
CA SER A 170 -9.39 -22.50 23.98
C SER A 170 -8.85 -21.47 22.97
N TYR A 171 -7.70 -21.78 22.38
CA TYR A 171 -7.05 -20.86 21.41
C TYR A 171 -7.72 -20.82 20.04
N TYR A 172 -8.70 -21.70 19.82
CA TYR A 172 -9.52 -21.67 18.61
C TYR A 172 -10.89 -21.05 18.80
N LEU A 173 -11.22 -20.61 20.03
CA LEU A 173 -12.57 -20.14 20.34
C LEU A 173 -12.94 -18.84 19.64
N SER A 174 -11.93 -18.04 19.33
CA SER A 174 -12.12 -16.73 18.74
C SER A 174 -12.55 -16.79 17.24
N ARG A 175 -12.60 -17.99 16.67
CA ARG A 175 -12.93 -18.10 15.25
C ARG A 175 -13.72 -19.36 14.99
N SER A 176 -14.33 -19.48 13.81
CA SER A 176 -14.96 -20.72 13.39
C SER A 176 -14.10 -21.36 12.27
N GLN A 177 -14.74 -21.88 11.22
CA GLN A 177 -14.05 -22.48 10.09
C GLN A 177 -15.09 -22.59 8.98
N PRO A 178 -14.72 -23.10 7.80
CA PRO A 178 -15.71 -23.21 6.72
C PRO A 178 -16.93 -23.99 7.20
N PRO A 179 -18.12 -23.38 7.10
CA PRO A 179 -19.30 -23.90 7.79
C PRO A 179 -19.93 -25.13 7.11
N PHE A 180 -19.73 -26.29 7.73
CA PHE A 180 -20.27 -27.55 7.24
C PHE A 180 -21.30 -28.20 8.16
N PHE A 181 -21.62 -27.57 9.29
CA PHE A 181 -22.58 -28.17 10.24
C PHE A 181 -23.92 -28.50 9.63
N ALA A 182 -24.49 -27.56 8.89
CA ALA A 182 -25.78 -27.82 8.23
C ALA A 182 -25.70 -29.04 7.30
N LEU A 183 -24.57 -29.18 6.60
CA LEU A 183 -24.30 -30.34 5.74
C LEU A 183 -24.10 -31.65 6.55
N MET A 184 -23.54 -31.53 7.75
CA MET A 184 -23.43 -32.69 8.66
C MET A 184 -24.85 -33.15 9.07
N VAL A 185 -25.73 -32.19 9.33
CA VAL A 185 -27.11 -32.51 9.74
C VAL A 185 -27.81 -33.23 8.57
N GLU A 186 -27.63 -32.70 7.35
CA GLU A 186 -28.15 -33.38 6.14
C GLU A 186 -27.58 -34.77 5.92
N LEU A 187 -26.31 -34.95 6.27
CA LEU A 187 -25.70 -36.29 6.25
C LEU A 187 -26.42 -37.27 7.19
N LEU A 188 -26.68 -36.86 8.44
CA LEU A 188 -27.43 -37.70 9.40
C LEU A 188 -28.85 -37.99 8.90
N ALA A 189 -29.46 -36.98 8.28
CA ALA A 189 -30.80 -37.05 7.69
C ALA A 189 -30.86 -38.09 6.58
N GLN A 190 -29.73 -38.35 5.90
CA GLN A 190 -29.68 -39.41 4.90
C GLN A 190 -29.93 -40.77 5.53
N HIS A 191 -29.49 -40.96 6.76
CA HIS A 191 -29.73 -42.21 7.48
C HIS A 191 -31.05 -42.20 8.27
N GLU A 192 -31.36 -41.09 8.91
CA GLU A 192 -32.50 -40.98 9.84
C GLU A 192 -33.80 -40.45 9.26
N GLY A 193 -33.73 -39.88 8.06
CA GLY A 193 -34.82 -39.07 7.54
C GLY A 193 -34.82 -37.69 8.20
N ASP A 194 -35.91 -36.98 8.01
CA ASP A 194 -35.96 -35.56 8.36
CA ASP A 194 -36.02 -35.56 8.37
C ASP A 194 -35.97 -35.28 9.88
N ALA A 195 -36.05 -36.34 10.69
CA ALA A 195 -35.86 -36.22 12.16
C ALA A 195 -34.62 -35.39 12.51
N ALA A 196 -33.54 -35.61 11.75
CA ALA A 196 -32.27 -34.93 11.98
C ALA A 196 -32.41 -33.44 11.73
N LEU A 197 -33.15 -33.05 10.69
CA LEU A 197 -33.38 -31.62 10.40
C LEU A 197 -34.18 -30.96 11.51
N LYS A 198 -35.24 -31.64 11.97
CA LYS A 198 -36.14 -31.05 12.98
C LYS A 198 -35.39 -30.83 14.28
N GLN A 199 -34.64 -31.85 14.65
CA GLN A 199 -33.89 -31.87 15.86
C GLN A 199 -32.83 -30.77 15.99
N TYR A 200 -32.08 -30.56 14.91
CA TYR A 200 -30.94 -29.61 14.95
C TYR A 200 -31.24 -28.29 14.26
N LEU A 201 -32.51 -28.08 13.93
CA LEU A 201 -32.91 -26.76 13.40
C LEU A 201 -32.53 -25.58 14.31
N PRO A 202 -32.77 -25.69 15.63
CA PRO A 202 -32.43 -24.53 16.50
C PRO A 202 -30.92 -24.22 16.47
N GLN A 203 -30.09 -25.27 16.48
CA GLN A 203 -28.64 -25.07 16.44
C GLN A 203 -28.19 -24.57 15.06
N MET A 204 -28.79 -25.05 13.98
CA MET A 204 -28.48 -24.56 12.63
C MET A 204 -28.86 -23.09 12.50
N GLN A 205 -29.98 -22.71 13.11
CA GLN A 205 -30.39 -21.31 13.20
C GLN A 205 -29.41 -20.47 14.02
N LYS A 206 -28.94 -21.03 15.12
CA LYS A 206 -28.01 -20.28 15.99
C LYS A 206 -26.68 -20.03 15.28
N GLU A 207 -26.22 -21.03 14.53
CA GLU A 207 -25.03 -20.86 13.70
C GLU A 207 -25.19 -19.80 12.63
N TYR A 208 -26.35 -19.77 11.97
CA TYR A 208 -26.59 -18.73 10.97
C TYR A 208 -26.53 -17.34 11.60
N ALA A 209 -27.07 -17.21 12.81
CA ALA A 209 -27.07 -15.96 13.58
C ALA A 209 -25.65 -15.51 13.90
N TYR A 210 -24.77 -16.47 14.23
CA TYR A 210 -23.32 -16.20 14.37
C TYR A 210 -22.69 -15.61 13.12
N TRP A 211 -22.86 -16.30 11.98
CA TRP A 211 -22.29 -15.80 10.71
C TRP A 211 -22.86 -14.44 10.32
N MET A 212 -24.17 -14.27 10.54
CA MET A 212 -24.87 -13.02 10.18
C MET A 212 -24.89 -11.97 11.28
N ASP A 213 -24.19 -12.21 12.40
CA ASP A 213 -24.29 -11.29 13.54
C ASP A 213 -24.01 -9.82 13.19
N GLY A 214 -24.95 -8.94 13.54
CA GLY A 214 -24.84 -7.52 13.29
C GLY A 214 -25.46 -7.04 11.99
N VAL A 215 -25.90 -7.99 11.17
CA VAL A 215 -26.40 -7.67 9.83
C VAL A 215 -27.55 -6.66 9.81
N GLU A 216 -28.45 -6.73 10.78
CA GLU A 216 -29.64 -5.84 10.81
C GLU A 216 -29.29 -4.35 10.83
N ASN A 217 -28.13 -4.02 11.40
CA ASN A 217 -27.72 -2.63 11.59
C ASN A 217 -26.56 -2.16 10.70
N LEU A 218 -26.08 -3.06 9.84
CA LEU A 218 -24.94 -2.78 8.96
C LEU A 218 -25.33 -1.90 7.77
N GLN A 219 -24.60 -0.78 7.61
CA GLN A 219 -24.88 0.14 6.50
CA GLN A 219 -24.80 0.20 6.53
C GLN A 219 -24.13 -0.28 5.25
N ALA A 220 -24.70 0.09 4.09
CA ALA A 220 -24.11 -0.25 2.80
C ALA A 220 -22.71 0.30 2.68
N GLY A 221 -21.80 -0.51 2.15
CA GLY A 221 -20.41 -0.10 1.96
C GLY A 221 -19.57 -0.34 3.19
N GLN A 222 -20.11 -1.07 4.17
CA GLN A 222 -19.38 -1.33 5.41
C GLN A 222 -19.33 -2.81 5.72
N GLN A 223 -18.42 -3.17 6.61
CA GLN A 223 -18.27 -4.56 7.05
C GLN A 223 -18.24 -4.56 8.57
N GLU A 224 -18.64 -5.69 9.15
CA GLU A 224 -18.45 -5.91 10.56
C GLU A 224 -18.40 -7.40 10.84
N LYS A 225 -17.45 -7.81 11.67
CA LYS A 225 -17.26 -9.21 11.97
C LYS A 225 -17.29 -10.03 10.68
N ARG A 226 -18.21 -11.00 10.58
CA ARG A 226 -18.23 -11.93 9.45
C ARG A 226 -19.16 -11.51 8.31
N VAL A 227 -19.68 -10.27 8.37
CA VAL A 227 -20.65 -9.82 7.34
C VAL A 227 -20.12 -8.62 6.55
N VAL A 228 -20.43 -8.60 5.25
CA VAL A 228 -20.13 -7.44 4.43
C VAL A 228 -21.41 -7.04 3.70
N LYS A 229 -21.61 -5.73 3.55
CA LYS A 229 -22.74 -5.20 2.80
C LYS A 229 -22.18 -4.25 1.77
N LEU A 230 -22.33 -4.60 0.51
CA LEU A 230 -21.74 -3.86 -0.60
C LEU A 230 -22.58 -2.60 -0.81
N GLN A 231 -22.13 -1.73 -1.70
CA GLN A 231 -22.84 -0.45 -1.93
C GLN A 231 -24.30 -0.65 -2.32
N ASP A 232 -24.57 -1.64 -3.16
CA ASP A 232 -25.96 -1.82 -3.59
C ASP A 232 -26.82 -2.57 -2.59
N GLY A 233 -26.29 -2.79 -1.39
CA GLY A 233 -27.03 -3.52 -0.36
C GLY A 233 -26.79 -5.02 -0.32
N THR A 234 -25.98 -5.53 -1.25
CA THR A 234 -25.74 -6.98 -1.34
C THR A 234 -25.09 -7.52 -0.07
N LEU A 235 -25.65 -8.61 0.48
CA LEU A 235 -25.12 -9.17 1.73
C LEU A 235 -24.29 -10.44 1.51
N LEU A 236 -23.02 -10.38 1.91
CA LEU A 236 -22.15 -11.54 1.79
C LEU A 236 -21.36 -11.72 3.08
N ASN A 237 -20.67 -12.85 3.19
CA ASN A 237 -19.91 -13.10 4.41
C ASN A 237 -18.43 -13.16 4.11
N ARG A 238 -17.64 -12.98 5.15
CA ARG A 238 -16.18 -13.11 5.07
C ARG A 238 -15.69 -13.89 6.28
N TYR A 239 -14.42 -14.29 6.25
CA TYR A 239 -13.79 -14.94 7.41
C TYR A 239 -13.26 -13.91 8.36
N TRP A 240 -13.35 -14.20 9.65
CA TRP A 240 -13.05 -13.23 10.69
C TRP A 240 -12.63 -13.97 11.95
N ASP A 241 -11.72 -13.39 12.70
CA ASP A 241 -11.37 -13.90 14.02
C ASP A 241 -11.55 -12.73 14.99
N ASP A 242 -12.16 -12.98 16.14
CA ASP A 242 -12.45 -11.92 17.13
CA ASP A 242 -12.44 -11.87 17.08
C ASP A 242 -11.22 -11.33 17.83
N ARG A 243 -10.07 -11.99 17.71
CA ARG A 243 -8.85 -11.50 18.37
C ARG A 243 -7.83 -10.94 17.38
N ASP A 244 -6.85 -10.21 17.90
CA ASP A 244 -5.92 -9.49 17.03
C ASP A 244 -4.46 -9.64 17.46
N THR A 245 -4.11 -10.83 17.95
CA THR A 245 -2.81 -11.16 18.53
C THR A 245 -2.24 -12.38 17.81
N PRO A 246 -0.96 -12.74 18.06
CA PRO A 246 -0.39 -13.92 17.46
C PRO A 246 -1.18 -15.14 17.87
N ARG A 247 -1.23 -16.17 17.02
CA ARG A 247 -1.91 -17.40 17.38
C ARG A 247 -1.03 -18.16 18.38
N PRO A 248 -1.59 -18.52 19.56
CA PRO A 248 -0.80 -19.33 20.52
C PRO A 248 -0.09 -20.53 19.89
N GLU A 249 -0.76 -21.19 18.96
CA GLU A 249 -0.24 -22.41 18.38
C GLU A 249 0.79 -22.13 17.28
N SER A 250 0.97 -20.85 16.91
CA SER A 250 1.95 -20.46 15.87
C SER A 250 2.64 -19.17 16.27
N TRP A 251 2.93 -19.06 17.56
CA TRP A 251 3.28 -17.83 18.24
C TRP A 251 4.49 -17.11 17.61
N VAL A 252 5.63 -17.78 17.61
CA VAL A 252 6.84 -17.16 17.08
C VAL A 252 6.78 -16.86 15.59
N GLU A 253 6.10 -17.73 14.82
CA GLU A 253 5.91 -17.51 13.37
C GLU A 253 5.11 -16.24 13.09
N ASP A 254 3.98 -16.07 13.78
CA ASP A 254 3.15 -14.91 13.61
C ASP A 254 3.84 -13.61 14.05
N ILE A 255 4.58 -13.64 15.15
CA ILE A 255 5.30 -12.43 15.61
C ILE A 255 6.35 -12.01 14.58
N ALA A 256 7.08 -12.99 14.05
CA ALA A 256 8.07 -12.74 12.96
C ALA A 256 7.39 -12.09 11.75
N THR A 257 6.23 -12.62 11.36
CA THR A 257 5.46 -12.07 10.25
C THR A 257 5.14 -10.59 10.46
N ALA A 258 4.54 -10.25 11.60
CA ALA A 258 4.21 -8.86 11.90
C ALA A 258 5.48 -8.02 11.98
N LYS A 259 6.51 -8.55 12.64
CA LYS A 259 7.78 -7.83 12.81
C LYS A 259 8.44 -7.43 11.49
N SER A 260 8.16 -8.19 10.45
CA SER A 260 8.72 -7.97 9.11
C SER A 260 8.14 -6.78 8.37
N ASN A 261 6.97 -6.29 8.80
CA ASN A 261 6.47 -4.98 8.35
C ASN A 261 5.97 -4.09 9.47
N PRO A 262 6.92 -3.43 10.15
CA PRO A 262 6.64 -2.61 11.31
C PRO A 262 5.84 -1.37 10.96
N ASN A 263 5.71 -1.05 9.68
CA ASN A 263 4.89 0.09 9.21
C ASN A 263 3.40 -0.21 9.05
N ARG A 264 3.03 -1.49 9.18
CA ARG A 264 1.61 -1.84 9.18
C ARG A 264 1.28 -2.23 10.59
N PRO A 265 0.17 -1.70 11.15
CA PRO A 265 -0.19 -2.11 12.51
C PRO A 265 -0.22 -3.64 12.67
N ALA A 266 0.53 -4.12 13.66
CA ALA A 266 0.64 -5.57 13.90
C ALA A 266 -0.72 -6.24 14.13
N THR A 267 -1.66 -5.51 14.73
CA THR A 267 -3.02 -6.03 15.01
C THR A 267 -3.77 -6.37 13.72
N GLU A 268 -3.57 -5.57 12.68
CA GLU A 268 -4.14 -5.92 11.36
C GLU A 268 -3.55 -7.19 10.78
N ILE A 269 -2.24 -7.34 10.85
CA ILE A 269 -1.58 -8.54 10.37
C ILE A 269 -2.05 -9.78 11.17
N TYR A 270 -2.07 -9.68 12.50
CA TYR A 270 -2.57 -10.79 13.33
C TYR A 270 -4.02 -11.15 13.01
N ARG A 271 -4.88 -10.13 12.89
CA ARG A 271 -6.29 -10.40 12.51
C ARG A 271 -6.37 -11.18 11.18
N ASP A 272 -5.56 -10.77 10.21
CA ASP A 272 -5.57 -11.41 8.89
C ASP A 272 -4.96 -12.81 8.90
N LEU A 273 -3.95 -13.03 9.74
CA LEU A 273 -3.41 -14.36 9.87
C LEU A 273 -4.44 -15.32 10.48
N ARG A 274 -5.03 -14.88 11.59
CA ARG A 274 -6.07 -15.64 12.26
C ARG A 274 -7.29 -15.88 11.34
N SER A 275 -7.70 -14.86 10.60
CA SER A 275 -8.83 -15.01 9.66
C SER A 275 -8.56 -15.94 8.49
N ALA A 276 -7.29 -16.02 8.03
CA ALA A 276 -6.90 -17.06 7.05
C ALA A 276 -6.97 -18.45 7.69
N ALA A 277 -6.63 -18.56 8.98
CA ALA A 277 -6.81 -19.86 9.61
C ALA A 277 -8.33 -20.19 9.75
N ALA A 278 -9.18 -19.16 9.94
CA ALA A 278 -10.64 -19.38 9.97
C ALA A 278 -11.13 -19.91 8.62
N SER A 279 -10.47 -19.49 7.53
CA SER A 279 -10.89 -19.90 6.16
C SER A 279 -10.49 -21.33 5.84
N GLY A 280 -9.63 -21.90 6.68
CA GLY A 280 -9.05 -23.23 6.43
C GLY A 280 -7.80 -23.18 5.56
N TRP A 281 -7.68 -22.13 4.77
CA TRP A 281 -6.57 -21.99 3.82
C TRP A 281 -5.44 -21.13 4.40
N ASP A 282 -4.88 -21.56 5.54
CA ASP A 282 -3.70 -20.89 6.09
C ASP A 282 -2.45 -21.64 5.57
N PHE A 283 -1.68 -21.09 4.63
CA PHE A 283 -1.92 -19.81 3.94
C PHE A 283 -1.98 -19.98 2.42
N SER A 284 -2.32 -18.90 1.71
CA SER A 284 -2.57 -19.02 0.29
C SER A 284 -2.36 -17.69 -0.41
N SER A 285 -1.84 -17.77 -1.64
CA SER A 285 -1.73 -16.65 -2.60
C SER A 285 -3.05 -15.90 -2.68
N ARG A 286 -4.11 -16.69 -2.50
CA ARG A 286 -5.46 -16.20 -2.46
C ARG A 286 -5.68 -14.98 -1.56
N TRP A 287 -5.03 -14.91 -0.41
CA TRP A 287 -5.28 -13.81 0.53
C TRP A 287 -4.20 -12.69 0.46
N MET A 288 -3.20 -12.90 -0.38
CA MET A 288 -1.97 -12.12 -0.26
C MET A 288 -1.83 -11.20 -1.48
N ASP A 289 -1.35 -9.99 -1.27
CA ASP A 289 -1.12 -9.09 -2.41
C ASP A 289 0.02 -9.61 -3.25
N ASN A 290 1.03 -10.13 -2.56
CA ASN A 290 2.15 -10.83 -3.15
C ASN A 290 2.27 -12.23 -2.48
N PRO A 291 1.92 -13.28 -3.23
CA PRO A 291 2.01 -14.70 -2.77
C PRO A 291 3.38 -15.11 -2.24
N GLN A 292 4.43 -14.36 -2.58
CA GLN A 292 5.76 -14.65 -2.07
C GLN A 292 6.02 -14.03 -0.68
N GLN A 293 5.11 -13.17 -0.23
CA GLN A 293 5.33 -12.48 1.02
C GLN A 293 4.09 -12.47 1.93
N LEU A 294 4.18 -13.22 3.02
CA LEU A 294 3.05 -13.42 3.93
C LEU A 294 2.58 -12.15 4.66
N ASN A 295 3.50 -11.21 4.91
CA ASN A 295 3.12 -9.96 5.56
C ASN A 295 2.20 -9.08 4.70
N THR A 296 1.95 -9.47 3.44
CA THR A 296 1.02 -8.75 2.58
C THR A 296 -0.39 -9.35 2.63
N LEU A 297 -0.65 -10.35 3.48
CA LEU A 297 -2.01 -10.89 3.45
CA LEU A 297 -1.98 -10.94 3.70
C LEU A 297 -3.05 -9.88 3.97
N ARG A 298 -4.22 -9.96 3.37
CA ARG A 298 -5.31 -9.06 3.74
C ARG A 298 -6.65 -9.81 3.70
N THR A 299 -6.67 -10.93 4.41
CA THR A 299 -7.80 -11.86 4.41
C THR A 299 -9.20 -11.22 4.58
N THR A 300 -9.31 -10.31 5.53
CA THR A 300 -10.61 -9.75 5.92
C THR A 300 -11.13 -8.71 4.91
N SER A 301 -10.33 -8.36 3.91
CA SER A 301 -10.85 -7.48 2.85
C SER A 301 -11.25 -8.30 1.60
N ILE A 302 -11.29 -9.64 1.74
CA ILE A 302 -11.63 -10.50 0.60
CA ILE A 302 -11.61 -10.54 0.61
C ILE A 302 -12.91 -11.28 0.88
N VAL A 303 -13.87 -11.17 -0.04
CA VAL A 303 -15.14 -11.89 0.08
C VAL A 303 -15.00 -13.26 -0.57
N PRO A 304 -14.99 -14.35 0.25
CA PRO A 304 -14.62 -15.64 -0.35
C PRO A 304 -15.77 -16.36 -1.05
N VAL A 305 -15.50 -16.86 -2.24
CA VAL A 305 -16.52 -17.58 -3.01
C VAL A 305 -16.91 -18.93 -2.34
N ASP A 306 -15.96 -19.62 -1.72
CA ASP A 306 -16.28 -20.87 -1.03
C ASP A 306 -17.17 -20.62 0.18
N LEU A 307 -16.77 -19.69 1.05
CA LEU A 307 -17.62 -19.34 2.21
C LEU A 307 -19.06 -18.97 1.78
N ASN A 308 -19.18 -18.13 0.77
CA ASN A 308 -20.53 -17.72 0.41
C ASN A 308 -21.35 -18.81 -0.25
N SER A 309 -20.67 -19.73 -0.94
CA SER A 309 -21.34 -20.96 -1.40
C SER A 309 -21.86 -21.77 -0.23
N LEU A 310 -21.04 -21.95 0.81
CA LEU A 310 -21.50 -22.68 1.98
C LEU A 310 -22.65 -21.96 2.71
N MET A 311 -22.64 -20.63 2.68
CA MET A 311 -23.72 -19.87 3.34
C MET A 311 -25.02 -20.07 2.55
N PHE A 312 -24.90 -20.06 1.22
CA PHE A 312 -26.02 -20.43 0.35
C PHE A 312 -26.57 -21.80 0.75
N LYS A 313 -25.70 -22.79 0.86
CA LYS A 313 -26.18 -24.12 1.23
C LYS A 313 -26.85 -24.10 2.60
N MET A 314 -26.29 -23.35 3.54
CA MET A 314 -26.87 -23.26 4.90
C MET A 314 -28.30 -22.69 4.83
N GLU A 315 -28.48 -21.63 4.04
CA GLU A 315 -29.80 -21.01 3.85
C GLU A 315 -30.77 -22.02 3.24
N LYS A 316 -30.33 -22.75 2.22
CA LYS A 316 -31.12 -23.84 1.61
C LYS A 316 -31.53 -24.94 2.59
N ILE A 317 -30.59 -25.43 3.38
CA ILE A 317 -30.91 -26.44 4.41
C ILE A 317 -31.84 -25.90 5.50
N LEU A 318 -31.60 -24.65 5.92
CA LEU A 318 -32.48 -24.00 6.89
C LEU A 318 -33.94 -23.94 6.37
N ALA A 319 -34.09 -23.64 5.08
CA ALA A 319 -35.40 -23.64 4.42
C ALA A 319 -36.04 -25.06 4.50
N ARG A 320 -35.28 -26.07 4.12
CA ARG A 320 -35.71 -27.47 4.19
C ARG A 320 -36.09 -27.93 5.61
N ALA A 321 -35.24 -27.60 6.58
CA ALA A 321 -35.47 -27.92 7.98
C ALA A 321 -36.74 -27.21 8.51
N SER A 322 -36.88 -25.93 8.18
CA SER A 322 -38.05 -25.14 8.58
C SER A 322 -39.36 -25.80 8.08
N LYS A 323 -39.34 -26.25 6.84
CA LYS A 323 -40.46 -26.97 6.23
C LYS A 323 -40.72 -28.28 6.95
N ALA A 324 -39.65 -28.99 7.32
CA ALA A 324 -39.75 -30.23 8.08
C ALA A 324 -40.39 -30.03 9.46
N ALA A 325 -40.13 -28.88 10.07
CA ALA A 325 -40.69 -28.55 11.36
C ALA A 325 -42.13 -28.02 11.21
N GLY A 326 -42.59 -27.87 9.97
CA GLY A 326 -43.94 -27.37 9.69
C GLY A 326 -44.13 -25.87 9.56
N ASP A 327 -43.03 -25.13 9.39
CA ASP A 327 -43.14 -23.67 9.20
CA ASP A 327 -43.07 -23.66 9.24
C ASP A 327 -42.80 -23.25 7.79
N ASN A 328 -43.80 -23.31 6.92
CA ASN A 328 -43.60 -22.89 5.53
C ASN A 328 -43.29 -21.39 5.38
N ALA A 329 -43.88 -20.57 6.24
CA ALA A 329 -43.61 -19.13 6.24
C ALA A 329 -42.11 -18.90 6.48
N MET A 330 -41.56 -19.56 7.50
CA MET A 330 -40.12 -19.51 7.77
C MET A 330 -39.27 -20.16 6.66
N ALA A 331 -39.74 -21.27 6.12
CA ALA A 331 -39.08 -21.92 4.99
C ALA A 331 -38.93 -20.94 3.84
N ASN A 332 -40.04 -20.23 3.54
CA ASN A 332 -40.06 -19.24 2.47
C ASN A 332 -39.08 -18.09 2.74
N GLN A 333 -38.99 -17.67 4.00
CA GLN A 333 -38.04 -16.61 4.34
C GLN A 333 -36.61 -17.04 4.03
N TYR A 334 -36.23 -18.25 4.47
CA TYR A 334 -34.87 -18.76 4.19
C TYR A 334 -34.63 -18.92 2.71
N GLU A 335 -35.66 -19.32 1.98
CA GLU A 335 -35.59 -19.48 0.53
C GLU A 335 -35.30 -18.14 -0.14
N THR A 336 -35.97 -17.09 0.35
CA THR A 336 -35.76 -15.73 -0.16
C THR A 336 -34.31 -15.29 0.11
N LEU A 337 -33.83 -15.56 1.33
CA LEU A 337 -32.43 -15.25 1.63
C LEU A 337 -31.46 -16.00 0.73
N ALA A 338 -31.74 -17.27 0.49
CA ALA A 338 -30.89 -18.08 -0.39
C ALA A 338 -30.88 -17.51 -1.81
N ASN A 339 -32.07 -17.12 -2.31
CA ASN A 339 -32.17 -16.49 -3.63
C ASN A 339 -31.32 -15.23 -3.74
N ALA A 340 -31.34 -14.39 -2.70
CA ALA A 340 -30.51 -13.16 -2.68
C ALA A 340 -29.03 -13.52 -2.70
N ARG A 341 -28.68 -14.58 -1.99
CA ARG A 341 -27.27 -15.02 -1.90
C ARG A 341 -26.76 -15.53 -3.25
N GLN A 342 -27.62 -16.31 -3.91
CA GLN A 342 -27.34 -16.78 -5.26
C GLN A 342 -27.07 -15.61 -6.21
N LYS A 343 -27.95 -14.61 -6.19
CA LYS A 343 -27.73 -13.42 -7.00
C LYS A 343 -26.41 -12.71 -6.67
N GLY A 344 -26.12 -12.61 -5.38
CA GLY A 344 -24.86 -12.04 -4.93
C GLY A 344 -23.67 -12.83 -5.44
N ILE A 345 -23.76 -14.16 -5.42
CA ILE A 345 -22.66 -14.99 -5.93
C ILE A 345 -22.48 -14.79 -7.44
N GLU A 346 -23.58 -14.85 -8.20
CA GLU A 346 -23.50 -14.70 -9.67
C GLU A 346 -23.00 -13.32 -10.12
N LYS A 347 -23.24 -12.30 -9.31
CA LYS A 347 -22.83 -10.94 -9.67
C LYS A 347 -21.42 -10.55 -9.16
N TYR A 348 -21.10 -10.87 -7.90
CA TYR A 348 -19.85 -10.41 -7.27
C TYR A 348 -18.75 -11.47 -7.15
N LEU A 349 -19.09 -12.74 -7.38
CA LEU A 349 -18.13 -13.83 -7.18
C LEU A 349 -17.95 -14.66 -8.44
N TRP A 350 -18.36 -14.08 -9.57
CA TRP A 350 -18.07 -14.60 -10.89
C TRP A 350 -17.29 -13.57 -11.69
N ASN A 351 -16.20 -14.02 -12.31
CA ASN A 351 -15.34 -13.17 -13.11
C ASN A 351 -15.69 -13.44 -14.57
N ASP A 352 -16.36 -12.47 -15.22
CA ASP A 352 -16.80 -12.71 -16.60
CA ASP A 352 -16.80 -12.68 -16.60
C ASP A 352 -15.68 -12.49 -17.62
N GLN A 353 -14.67 -11.68 -17.28
CA GLN A 353 -13.50 -11.55 -18.14
C GLN A 353 -12.88 -12.94 -18.35
N GLN A 354 -12.58 -13.61 -17.22
CA GLN A 354 -11.90 -14.91 -17.22
C GLN A 354 -12.79 -16.11 -17.43
N GLY A 355 -14.09 -15.98 -17.12
CA GLY A 355 -15.00 -17.13 -17.20
C GLY A 355 -14.82 -18.14 -16.05
N TRP A 356 -14.71 -17.65 -14.83
CA TRP A 356 -14.72 -18.55 -13.67
C TRP A 356 -15.15 -17.84 -12.38
N TYR A 357 -15.63 -18.62 -11.42
CA TYR A 357 -15.93 -18.06 -10.09
C TYR A 357 -14.65 -17.63 -9.40
N ALA A 358 -14.74 -16.64 -8.52
CA ALA A 358 -13.54 -16.06 -7.93
C ALA A 358 -13.94 -15.27 -6.71
N ASP A 359 -12.96 -14.84 -5.91
CA ASP A 359 -13.30 -14.03 -4.74
C ASP A 359 -13.54 -12.57 -5.14
N TYR A 360 -14.21 -11.83 -4.28
CA TYR A 360 -14.43 -10.38 -4.49
C TYR A 360 -13.51 -9.58 -3.59
N ASP A 361 -12.84 -8.58 -4.17
CA ASP A 361 -11.89 -7.72 -3.47
C ASP A 361 -12.54 -6.41 -2.98
N LEU A 362 -12.62 -6.23 -1.66
CA LEU A 362 -13.27 -5.04 -1.08
C LEU A 362 -12.44 -3.77 -1.17
N LYS A 363 -11.16 -3.93 -1.49
CA LYS A 363 -10.23 -2.82 -1.57
C LYS A 363 -10.30 -2.22 -2.98
N SER A 364 -10.19 -3.07 -4.01
CA SER A 364 -10.26 -2.62 -5.39
C SER A 364 -11.69 -2.60 -5.95
N HIS A 365 -12.64 -3.09 -5.15
CA HIS A 365 -14.03 -3.19 -5.54
C HIS A 365 -14.22 -3.92 -6.85
N LYS A 366 -13.51 -5.04 -7.02
CA LYS A 366 -13.54 -5.82 -8.24
C LYS A 366 -13.49 -7.33 -7.93
N VAL A 367 -14.04 -8.14 -8.83
CA VAL A 367 -13.87 -9.60 -8.75
C VAL A 367 -12.41 -9.88 -9.05
N ARG A 368 -11.82 -10.78 -8.26
CA ARG A 368 -10.41 -11.15 -8.42
C ARG A 368 -10.21 -12.02 -9.66
N ASN A 369 -9.01 -11.94 -10.23
CA ASN A 369 -8.72 -12.68 -11.46
CA ASN A 369 -8.65 -12.64 -11.44
C ASN A 369 -8.26 -14.12 -11.20
N GLN A 370 -7.75 -14.38 -10.01
CA GLN A 370 -7.14 -15.69 -9.72
C GLN A 370 -8.14 -16.83 -9.75
N LEU A 371 -7.81 -17.90 -10.47
CA LEU A 371 -8.56 -19.16 -10.36
C LEU A 371 -7.97 -20.10 -9.29
N THR A 372 -8.80 -20.45 -8.30
CA THR A 372 -8.42 -21.46 -7.31
C THR A 372 -9.52 -22.53 -7.21
N ALA A 373 -9.23 -23.57 -6.42
CA ALA A 373 -10.18 -24.65 -6.22
C ALA A 373 -11.46 -24.18 -5.54
N ALA A 374 -11.42 -23.01 -4.89
CA ALA A 374 -12.61 -22.47 -4.25
C ALA A 374 -13.71 -22.20 -5.30
N ALA A 375 -13.30 -22.12 -6.57
CA ALA A 375 -14.20 -21.77 -7.67
C ALA A 375 -15.22 -22.85 -8.00
N LEU A 376 -14.99 -24.07 -7.50
CA LEU A 376 -15.93 -25.18 -7.67
C LEU A 376 -17.04 -25.18 -6.66
N PHE A 377 -16.92 -24.39 -5.60
CA PHE A 377 -17.94 -24.41 -4.55
C PHE A 377 -19.36 -24.04 -5.04
N PRO A 378 -19.47 -23.04 -5.94
CA PRO A 378 -20.86 -22.75 -6.39
C PRO A 378 -21.51 -23.97 -7.08
N LEU A 379 -20.74 -24.81 -7.76
CA LEU A 379 -21.28 -26.04 -8.37
C LEU A 379 -21.64 -27.08 -7.27
N TYR A 380 -20.73 -27.24 -6.32
CA TYR A 380 -20.96 -28.14 -5.16
C TYR A 380 -22.30 -27.90 -4.45
N VAL A 381 -22.64 -26.63 -4.25
CA VAL A 381 -23.86 -26.23 -3.54
C VAL A 381 -25.05 -25.96 -4.46
N ASN A 382 -24.89 -26.22 -5.75
CA ASN A 382 -25.96 -26.05 -6.75
C ASN A 382 -26.48 -24.62 -6.87
N ALA A 383 -25.58 -23.65 -6.67
CA ALA A 383 -25.91 -22.24 -6.88
C ALA A 383 -25.61 -21.79 -8.30
N ALA A 384 -24.70 -22.50 -8.98
CA ALA A 384 -24.22 -22.06 -10.28
C ALA A 384 -25.25 -22.23 -11.40
N ALA A 385 -25.32 -21.24 -12.30
CA ALA A 385 -26.02 -21.37 -13.59
C ALA A 385 -25.39 -22.54 -14.34
N LYS A 386 -26.21 -23.25 -15.12
CA LYS A 386 -25.70 -24.38 -15.91
C LYS A 386 -24.56 -24.00 -16.89
N ASP A 387 -24.69 -22.88 -17.58
CA ASP A 387 -23.65 -22.45 -18.53
C ASP A 387 -22.30 -22.16 -17.85
N ARG A 388 -22.36 -21.53 -16.68
CA ARG A 388 -21.17 -21.27 -15.88
C ARG A 388 -20.51 -22.55 -15.30
N ALA A 389 -21.31 -23.51 -14.87
CA ALA A 389 -20.80 -24.83 -14.45
C ALA A 389 -20.00 -25.49 -15.59
N ASN A 390 -20.50 -25.33 -16.80
CA ASN A 390 -19.82 -25.88 -17.97
C ASN A 390 -18.48 -25.22 -18.22
N LYS A 391 -18.41 -23.89 -18.08
CA LYS A 391 -17.16 -23.14 -18.17
C LYS A 391 -16.17 -23.54 -17.06
N MET A 392 -16.71 -23.79 -15.86
CA MET A 392 -15.87 -24.23 -14.74
C MET A 392 -15.23 -25.58 -15.02
N ALA A 393 -15.97 -26.46 -15.68
CA ALA A 393 -15.40 -27.75 -16.08
C ALA A 393 -14.20 -27.59 -17.00
N THR A 394 -14.33 -26.72 -17.99
CA THR A 394 -13.22 -26.41 -18.87
C THR A 394 -12.05 -25.74 -18.15
N ALA A 395 -12.32 -24.76 -17.29
CA ALA A 395 -11.28 -24.07 -16.54
C ALA A 395 -10.52 -25.04 -15.61
N THR A 396 -11.26 -25.93 -14.96
CA THR A 396 -10.65 -26.99 -14.09
C THR A 396 -9.68 -27.88 -14.88
N LYS A 397 -10.19 -28.42 -15.99
CA LYS A 397 -9.41 -29.27 -16.89
C LYS A 397 -8.19 -28.52 -17.39
N THR A 398 -8.35 -27.27 -17.81
CA THR A 398 -7.24 -26.48 -18.35
C THR A 398 -6.18 -26.08 -17.33
N HIS A 399 -6.60 -25.68 -16.14
CA HIS A 399 -5.71 -25.00 -15.20
C HIS A 399 -5.39 -25.75 -13.91
N LEU A 400 -6.30 -26.58 -13.44
CA LEU A 400 -6.16 -27.15 -12.08
C LEU A 400 -5.96 -28.65 -12.04
N LEU A 401 -6.42 -29.35 -13.09
CA LEU A 401 -6.23 -30.81 -13.12
C LEU A 401 -4.75 -31.17 -13.33
N GLN A 402 -4.22 -32.00 -12.42
CA GLN A 402 -2.83 -32.40 -12.43
C GLN A 402 -2.76 -33.90 -12.28
N PRO A 403 -1.59 -34.51 -12.56
CA PRO A 403 -1.55 -35.98 -12.58
C PRO A 403 -1.94 -36.62 -11.24
N GLY A 404 -1.61 -35.97 -10.11
CA GLY A 404 -1.93 -36.51 -8.79
C GLY A 404 -3.17 -35.92 -8.12
N GLY A 405 -3.98 -35.15 -8.86
CA GLY A 405 -5.25 -34.63 -8.33
C GLY A 405 -5.51 -33.19 -8.73
N LEU A 406 -6.45 -32.56 -8.04
CA LEU A 406 -6.80 -31.19 -8.36
C LEU A 406 -5.88 -30.25 -7.60
N ASN A 407 -5.20 -29.34 -8.31
CA ASN A 407 -4.33 -28.38 -7.65
C ASN A 407 -5.17 -27.40 -6.87
N THR A 408 -4.62 -26.92 -5.75
CA THR A 408 -5.34 -25.96 -4.91
C THR A 408 -5.43 -24.58 -5.60
N THR A 409 -4.32 -24.15 -6.20
CA THR A 409 -4.27 -22.97 -7.08
C THR A 409 -3.25 -23.34 -8.16
N SER A 410 -2.94 -22.41 -9.05
CA SER A 410 -1.85 -22.59 -10.01
CA SER A 410 -1.83 -22.63 -9.99
C SER A 410 -0.61 -21.77 -9.65
N VAL A 411 -0.57 -21.24 -8.43
CA VAL A 411 0.52 -20.36 -8.02
C VAL A 411 1.40 -21.13 -7.00
N LYS A 412 2.66 -21.41 -7.35
CA LYS A 412 3.53 -22.16 -6.45
C LYS A 412 4.25 -21.19 -5.53
N SER A 413 3.53 -20.78 -4.49
CA SER A 413 3.98 -19.72 -3.56
C SER A 413 4.90 -20.16 -2.46
N GLY A 414 4.95 -21.46 -2.17
CA GLY A 414 5.63 -21.91 -0.94
C GLY A 414 4.68 -22.09 0.24
N GLN A 415 3.42 -21.71 0.04
CA GLN A 415 2.38 -21.85 1.07
C GLN A 415 1.62 -23.19 0.87
N GLN A 416 0.97 -23.62 1.95
CA GLN A 416 0.29 -24.91 1.97
CA GLN A 416 0.27 -24.90 2.01
C GLN A 416 -0.96 -24.96 1.10
N TRP A 417 -1.74 -23.87 1.08
CA TRP A 417 -2.98 -23.86 0.28
C TRP A 417 -2.75 -23.21 -1.10
N ASP A 418 -1.88 -23.86 -1.88
CA ASP A 418 -1.42 -23.36 -3.18
C ASP A 418 -0.80 -24.54 -3.92
N ALA A 419 -0.56 -24.38 -5.22
CA ALA A 419 0.21 -25.36 -6.01
C ALA A 419 1.50 -25.65 -5.24
N PRO A 420 1.99 -26.90 -5.26
CA PRO A 420 1.51 -28.07 -5.96
C PRO A 420 0.65 -28.95 -5.02
N ASN A 421 0.16 -28.36 -3.94
CA ASN A 421 -0.56 -29.14 -2.90
C ASN A 421 -1.97 -29.49 -3.34
N GLY A 422 -2.36 -30.76 -3.11
CA GLY A 422 -3.73 -31.22 -3.33
C GLY A 422 -4.30 -31.68 -2.00
N TRP A 423 -5.46 -31.16 -1.66
CA TRP A 423 -6.11 -31.40 -0.38
C TRP A 423 -7.40 -32.16 -0.61
N ALA A 424 -7.55 -33.32 0.05
CA ALA A 424 -8.80 -34.11 0.00
C ALA A 424 -10.14 -33.33 -0.03
N PRO A 425 -10.38 -32.38 0.92
CA PRO A 425 -11.69 -31.72 0.89
C PRO A 425 -11.98 -31.03 -0.47
N LEU A 426 -10.96 -30.42 -1.07
CA LEU A 426 -11.10 -29.75 -2.34
C LEU A 426 -11.30 -30.71 -3.51
N GLN A 427 -10.68 -31.90 -3.43
CA GLN A 427 -10.91 -32.94 -4.43
C GLN A 427 -12.38 -33.35 -4.45
N TRP A 428 -12.94 -33.57 -3.25
CA TRP A 428 -14.32 -34.04 -3.12
C TRP A 428 -15.33 -32.97 -3.53
N VAL A 429 -15.10 -31.74 -3.09
CA VAL A 429 -15.99 -30.63 -3.41
C VAL A 429 -16.04 -30.44 -4.95
N ALA A 430 -14.87 -30.49 -5.60
CA ALA A 430 -14.77 -30.36 -7.06
C ALA A 430 -15.48 -31.51 -7.77
N THR A 431 -15.21 -32.74 -7.33
CA THR A 431 -15.80 -33.96 -7.90
C THR A 431 -17.31 -33.93 -7.86
N GLU A 432 -17.84 -33.63 -6.67
CA GLU A 432 -19.27 -33.58 -6.44
C GLU A 432 -19.92 -32.42 -7.17
N GLY A 433 -19.30 -31.24 -7.11
CA GLY A 433 -19.76 -30.09 -7.90
C GLY A 433 -19.90 -30.37 -9.39
N LEU A 434 -18.88 -30.99 -9.96
CA LEU A 434 -18.88 -31.33 -11.37
C LEU A 434 -19.94 -32.39 -11.71
N GLN A 435 -20.04 -33.41 -10.85
CA GLN A 435 -21.07 -34.43 -10.98
CA GLN A 435 -21.07 -34.44 -10.93
C GLN A 435 -22.48 -33.84 -10.91
N ASN A 436 -22.70 -32.85 -10.05
CA ASN A 436 -24.02 -32.20 -9.92
C ASN A 436 -24.51 -31.57 -11.22
N TYR A 437 -23.58 -31.26 -12.12
CA TYR A 437 -23.90 -30.62 -13.39
C TYR A 437 -23.55 -31.50 -14.59
N GLY A 438 -23.46 -32.78 -14.32
CA GLY A 438 -23.24 -33.82 -15.34
C GLY A 438 -21.85 -33.80 -15.96
N GLN A 439 -20.91 -33.10 -15.35
CA GLN A 439 -19.56 -33.00 -15.88
C GLN A 439 -18.72 -34.19 -15.41
N LYS A 440 -19.18 -35.37 -15.82
CA LYS A 440 -18.67 -36.66 -15.32
C LYS A 440 -17.20 -36.88 -15.63
N GLU A 441 -16.75 -36.52 -16.83
CA GLU A 441 -15.37 -36.78 -17.30
C GLU A 441 -14.35 -36.12 -16.37
N VAL A 442 -14.50 -34.82 -16.19
CA VAL A 442 -13.60 -34.08 -15.33
C VAL A 442 -13.74 -34.60 -13.88
N ALA A 443 -14.97 -34.88 -13.44
CA ALA A 443 -15.19 -35.37 -12.06
C ALA A 443 -14.43 -36.69 -11.85
N MET A 444 -14.53 -37.61 -12.81
CA MET A 444 -13.84 -38.90 -12.69
C MET A 444 -12.32 -38.78 -12.80
N ASP A 445 -11.84 -37.87 -13.65
CA ASP A 445 -10.44 -37.55 -13.74
C ASP A 445 -9.88 -37.09 -12.39
N ILE A 446 -10.59 -36.20 -11.70
CA ILE A 446 -10.10 -35.72 -10.41
C ILE A 446 -9.98 -36.90 -9.49
N SER A 447 -11.07 -37.66 -9.39
CA SER A 447 -11.13 -38.84 -8.55
C SER A 447 -10.04 -39.87 -8.86
N TRP A 448 -9.90 -40.26 -10.12
CA TRP A 448 -8.88 -41.25 -10.47
C TRP A 448 -7.45 -40.77 -10.19
N HIS A 449 -7.16 -39.52 -10.56
CA HIS A 449 -5.84 -38.93 -10.30
C HIS A 449 -5.48 -38.84 -8.80
N PHE A 450 -6.39 -38.31 -7.97
CA PHE A 450 -6.13 -38.20 -6.54
C PHE A 450 -6.03 -39.58 -5.91
N LEU A 451 -6.95 -40.47 -6.27
CA LEU A 451 -6.93 -41.82 -5.70
C LEU A 451 -5.66 -42.58 -6.07
N THR A 452 -5.17 -42.41 -7.29
CA THR A 452 -3.93 -43.07 -7.73
C THR A 452 -2.75 -42.53 -6.88
N ASN A 453 -2.74 -41.22 -6.64
CA ASN A 453 -1.73 -40.59 -5.78
C ASN A 453 -1.76 -41.19 -4.38
N VAL A 454 -2.95 -41.31 -3.81
CA VAL A 454 -3.13 -41.85 -2.46
C VAL A 454 -2.68 -43.32 -2.40
N GLN A 455 -3.09 -44.10 -3.41
CA GLN A 455 -2.76 -45.51 -3.43
C GLN A 455 -1.23 -45.71 -3.56
N HIS A 456 -0.60 -44.94 -4.43
CA HIS A 456 0.85 -45.11 -4.63
C HIS A 456 1.64 -44.91 -3.34
N THR A 457 1.32 -43.82 -2.62
CA THR A 457 1.92 -43.53 -1.30
C THR A 457 1.58 -44.60 -0.25
N TYR A 458 0.32 -45.04 -0.23
CA TYR A 458 -0.08 -46.13 0.65
C TYR A 458 0.75 -47.40 0.40
N ASP A 459 0.96 -47.73 -0.87
CA ASP A 459 1.64 -48.98 -1.27
C ASP A 459 3.04 -49.03 -0.69
N ARG A 460 3.73 -47.89 -0.69
CA ARG A 460 5.15 -47.81 -0.34
CA ARG A 460 5.12 -47.92 -0.27
C ARG A 460 5.41 -47.35 1.11
N GLU A 461 4.47 -46.60 1.65
CA GLU A 461 4.70 -45.97 2.95
C GLU A 461 3.64 -46.33 3.97
N LYS A 462 2.63 -47.06 3.52
CA LYS A 462 1.58 -47.64 4.39
C LYS A 462 0.90 -46.59 5.22
N LYS A 463 0.68 -45.40 4.63
CA LYS A 463 0.06 -44.30 5.35
C LYS A 463 -0.79 -43.50 4.38
N LEU A 464 -1.70 -42.73 4.97
CA LEU A 464 -2.35 -41.59 4.30
C LEU A 464 -1.96 -40.35 5.10
N VAL A 465 -1.92 -39.21 4.41
CA VAL A 465 -1.41 -37.99 4.98
C VAL A 465 -2.36 -36.83 4.67
N GLU A 466 -2.00 -35.67 5.22
CA GLU A 466 -2.88 -34.49 5.20
C GLU A 466 -3.10 -33.94 3.77
N LYS A 467 -2.07 -34.07 2.92
CA LYS A 467 -2.12 -33.55 1.57
C LYS A 467 -1.06 -34.16 0.65
N TYR A 468 -1.24 -33.98 -0.65
CA TYR A 468 -0.40 -34.68 -1.64
C TYR A 468 0.15 -33.70 -2.65
N ASP A 469 1.31 -34.03 -3.22
CA ASP A 469 1.84 -33.27 -4.37
C ASP A 469 1.13 -33.74 -5.63
N VAL A 470 0.25 -32.90 -6.17
CA VAL A 470 -0.48 -33.26 -7.40
C VAL A 470 0.38 -33.19 -8.68
N SER A 471 1.49 -32.45 -8.63
CA SER A 471 2.32 -32.27 -9.83
C SER A 471 3.25 -33.46 -10.13
N THR A 472 3.88 -33.97 -9.08
CA THR A 472 4.87 -35.06 -9.15
C THR A 472 4.27 -36.39 -8.68
N THR A 473 3.10 -36.30 -8.05
CA THR A 473 2.55 -37.35 -7.20
C THR A 473 3.51 -37.49 -5.99
N GLY A 474 3.14 -38.23 -4.97
CA GLY A 474 3.94 -38.27 -3.77
C GLY A 474 3.59 -37.14 -2.82
N THR A 475 4.46 -36.91 -1.85
CA THR A 475 4.11 -36.08 -0.72
C THR A 475 5.28 -35.24 -0.30
N GLY A 476 4.99 -34.23 0.52
CA GLY A 476 6.01 -33.41 1.11
C GLY A 476 6.26 -32.24 0.19
N GLY A 479 4.30 -26.59 1.17
CA GLY A 479 5.08 -25.87 2.19
C GLY A 479 4.70 -26.22 3.63
N GLY A 480 4.69 -25.23 4.53
CA GLY A 480 4.32 -25.44 5.93
C GLY A 480 5.44 -25.36 6.97
N GLU A 481 5.06 -24.98 8.19
CA GLU A 481 5.97 -24.74 9.30
C GLU A 481 6.02 -25.89 10.32
N TYR A 482 5.37 -27.00 9.99
CA TYR A 482 5.34 -28.20 10.82
C TYR A 482 5.48 -29.37 9.84
N PRO A 483 6.00 -30.52 10.30
CA PRO A 483 6.19 -31.65 9.35
C PRO A 483 4.87 -32.22 8.82
N LEU A 484 4.92 -32.88 7.65
CA LEU A 484 3.74 -33.58 7.09
C LEU A 484 3.13 -34.56 8.09
N GLN A 485 1.82 -34.46 8.29
CA GLN A 485 1.16 -35.27 9.33
C GLN A 485 0.38 -36.43 8.71
N ASP A 486 0.27 -37.54 9.46
CA ASP A 486 -0.35 -38.77 9.00
C ASP A 486 -1.67 -39.04 9.70
N GLY A 487 -2.48 -39.84 9.04
CA GLY A 487 -3.72 -40.38 9.59
C GLY A 487 -4.55 -40.89 8.44
N PHE A 488 -5.28 -40.02 7.73
CA PHE A 488 -5.47 -38.60 8.11
C PHE A 488 -6.94 -38.31 7.81
N GLY A 489 -7.66 -37.81 8.81
CA GLY A 489 -9.12 -37.78 8.82
C GLY A 489 -9.80 -37.51 7.49
N TRP A 490 -9.63 -36.30 6.95
CA TRP A 490 -10.37 -36.02 5.72
C TRP A 490 -9.89 -36.79 4.51
N THR A 491 -8.61 -37.18 4.50
CA THR A 491 -8.07 -37.93 3.37
C THR A 491 -8.72 -39.33 3.36
N ASN A 492 -8.81 -39.94 4.54
CA ASN A 492 -9.40 -41.27 4.68
C ASN A 492 -10.88 -41.26 4.25
N GLY A 493 -11.64 -40.28 4.73
CA GLY A 493 -13.08 -40.18 4.36
C GLY A 493 -13.34 -39.96 2.87
N VAL A 494 -12.61 -39.02 2.29
CA VAL A 494 -12.75 -38.71 0.88
C VAL A 494 -12.29 -39.92 0.06
N THR A 495 -11.25 -40.61 0.55
CA THR A 495 -10.71 -41.76 -0.18
C THR A 495 -11.78 -42.84 -0.30
N LEU A 496 -12.47 -43.11 0.80
CA LEU A 496 -13.57 -44.08 0.80
C LEU A 496 -14.67 -43.72 -0.19
N LYS A 497 -15.10 -42.46 -0.15
CA LYS A 497 -16.14 -41.99 -1.03
C LYS A 497 -15.75 -42.11 -2.49
N MET A 498 -14.50 -41.75 -2.80
CA MET A 498 -14.03 -41.80 -4.18
C MET A 498 -13.81 -43.24 -4.64
N LEU A 499 -13.30 -44.10 -3.77
CA LEU A 499 -13.15 -45.53 -4.07
CA LEU A 499 -13.14 -45.51 -4.11
C LEU A 499 -14.48 -46.14 -4.50
N ASP A 500 -15.55 -45.79 -3.77
CA ASP A 500 -16.91 -46.26 -4.12
C ASP A 500 -17.37 -45.75 -5.48
N LEU A 501 -17.04 -44.50 -5.78
CA LEU A 501 -17.44 -43.82 -7.01
C LEU A 501 -16.81 -44.42 -8.24
N ILE A 502 -15.56 -44.85 -8.12
CA ILE A 502 -14.80 -45.22 -9.30
C ILE A 502 -14.91 -46.70 -9.67
N CYS A 503 -15.49 -47.51 -8.77
CA CYS A 503 -15.73 -48.92 -9.07
C CYS A 503 -17.23 -49.20 -9.06
N PRO A 504 -17.68 -50.27 -9.75
CA PRO A 504 -19.12 -50.52 -9.73
C PRO A 504 -19.65 -50.71 -8.31
N LYS A 505 -20.88 -50.24 -8.07
CA LYS A 505 -21.54 -50.40 -6.77
CA LYS A 505 -21.52 -50.41 -6.78
C LYS A 505 -21.53 -51.87 -6.36
N GLU A 506 -21.73 -52.75 -7.34
CA GLU A 506 -21.88 -54.18 -7.09
C GLU A 506 -20.55 -54.93 -7.07
N GLN A 507 -19.51 -54.34 -7.66
CA GLN A 507 -18.19 -54.94 -7.58
C GLN A 507 -17.20 -53.91 -7.03
N PRO A 508 -17.30 -53.55 -5.73
CA PRO A 508 -16.43 -52.50 -5.18
C PRO A 508 -14.98 -52.90 -5.13
N CYS A 509 -14.10 -51.90 -5.06
CA CYS A 509 -12.67 -52.15 -4.96
CA CYS A 509 -12.66 -52.11 -4.97
C CYS A 509 -12.15 -51.81 -3.58
N ASP A 510 -11.09 -52.53 -3.16
CA ASP A 510 -10.47 -52.29 -1.87
C ASP A 510 -9.15 -51.57 -2.02
N ASN A 511 -8.64 -51.57 -3.26
CA ASN A 511 -7.48 -50.79 -3.68
C ASN A 511 -7.85 -50.11 -4.98
N VAL A 512 -7.21 -48.97 -5.26
CA VAL A 512 -7.46 -48.27 -6.52
C VAL A 512 -6.91 -49.10 -7.68
N PRO A 513 -7.73 -49.40 -8.70
CA PRO A 513 -7.23 -50.19 -9.82
C PRO A 513 -6.07 -49.52 -10.52
N ALA A 514 -5.11 -50.30 -11.00
CA ALA A 514 -3.96 -49.73 -11.70
C ALA A 514 -4.33 -49.39 -13.14
N THR A 515 -5.41 -49.98 -13.62
CA THR A 515 -5.86 -49.70 -14.98
C THR A 515 -7.30 -49.26 -14.96
N ARG A 516 -7.61 -48.14 -15.61
CA ARG A 516 -9.01 -47.75 -15.82
C ARG A 516 -9.73 -48.69 -16.79
N VAL B 5 25.98 10.91 -33.23
CA VAL B 5 24.92 10.96 -32.17
C VAL B 5 25.11 9.87 -31.12
N THR B 6 24.99 10.21 -29.83
CA THR B 6 25.10 9.19 -28.79
C THR B 6 23.91 8.20 -28.86
N PRO B 7 24.19 6.90 -28.60
CA PRO B 7 23.15 5.87 -28.75
C PRO B 7 22.09 5.95 -27.66
N GLN B 8 20.87 5.60 -28.03
CA GLN B 8 19.89 5.23 -27.06
C GLN B 8 20.44 4.18 -26.09
N PRO B 9 19.78 3.98 -24.94
CA PRO B 9 20.10 2.81 -24.12
C PRO B 9 19.80 1.50 -24.86
N PRO B 10 20.40 0.38 -24.43
CA PRO B 10 20.34 -0.88 -25.21
C PRO B 10 18.94 -1.42 -25.45
N ASP B 11 18.01 -1.21 -24.49
CA ASP B 11 16.64 -1.67 -24.69
C ASP B 11 15.99 -0.97 -25.88
N ILE B 12 16.33 0.29 -26.11
CA ILE B 12 15.77 1.04 -27.23
C ILE B 12 16.55 0.71 -28.50
N LEU B 13 17.87 0.70 -28.40
CA LEU B 13 18.72 0.38 -29.56
C LEU B 13 18.33 -0.94 -30.22
N LEU B 14 18.18 -1.98 -29.40
CA LEU B 14 18.03 -3.37 -29.86
CA LEU B 14 18.03 -3.36 -29.88
C LEU B 14 16.59 -3.84 -29.92
N GLY B 15 15.66 -3.02 -29.45
CA GLY B 15 14.27 -3.43 -29.39
C GLY B 15 14.16 -4.71 -28.58
N PRO B 16 13.18 -5.57 -28.92
CA PRO B 16 12.85 -6.77 -28.17
C PRO B 16 13.98 -7.80 -28.05
N LEU B 17 15.00 -7.73 -28.92
CA LEU B 17 16.18 -8.60 -28.77
C LEU B 17 16.87 -8.40 -27.43
N PHE B 18 16.93 -7.15 -26.97
CA PHE B 18 17.51 -6.91 -25.64
C PHE B 18 16.70 -7.64 -24.56
N ASN B 19 15.38 -7.48 -24.57
CA ASN B 19 14.47 -8.15 -23.63
C ASN B 19 14.62 -9.68 -23.64
N ASP B 20 14.70 -10.27 -24.83
CA ASP B 20 14.89 -11.72 -24.98
C ASP B 20 16.20 -12.24 -24.38
N VAL B 21 17.31 -11.55 -24.65
CA VAL B 21 18.61 -11.99 -24.16
C VAL B 21 18.70 -11.87 -22.64
N GLN B 22 18.15 -10.78 -22.10
CA GLN B 22 18.14 -10.58 -20.65
C GLN B 22 17.27 -11.63 -19.98
N ASN B 23 16.08 -11.84 -20.51
CA ASN B 23 15.15 -12.80 -19.92
C ASN B 23 15.72 -14.23 -19.96
N ALA B 24 16.49 -14.53 -21.00
CA ALA B 24 17.14 -15.85 -21.13
C ALA B 24 18.26 -16.06 -20.11
N LYS B 25 18.71 -14.99 -19.46
CA LYS B 25 19.83 -15.05 -18.53
C LYS B 25 20.98 -15.84 -19.13
N LEU B 26 21.39 -15.49 -20.34
CA LEU B 26 22.56 -16.08 -20.97
C LEU B 26 23.78 -15.82 -20.15
N PHE B 27 23.76 -14.70 -19.42
CA PHE B 27 24.84 -14.27 -18.56
C PHE B 27 24.25 -14.07 -17.17
N PRO B 28 25.02 -14.37 -16.12
CA PRO B 28 24.47 -14.39 -14.76
C PRO B 28 24.36 -12.98 -14.11
N ASP B 29 24.99 -12.00 -14.77
CA ASP B 29 24.83 -10.58 -14.41
C ASP B 29 24.07 -9.89 -15.52
N GLN B 30 22.97 -9.20 -15.19
CA GLN B 30 22.20 -8.46 -16.20
C GLN B 30 23.03 -7.33 -16.81
N LYS B 31 24.03 -6.88 -16.07
CA LYS B 31 24.81 -5.75 -16.56
C LYS B 31 25.70 -6.17 -17.72
N THR B 32 25.97 -7.47 -17.84
CA THR B 32 26.85 -7.96 -18.89
C THR B 32 26.35 -7.62 -20.29
N PHE B 33 25.10 -8.00 -20.64
CA PHE B 33 24.56 -7.72 -21.98
C PHE B 33 24.25 -6.23 -22.17
N ALA B 34 23.96 -5.52 -21.08
CA ALA B 34 23.82 -4.05 -21.13
C ALA B 34 25.15 -3.39 -21.54
N ASP B 35 26.28 -4.03 -21.21
CA ASP B 35 27.60 -3.57 -21.61
C ASP B 35 28.15 -4.19 -22.94
N ALA B 36 27.31 -4.94 -23.65
CA ALA B 36 27.75 -5.60 -24.89
C ALA B 36 27.88 -4.53 -25.98
N VAL B 37 28.92 -4.64 -26.81
CA VAL B 37 29.09 -3.76 -27.98
C VAL B 37 28.51 -4.44 -29.22
N PRO B 38 27.44 -3.86 -29.83
CA PRO B 38 26.93 -4.41 -31.07
C PRO B 38 28.02 -4.33 -32.13
N ASN B 39 28.23 -5.44 -32.85
CA ASN B 39 29.28 -5.55 -33.85
C ASN B 39 28.97 -4.81 -35.13
N SER B 40 27.69 -4.61 -35.40
CA SER B 40 27.20 -3.80 -36.50
C SER B 40 25.99 -2.99 -36.03
N ASP B 41 25.31 -2.36 -36.98
CA ASP B 41 24.17 -1.48 -36.71
C ASP B 41 23.02 -2.25 -36.09
N PRO B 42 22.61 -1.89 -34.86
CA PRO B 42 21.55 -2.56 -34.08
C PRO B 42 20.24 -2.75 -34.83
N LEU B 43 19.88 -1.77 -35.67
CA LEU B 43 18.64 -1.88 -36.42
CA LEU B 43 18.67 -1.84 -36.50
C LEU B 43 18.70 -3.09 -37.36
N MET B 44 19.86 -3.31 -37.97
CA MET B 44 20.13 -4.48 -38.83
C MET B 44 20.25 -5.78 -38.03
N ILE B 45 20.96 -5.74 -36.91
CA ILE B 45 20.96 -6.85 -35.95
C ILE B 45 19.54 -7.33 -35.65
N LEU B 46 18.63 -6.40 -35.29
CA LEU B 46 17.24 -6.74 -34.96
C LEU B 46 16.45 -7.37 -36.12
N ALA B 47 16.62 -6.82 -37.32
CA ALA B 47 16.01 -7.38 -38.53
C ALA B 47 16.50 -8.83 -38.81
N ASP B 48 17.79 -9.05 -38.64
CA ASP B 48 18.44 -10.35 -38.83
C ASP B 48 17.89 -11.33 -37.77
N TYR B 49 17.85 -10.87 -36.52
CA TYR B 49 17.21 -11.60 -35.41
C TYR B 49 15.80 -12.05 -35.76
N ARG B 50 14.97 -11.13 -36.26
CA ARG B 50 13.60 -11.48 -36.62
C ARG B 50 13.51 -12.50 -37.77
N MET B 51 14.48 -12.44 -38.67
CA MET B 51 14.54 -13.38 -39.79
C MET B 51 15.03 -14.75 -39.33
N GLN B 52 16.08 -14.77 -38.51
CA GLN B 52 16.70 -16.01 -38.03
C GLN B 52 15.90 -16.72 -36.93
N GLN B 53 15.00 -15.96 -36.30
CA GLN B 53 14.38 -16.34 -35.03
C GLN B 53 13.58 -17.64 -35.06
N ASN B 54 12.59 -17.72 -35.95
CA ASN B 54 11.64 -18.82 -35.97
C ASN B 54 12.17 -20.03 -36.70
N GLN B 55 13.33 -19.87 -37.33
CA GLN B 55 13.93 -20.92 -38.13
C GLN B 55 14.36 -22.12 -37.32
N SER B 56 14.57 -23.22 -38.03
CA SER B 56 15.06 -24.45 -37.43
C SER B 56 16.45 -24.18 -36.91
N GLY B 57 16.67 -24.59 -35.66
CA GLY B 57 17.98 -24.59 -35.04
C GLY B 57 18.55 -23.21 -34.75
N PHE B 58 17.67 -22.22 -34.56
CA PHE B 58 18.12 -20.91 -34.09
C PHE B 58 18.65 -21.09 -32.69
N ASP B 59 19.83 -20.54 -32.46
CA ASP B 59 20.45 -20.60 -31.15
C ASP B 59 20.77 -19.19 -30.69
N LEU B 60 20.08 -18.73 -29.65
CA LEU B 60 20.22 -17.36 -29.20
C LEU B 60 21.63 -17.01 -28.77
N ARG B 61 22.27 -17.92 -28.03
CA ARG B 61 23.62 -17.67 -27.55
C ARG B 61 24.61 -17.49 -28.70
N HIS B 62 24.46 -18.28 -29.76
CA HIS B 62 25.36 -18.18 -30.92
C HIS B 62 25.12 -16.86 -31.63
N PHE B 63 23.85 -16.52 -31.81
CA PHE B 63 23.47 -15.23 -32.39
C PHE B 63 24.06 -14.06 -31.62
N VAL B 64 24.00 -14.13 -30.30
CA VAL B 64 24.63 -13.10 -29.47
C VAL B 64 26.14 -13.08 -29.67
N ASN B 65 26.77 -14.25 -29.58
CA ASN B 65 28.23 -14.34 -29.70
C ASN B 65 28.71 -13.74 -31.03
N VAL B 66 27.93 -13.90 -32.08
CA VAL B 66 28.30 -13.42 -33.41
C VAL B 66 28.10 -11.91 -33.54
N ASN B 67 26.99 -11.40 -33.01
CA ASN B 67 26.61 -10.00 -33.24
C ASN B 67 27.07 -8.96 -32.21
N PHE B 68 27.68 -9.44 -31.13
CA PHE B 68 28.10 -8.59 -30.03
C PHE B 68 29.46 -8.97 -29.50
N THR B 69 30.21 -7.96 -29.10
CA THR B 69 31.46 -8.11 -28.39
C THR B 69 31.11 -7.93 -26.92
N LEU B 70 31.39 -8.94 -26.11
CA LEU B 70 31.02 -8.90 -24.71
C LEU B 70 32.16 -8.30 -23.90
N PRO B 71 31.85 -7.77 -22.70
CA PRO B 71 32.95 -7.22 -21.90
C PRO B 71 33.86 -8.34 -21.41
N LYS B 72 35.10 -7.98 -21.07
CA LYS B 72 36.03 -8.97 -20.54
C LYS B 72 36.74 -8.41 -19.31
N GLU B 81 53.39 -7.29 -3.70
CA GLU B 81 53.86 -8.49 -2.99
C GLU B 81 53.31 -8.60 -1.55
N GLY B 82 54.04 -8.07 -0.56
CA GLY B 82 53.55 -8.03 0.82
C GLY B 82 53.25 -6.59 1.25
N GLN B 83 52.69 -5.82 0.33
CA GLN B 83 52.32 -4.40 0.59
C GLN B 83 51.42 -4.22 1.81
N SER B 84 51.59 -3.08 2.48
CA SER B 84 50.71 -2.63 3.54
C SER B 84 49.39 -2.24 2.91
N LEU B 85 48.41 -1.92 3.74
CA LEU B 85 47.09 -1.47 3.27
C LEU B 85 47.21 -0.22 2.38
N ARG B 86 47.96 0.77 2.85
CA ARG B 86 48.19 2.01 2.12
C ARG B 86 48.92 1.79 0.80
N GLU B 87 50.03 1.04 0.82
CA GLU B 87 50.75 0.68 -0.43
C GLU B 87 49.84 -0.06 -1.43
N HIS B 88 49.03 -1.00 -0.93
CA HIS B 88 48.08 -1.74 -1.80
C HIS B 88 47.16 -0.72 -2.48
N ILE B 89 46.57 0.17 -1.68
CA ILE B 89 45.67 1.21 -2.24
C ILE B 89 46.38 2.04 -3.31
N ASP B 90 47.52 2.63 -2.93
CA ASP B 90 48.25 3.51 -3.83
C ASP B 90 48.74 2.80 -5.08
N GLY B 91 49.03 1.50 -4.99
CA GLY B 91 49.48 0.75 -6.17
C GLY B 91 48.38 0.42 -7.16
N LEU B 92 47.15 0.41 -6.65
CA LEU B 92 45.95 0.00 -7.39
CA LEU B 92 45.96 0.00 -7.39
C LEU B 92 45.36 1.09 -8.29
N TRP B 93 45.72 2.36 -8.03
CA TRP B 93 45.17 3.46 -8.86
C TRP B 93 45.28 3.17 -10.36
N PRO B 94 46.51 2.82 -10.86
CA PRO B 94 46.56 2.63 -12.31
C PRO B 94 45.73 1.45 -12.79
N VAL B 95 45.56 0.45 -11.94
CA VAL B 95 44.75 -0.72 -12.27
C VAL B 95 43.28 -0.31 -12.45
N LEU B 96 42.84 0.62 -11.61
CA LEU B 96 41.45 1.10 -11.66
C LEU B 96 41.21 2.23 -12.65
N THR B 97 42.27 2.66 -13.33
CA THR B 97 42.22 3.75 -14.30
C THR B 97 41.87 3.25 -15.70
N ARG B 98 40.85 3.88 -16.32
CA ARG B 98 40.51 3.65 -17.71
CA ARG B 98 40.47 3.65 -17.72
C ARG B 98 40.81 4.89 -18.56
N SER B 99 40.94 4.69 -19.86
CA SER B 99 41.18 5.79 -20.77
C SER B 99 40.39 5.45 -22.02
N THR B 100 39.25 6.12 -22.20
CA THR B 100 38.32 5.78 -23.28
C THR B 100 37.83 7.05 -23.95
N GLU B 101 38.78 7.72 -24.61
CA GLU B 101 38.54 8.93 -25.37
C GLU B 101 37.73 8.62 -26.60
N ASN B 102 37.84 7.38 -27.05
CA ASN B 102 37.13 6.93 -28.23
C ASN B 102 36.37 5.67 -27.88
N THR B 103 35.11 5.59 -28.29
CA THR B 103 34.33 4.36 -28.14
C THR B 103 33.62 4.10 -29.44
N GLU B 104 33.35 2.82 -29.69
CA GLU B 104 32.51 2.43 -30.81
C GLU B 104 31.13 3.13 -30.76
N LYS B 105 30.65 3.50 -31.94
CA LYS B 105 29.33 4.12 -32.19
C LYS B 105 28.18 3.64 -31.28
N TRP B 106 28.00 2.33 -31.21
CA TRP B 106 26.86 1.74 -30.51
C TRP B 106 27.18 1.13 -29.16
N ASP B 107 28.37 1.38 -28.65
CA ASP B 107 28.74 0.96 -27.31
C ASP B 107 27.91 1.73 -26.30
N SER B 108 27.46 1.05 -25.25
CA SER B 108 26.79 1.70 -24.13
C SER B 108 27.78 2.59 -23.36
N LEU B 109 29.08 2.28 -23.43
CA LEU B 109 30.11 3.09 -22.78
C LEU B 109 30.26 4.41 -23.55
N LEU B 110 30.21 5.52 -22.83
CA LEU B 110 30.24 6.84 -23.44
C LEU B 110 31.66 7.35 -23.35
N PRO B 111 32.14 8.04 -24.41
CA PRO B 111 33.54 8.45 -24.33
C PRO B 111 33.74 9.59 -23.33
N LEU B 112 34.95 9.67 -22.78
CA LEU B 112 35.37 10.79 -21.93
C LEU B 112 36.73 11.32 -22.46
N PRO B 113 36.98 12.64 -22.33
CA PRO B 113 38.24 13.16 -22.89
C PRO B 113 39.51 12.86 -22.10
N GLU B 114 39.37 12.48 -20.84
CA GLU B 114 40.52 12.32 -19.93
C GLU B 114 40.50 10.96 -19.22
N PRO B 115 41.67 10.53 -18.71
CA PRO B 115 41.67 9.29 -17.92
C PRO B 115 40.75 9.38 -16.70
N TYR B 116 40.29 8.23 -16.23
CA TYR B 116 39.40 8.20 -15.09
C TYR B 116 39.46 6.90 -14.31
N VAL B 117 39.24 6.99 -13.00
CA VAL B 117 39.20 5.83 -12.12
C VAL B 117 37.75 5.31 -11.97
N VAL B 118 37.59 4.00 -12.16
CA VAL B 118 36.34 3.28 -11.95
C VAL B 118 36.33 2.57 -10.59
N PRO B 119 35.15 2.23 -10.08
CA PRO B 119 35.11 1.63 -8.73
C PRO B 119 35.87 0.28 -8.64
N GLY B 120 35.75 -0.55 -9.67
CA GLY B 120 36.27 -1.95 -9.63
C GLY B 120 35.20 -2.97 -10.02
N GLY B 121 35.66 -4.15 -10.45
CA GLY B 121 34.76 -5.27 -10.81
C GLY B 121 33.77 -4.99 -11.92
N ARG B 122 32.50 -5.29 -11.66
CA ARG B 122 31.45 -5.13 -12.69
C ARG B 122 31.27 -3.64 -13.04
N PHE B 123 31.86 -2.77 -12.23
CA PHE B 123 31.68 -1.34 -12.41
C PHE B 123 32.81 -0.83 -13.31
N ARG B 124 32.57 -0.93 -14.61
CA ARG B 124 33.55 -0.71 -15.69
C ARG B 124 33.37 0.71 -16.28
N GLU B 125 32.91 1.65 -15.47
CA GLU B 125 32.62 3.01 -15.93
C GLU B 125 32.82 3.95 -14.74
N VAL B 126 32.96 5.25 -15.01
CA VAL B 126 33.09 6.20 -13.89
C VAL B 126 31.72 6.31 -13.20
N TYR B 127 31.71 6.56 -11.88
CA TYR B 127 30.46 6.80 -11.08
C TYR B 127 30.48 8.20 -10.49
N TYR B 128 29.33 8.88 -10.54
CA TYR B 128 29.33 10.26 -10.06
C TYR B 128 29.73 10.41 -8.58
N TRP B 129 28.91 9.97 -7.63
CA TRP B 129 29.29 10.24 -6.24
C TRP B 129 30.52 9.48 -5.76
N ASP B 130 30.70 8.25 -6.25
CA ASP B 130 31.89 7.48 -5.92
C ASP B 130 33.13 8.27 -6.25
N SER B 131 33.11 8.96 -7.39
CA SER B 131 34.32 9.64 -7.86
C SER B 131 34.80 10.66 -6.88
N TYR B 132 33.89 11.30 -6.16
CA TYR B 132 34.34 12.28 -5.18
C TYR B 132 35.24 11.66 -4.10
N PHE B 133 34.78 10.56 -3.50
CA PHE B 133 35.55 9.91 -2.44
C PHE B 133 36.85 9.27 -2.97
N THR B 134 36.80 8.83 -4.22
CA THR B 134 37.94 8.27 -4.91
C THR B 134 38.93 9.43 -5.12
N MET B 135 38.42 10.57 -5.56
CA MET B 135 39.28 11.73 -5.85
C MET B 135 39.94 12.25 -4.59
N LEU B 136 39.25 12.12 -3.45
CA LEU B 136 39.88 12.41 -2.17
C LEU B 136 41.15 11.58 -1.96
N GLY B 137 41.10 10.30 -2.37
CA GLY B 137 42.25 9.40 -2.18
C GLY B 137 43.37 9.73 -3.15
N LEU B 138 42.99 9.96 -4.41
CA LEU B 138 43.93 10.42 -5.44
C LEU B 138 44.69 11.67 -4.98
N ALA B 139 43.93 12.67 -4.52
CA ALA B 139 44.52 13.89 -4.00
C ALA B 139 45.42 13.58 -2.81
N GLU B 140 44.90 12.80 -1.87
CA GLU B 140 45.66 12.46 -0.65
C GLU B 140 47.04 11.91 -1.02
N SER B 141 47.10 11.19 -2.14
CA SER B 141 48.32 10.49 -2.51
C SER B 141 49.07 11.16 -3.66
N GLY B 142 48.73 12.42 -3.93
CA GLY B 142 49.51 13.25 -4.85
C GLY B 142 49.16 13.10 -6.31
N HIS B 143 48.10 12.35 -6.62
CA HIS B 143 47.69 12.19 -8.01
C HIS B 143 46.75 13.32 -8.45
N TRP B 144 47.24 14.56 -8.42
CA TRP B 144 46.41 15.71 -8.81
C TRP B 144 46.07 15.74 -10.30
N ASP B 145 46.95 15.18 -11.16
CA ASP B 145 46.67 15.12 -12.58
C ASP B 145 45.41 14.29 -12.81
N LYS B 146 45.29 13.18 -12.07
CA LYS B 146 44.11 12.32 -12.06
CA LYS B 146 44.12 12.34 -12.15
C LYS B 146 42.87 13.04 -11.60
N VAL B 147 43.04 13.83 -10.55
CA VAL B 147 41.92 14.63 -10.02
C VAL B 147 41.48 15.62 -11.09
N ALA B 148 42.45 16.29 -11.74
CA ALA B 148 42.15 17.28 -12.77
C ALA B 148 41.50 16.61 -13.97
N ASP B 149 42.01 15.43 -14.34
CA ASP B 149 41.40 14.61 -15.39
C ASP B 149 39.90 14.39 -15.13
N MET B 150 39.60 14.03 -13.89
CA MET B 150 38.23 13.65 -13.46
CA MET B 150 38.23 13.64 -13.54
C MET B 150 37.29 14.86 -13.39
N VAL B 151 37.79 15.99 -12.89
CA VAL B 151 36.97 17.24 -12.92
C VAL B 151 36.62 17.61 -14.36
N ALA B 152 37.63 17.54 -15.22
CA ALA B 152 37.49 17.86 -16.62
C ALA B 152 36.48 16.96 -17.28
N ASN B 153 36.51 15.66 -16.98
CA ASN B 153 35.53 14.72 -17.56
C ASN B 153 34.09 15.08 -17.16
N PHE B 154 33.91 15.42 -15.89
CA PHE B 154 32.57 15.75 -15.39
C PHE B 154 32.08 17.09 -15.93
N ALA B 155 33.00 18.06 -16.04
CA ALA B 155 32.68 19.33 -16.76
C ALA B 155 32.23 19.08 -18.18
N HIS B 156 32.95 18.18 -18.85
CA HIS B 156 32.64 17.79 -20.20
C HIS B 156 31.25 17.16 -20.35
N GLU B 157 30.90 16.27 -19.42
CA GLU B 157 29.59 15.63 -19.38
C GLU B 157 28.47 16.68 -19.20
N ILE B 158 28.70 17.63 -18.30
CA ILE B 158 27.76 18.75 -18.13
C ILE B 158 27.61 19.52 -19.44
N ASP B 159 28.74 19.78 -20.10
CA ASP B 159 28.71 20.46 -21.39
C ASP B 159 27.99 19.67 -22.46
N THR B 160 28.16 18.35 -22.49
CA THR B 160 27.63 17.57 -23.59
CA THR B 160 27.62 17.55 -23.60
C THR B 160 26.22 17.02 -23.35
N TYR B 161 25.90 16.69 -22.09
CA TYR B 161 24.62 16.07 -21.74
C TYR B 161 23.67 16.98 -21.00
N GLY B 162 24.22 18.03 -20.40
CA GLY B 162 23.43 18.93 -19.56
C GLY B 162 23.48 18.62 -18.07
N HIS B 163 24.01 17.45 -17.72
CA HIS B 163 24.14 17.04 -16.34
C HIS B 163 25.19 15.95 -16.27
N ILE B 164 25.58 15.59 -15.05
CA ILE B 164 26.45 14.44 -14.83
C ILE B 164 25.61 13.16 -14.69
N PRO B 165 25.77 12.21 -15.64
CA PRO B 165 24.97 11.00 -15.49
C PRO B 165 25.49 10.14 -14.32
N ASN B 166 24.64 9.23 -13.85
CA ASN B 166 24.99 8.26 -12.80
C ASN B 166 26.37 7.68 -13.11
N GLY B 167 26.62 7.38 -14.39
CA GLY B 167 27.97 7.09 -14.87
C GLY B 167 28.00 7.23 -16.36
N ASN B 168 29.15 6.94 -16.98
CA ASN B 168 29.30 7.15 -18.44
C ASN B 168 28.78 5.97 -19.27
N ARG B 169 27.49 5.66 -19.06
CA ARG B 169 26.78 4.66 -19.87
C ARG B 169 25.52 5.26 -20.41
N SER B 170 25.14 4.88 -21.63
CA SER B 170 23.89 5.32 -22.25
C SER B 170 22.67 5.03 -21.34
N TYR B 171 22.70 3.90 -20.62
CA TYR B 171 21.57 3.55 -19.76
C TYR B 171 21.59 4.33 -18.43
N TYR B 172 22.59 5.20 -18.25
CA TYR B 172 22.65 6.10 -17.07
C TYR B 172 22.30 7.55 -17.37
N LEU B 173 22.07 7.86 -18.65
CA LEU B 173 21.87 9.26 -19.07
C LEU B 173 20.57 9.87 -18.55
N SER B 174 19.61 9.03 -18.20
CA SER B 174 18.27 9.48 -17.79
C SER B 174 18.26 10.01 -16.36
N ARG B 175 19.36 9.86 -15.65
CA ARG B 175 19.46 10.30 -14.26
C ARG B 175 20.86 10.77 -13.91
N SER B 176 20.99 11.45 -12.77
CA SER B 176 22.29 11.89 -12.25
C SER B 176 22.62 11.04 -11.02
N GLN B 177 23.17 11.65 -9.98
CA GLN B 177 23.48 10.93 -8.75
C GLN B 177 23.62 12.00 -7.66
N PRO B 178 23.93 11.61 -6.40
CA PRO B 178 24.12 12.65 -5.41
C PRO B 178 25.19 13.65 -5.89
N PRO B 179 24.85 14.95 -5.91
CA PRO B 179 25.72 15.89 -6.61
C PRO B 179 26.98 16.29 -5.83
N PHE B 180 28.14 15.83 -6.30
CA PHE B 180 29.40 16.20 -5.66
C PHE B 180 30.30 17.03 -6.55
N PHE B 181 29.85 17.39 -7.76
CA PHE B 181 30.71 18.17 -8.67
C PHE B 181 31.30 19.47 -8.10
N ALA B 182 30.46 20.29 -7.48
CA ALA B 182 30.94 21.51 -6.80
C ALA B 182 32.05 21.21 -5.78
N LEU B 183 31.87 20.11 -5.06
CA LEU B 183 32.86 19.70 -4.07
C LEU B 183 34.15 19.20 -4.75
N MET B 184 34.00 18.52 -5.89
CA MET B 184 35.18 18.15 -6.74
C MET B 184 36.00 19.37 -7.14
N VAL B 185 35.31 20.45 -7.53
CA VAL B 185 35.96 21.70 -7.90
C VAL B 185 36.65 22.33 -6.67
N GLU B 186 35.96 22.31 -5.53
CA GLU B 186 36.57 22.82 -4.32
CA GLU B 186 36.51 22.75 -4.22
C GLU B 186 37.79 22.00 -3.89
N LEU B 187 37.73 20.68 -4.07
CA LEU B 187 38.91 19.83 -3.84
C LEU B 187 40.07 20.29 -4.73
N LEU B 188 39.83 20.45 -6.03
CA LEU B 188 40.87 20.92 -6.96
C LEU B 188 41.41 22.30 -6.56
N ALA B 189 40.51 23.18 -6.08
CA ALA B 189 40.87 24.49 -5.54
C ALA B 189 41.83 24.47 -4.35
N GLN B 190 41.83 23.40 -3.54
CA GLN B 190 42.78 23.29 -2.43
CA GLN B 190 42.78 23.28 -2.44
C GLN B 190 44.20 23.27 -2.98
N HIS B 191 44.38 22.70 -4.17
CA HIS B 191 45.68 22.63 -4.81
C HIS B 191 46.00 23.84 -5.71
N GLU B 192 44.99 24.31 -6.44
CA GLU B 192 45.17 25.33 -7.50
C GLU B 192 44.83 26.74 -7.03
N GLY B 193 44.10 26.85 -5.94
CA GLY B 193 43.53 28.12 -5.51
C GLY B 193 42.31 28.45 -6.36
N ASP B 194 42.02 29.74 -6.50
CA ASP B 194 40.78 30.22 -7.10
C ASP B 194 40.64 29.95 -8.58
N ALA B 195 41.75 29.67 -9.25
CA ALA B 195 41.73 29.28 -10.63
C ALA B 195 40.68 28.20 -10.90
N ALA B 196 40.58 27.22 -9.99
CA ALA B 196 39.69 26.07 -10.19
C ALA B 196 38.23 26.52 -10.17
N LEU B 197 37.90 27.39 -9.21
CA LEU B 197 36.55 27.96 -9.09
C LEU B 197 36.16 28.82 -10.29
N LYS B 198 37.10 29.66 -10.70
CA LYS B 198 36.91 30.53 -11.86
C LYS B 198 36.75 29.75 -13.16
N GLN B 199 37.56 28.71 -13.33
CA GLN B 199 37.50 27.91 -14.56
C GLN B 199 36.16 27.17 -14.70
N TYR B 200 35.68 26.62 -13.58
CA TYR B 200 34.55 25.72 -13.60
C TYR B 200 33.25 26.33 -13.07
N LEU B 201 33.28 27.63 -12.73
CA LEU B 201 32.04 28.33 -12.42
C LEU B 201 30.91 28.04 -13.44
N PRO B 202 31.17 28.17 -14.76
CA PRO B 202 30.07 27.96 -15.69
C PRO B 202 29.43 26.57 -15.69
N GLN B 203 30.24 25.53 -15.54
CA GLN B 203 29.72 24.16 -15.47
C GLN B 203 28.98 23.91 -14.15
N MET B 204 29.51 24.44 -13.05
CA MET B 204 28.78 24.37 -11.78
C MET B 204 27.41 25.06 -11.88
N GLN B 205 27.37 26.19 -12.60
CA GLN B 205 26.11 26.90 -12.79
C GLN B 205 25.14 26.07 -13.59
N LYS B 206 25.66 25.43 -14.62
CA LYS B 206 24.82 24.64 -15.53
C LYS B 206 24.28 23.42 -14.79
N GLU B 207 25.13 22.77 -13.98
CA GLU B 207 24.61 21.67 -13.15
C GLU B 207 23.50 22.13 -12.19
N TYR B 208 23.69 23.28 -11.53
CA TYR B 208 22.62 23.84 -10.69
C TYR B 208 21.33 24.05 -11.49
N ALA B 209 21.46 24.55 -12.73
CA ALA B 209 20.28 24.77 -13.59
C ALA B 209 19.58 23.43 -13.90
N TYR B 210 20.37 22.36 -14.05
CA TYR B 210 19.81 21.01 -14.19
C TYR B 210 18.97 20.57 -12.98
N TRP B 211 19.54 20.67 -11.78
CA TRP B 211 18.82 20.28 -10.56
C TRP B 211 17.57 21.15 -10.36
N MET B 212 17.69 22.42 -10.71
CA MET B 212 16.57 23.35 -10.52
C MET B 212 15.67 23.51 -11.73
N ASP B 213 15.88 22.69 -12.76
CA ASP B 213 15.18 22.87 -14.03
C ASP B 213 13.64 22.89 -13.84
N GLY B 214 13.03 23.95 -14.39
CA GLY B 214 11.59 24.14 -14.34
C GLY B 214 11.08 24.91 -13.14
N VAL B 215 11.96 25.26 -12.19
CA VAL B 215 11.56 25.92 -10.93
C VAL B 215 10.83 27.27 -11.08
N GLU B 216 11.18 28.03 -12.12
CA GLU B 216 10.62 29.36 -12.39
C GLU B 216 9.10 29.30 -12.58
N ASN B 217 8.62 28.20 -13.13
CA ASN B 217 7.21 28.03 -13.41
C ASN B 217 6.45 27.04 -12.51
N LEU B 218 7.12 26.51 -11.48
CA LEU B 218 6.51 25.56 -10.56
C LEU B 218 5.61 26.27 -9.52
N GLN B 219 4.36 25.81 -9.39
CA GLN B 219 3.41 26.36 -8.38
C GLN B 219 3.58 25.70 -7.02
N ALA B 220 3.30 26.46 -5.97
CA ALA B 220 3.41 25.92 -4.62
C ALA B 220 2.52 24.70 -4.49
N GLY B 221 3.06 23.68 -3.83
CA GLY B 221 2.35 22.43 -3.62
C GLY B 221 2.47 21.42 -4.77
N GLN B 222 3.25 21.75 -5.81
CA GLN B 222 3.53 20.80 -6.89
C GLN B 222 5.02 20.37 -6.93
N GLN B 223 5.30 19.37 -7.75
CA GLN B 223 6.65 18.88 -8.02
C GLN B 223 6.81 18.74 -9.53
N GLU B 224 8.05 18.85 -10.03
CA GLU B 224 8.35 18.50 -11.42
C GLU B 224 9.83 18.16 -11.51
N LYS B 225 10.15 17.12 -12.26
CA LYS B 225 11.51 16.64 -12.37
C LYS B 225 12.15 16.58 -11.02
N ARG B 226 13.27 17.30 -10.83
CA ARG B 226 14.05 17.22 -9.58
CA ARG B 226 14.04 17.20 -9.58
C ARG B 226 13.66 18.27 -8.54
N VAL B 227 12.56 18.99 -8.78
CA VAL B 227 12.22 20.09 -7.88
C VAL B 227 10.90 19.87 -7.18
N VAL B 228 10.84 20.23 -5.90
CA VAL B 228 9.53 20.29 -5.24
C VAL B 228 9.34 21.66 -4.65
N LYS B 229 8.10 22.17 -4.72
CA LYS B 229 7.76 23.44 -4.06
C LYS B 229 6.66 23.17 -3.09
N LEU B 230 6.97 23.36 -1.80
CA LEU B 230 6.01 23.10 -0.75
C LEU B 230 4.94 24.21 -0.68
N GLN B 231 3.89 23.99 0.10
CA GLN B 231 2.75 24.92 0.03
C GLN B 231 3.13 26.33 0.43
N ASP B 232 4.08 26.46 1.36
CA ASP B 232 4.58 27.77 1.78
C ASP B 232 5.61 28.37 0.79
N GLY B 233 5.90 27.65 -0.29
CA GLY B 233 6.85 28.17 -1.29
C GLY B 233 8.28 27.67 -1.13
N THR B 234 8.55 26.95 -0.05
CA THR B 234 9.90 26.37 0.19
C THR B 234 10.31 25.51 -1.01
N LEU B 235 11.54 25.72 -1.48
CA LEU B 235 12.08 24.97 -2.61
C LEU B 235 13.12 23.96 -2.15
N LEU B 236 12.86 22.71 -2.51
CA LEU B 236 13.73 21.60 -2.18
C LEU B 236 13.88 20.73 -3.42
N ASN B 237 14.87 19.85 -3.41
CA ASN B 237 15.06 18.94 -4.53
C ASN B 237 14.73 17.50 -4.16
N ARG B 238 14.52 16.67 -5.17
CA ARG B 238 14.31 15.24 -4.92
C ARG B 238 15.08 14.47 -5.99
N TYR B 239 15.24 13.17 -5.78
CA TYR B 239 15.82 12.33 -6.85
C TYR B 239 14.76 11.96 -7.88
N TRP B 240 15.16 11.94 -9.16
CA TRP B 240 14.25 11.76 -10.32
C TRP B 240 15.03 11.20 -11.50
N ASP B 241 14.47 10.19 -12.15
CA ASP B 241 15.00 9.67 -13.42
C ASP B 241 13.96 9.97 -14.48
N ASP B 242 14.38 10.41 -15.68
CA ASP B 242 13.46 10.82 -16.77
C ASP B 242 12.73 9.67 -17.49
N ARG B 243 13.12 8.43 -17.20
CA ARG B 243 12.46 7.27 -17.81
C ARG B 243 11.65 6.48 -16.78
N ASP B 244 10.76 5.63 -17.29
CA ASP B 244 9.76 4.94 -16.46
C ASP B 244 9.67 3.47 -16.87
N THR B 245 10.82 2.91 -17.27
CA THR B 245 10.94 1.56 -17.80
C THR B 245 11.95 0.79 -16.95
N PRO B 246 12.02 -0.56 -17.12
CA PRO B 246 13.04 -1.29 -16.36
C PRO B 246 14.45 -0.79 -16.66
N ARG B 247 15.34 -0.84 -15.68
CA ARG B 247 16.75 -0.48 -15.90
C ARG B 247 17.41 -1.56 -16.78
N PRO B 248 18.06 -1.17 -17.89
CA PRO B 248 18.73 -2.20 -18.71
C PRO B 248 19.73 -3.06 -17.92
N GLU B 249 20.46 -2.45 -16.97
CA GLU B 249 21.48 -3.15 -16.19
C GLU B 249 20.93 -4.05 -15.05
N SER B 250 19.62 -3.96 -14.81
CA SER B 250 18.90 -4.79 -13.82
C SER B 250 17.56 -5.24 -14.41
N TRP B 251 17.59 -5.63 -15.66
CA TRP B 251 16.36 -5.76 -16.45
C TRP B 251 15.35 -6.76 -15.84
N VAL B 252 15.79 -8.01 -15.65
CA VAL B 252 14.83 -9.02 -15.13
C VAL B 252 14.38 -8.74 -13.69
N GLU B 253 15.29 -8.23 -12.87
CA GLU B 253 14.98 -7.88 -11.48
C GLU B 253 13.85 -6.88 -11.43
N ASP B 254 13.94 -5.83 -12.25
CA ASP B 254 12.96 -4.75 -12.21
C ASP B 254 11.61 -5.19 -12.69
N ILE B 255 11.56 -5.98 -13.76
CA ILE B 255 10.28 -6.50 -14.27
C ILE B 255 9.58 -7.39 -13.20
N ALA B 256 10.36 -8.24 -12.57
CA ALA B 256 9.86 -9.12 -11.46
C ALA B 256 9.39 -8.29 -10.26
N THR B 257 10.16 -7.27 -9.89
CA THR B 257 9.73 -6.34 -8.86
C THR B 257 8.35 -5.74 -9.18
N ALA B 258 8.19 -5.17 -10.37
CA ALA B 258 6.92 -4.54 -10.72
C ALA B 258 5.79 -5.56 -10.89
N LYS B 259 6.12 -6.73 -11.43
CA LYS B 259 5.11 -7.77 -11.64
C LYS B 259 4.49 -8.23 -10.33
N SER B 260 5.24 -8.15 -9.22
CA SER B 260 4.76 -8.66 -7.93
C SER B 260 3.83 -7.69 -7.21
N ASN B 261 3.60 -6.53 -7.81
CA ASN B 261 2.63 -5.57 -7.30
C ASN B 261 1.71 -5.12 -8.44
N PRO B 262 0.75 -5.97 -8.85
CA PRO B 262 -0.20 -5.45 -9.84
C PRO B 262 -1.18 -4.39 -9.29
N ASN B 263 -0.92 -3.86 -8.09
CA ASN B 263 -1.75 -2.78 -7.55
CA ASN B 263 -1.73 -2.78 -7.51
C ASN B 263 -1.16 -1.38 -7.79
N ARG B 264 -0.01 -1.33 -8.46
CA ARG B 264 0.56 -0.07 -8.94
C ARG B 264 0.86 -0.21 -10.44
N PRO B 265 0.66 0.88 -11.23
CA PRO B 265 1.18 0.88 -12.59
C PRO B 265 2.66 0.55 -12.54
N ALA B 266 3.09 -0.34 -13.43
CA ALA B 266 4.49 -0.73 -13.48
C ALA B 266 5.41 0.49 -13.73
N THR B 267 4.94 1.43 -14.55
CA THR B 267 5.73 2.63 -14.84
C THR B 267 6.09 3.45 -13.60
N GLU B 268 5.15 3.56 -12.66
CA GLU B 268 5.41 4.28 -11.40
CA GLU B 268 5.37 4.26 -11.38
C GLU B 268 6.48 3.54 -10.59
N ILE B 269 6.42 2.21 -10.57
CA ILE B 269 7.41 1.42 -9.86
C ILE B 269 8.79 1.57 -10.51
N TYR B 270 8.82 1.45 -11.84
CA TYR B 270 10.09 1.66 -12.55
C TYR B 270 10.69 3.04 -12.28
N ARG B 271 9.84 4.08 -12.27
CA ARG B 271 10.30 5.45 -12.03
C ARG B 271 10.92 5.53 -10.64
N ASP B 272 10.27 4.91 -9.67
CA ASP B 272 10.78 4.91 -8.29
C ASP B 272 12.03 4.06 -8.11
N LEU B 273 12.14 2.94 -8.83
CA LEU B 273 13.35 2.13 -8.77
C LEU B 273 14.55 2.92 -9.32
N ARG B 274 14.34 3.54 -10.48
CA ARG B 274 15.39 4.34 -11.12
C ARG B 274 15.75 5.54 -10.29
N SER B 275 14.75 6.17 -9.65
CA SER B 275 15.04 7.34 -8.83
C SER B 275 15.82 6.96 -7.57
N ALA B 276 15.57 5.75 -7.05
CA ALA B 276 16.40 5.22 -5.95
C ALA B 276 17.85 4.94 -6.38
N ALA B 277 18.04 4.51 -7.62
CA ALA B 277 19.39 4.34 -8.17
C ALA B 277 20.07 5.73 -8.29
N ALA B 278 19.28 6.73 -8.67
CA ALA B 278 19.78 8.12 -8.74
C ALA B 278 20.20 8.61 -7.35
N SER B 279 19.54 8.11 -6.30
CA SER B 279 19.91 8.48 -4.92
C SER B 279 21.23 7.86 -4.43
N GLY B 280 21.74 6.89 -5.19
CA GLY B 280 22.88 6.08 -4.75
C GLY B 280 22.47 4.94 -3.81
N TRP B 281 21.31 5.08 -3.18
CA TRP B 281 20.81 4.11 -2.17
C TRP B 281 19.80 3.15 -2.81
N ASP B 282 20.24 2.39 -3.81
CA ASP B 282 19.43 1.32 -4.42
C ASP B 282 19.87 -0.01 -3.78
N PHE B 283 19.09 -0.56 -2.85
CA PHE B 283 17.83 -0.02 -2.36
C PHE B 283 17.82 0.04 -0.82
N SER B 284 16.77 0.60 -0.24
CA SER B 284 16.75 0.84 1.21
C SER B 284 15.34 0.92 1.78
N SER B 285 15.20 0.50 3.04
CA SER B 285 13.97 0.74 3.83
C SER B 285 13.57 2.21 3.81
N ARG B 286 14.59 3.06 3.66
CA ARG B 286 14.39 4.50 3.60
C ARG B 286 13.32 4.94 2.58
N TRP B 287 13.21 4.20 1.49
CA TRP B 287 12.31 4.54 0.39
C TRP B 287 10.99 3.76 0.40
N MET B 288 10.94 2.70 1.21
CA MET B 288 9.97 1.58 1.08
C MET B 288 8.91 1.68 2.17
N ASP B 289 7.63 1.52 1.81
CA ASP B 289 6.58 1.47 2.82
C ASP B 289 6.64 0.17 3.63
N ASN B 290 6.94 -0.95 2.95
CA ASN B 290 7.10 -2.28 3.55
C ASN B 290 8.55 -2.71 3.33
N PRO B 291 9.32 -2.88 4.41
CA PRO B 291 10.75 -3.13 4.22
C PRO B 291 11.08 -4.51 3.63
N GLN B 292 10.07 -5.37 3.45
CA GLN B 292 10.28 -6.65 2.76
C GLN B 292 9.73 -6.65 1.34
N GLN B 293 9.29 -5.48 0.86
CA GLN B 293 8.64 -5.39 -0.43
C GLN B 293 9.14 -4.19 -1.22
N LEU B 294 10.18 -4.43 -1.99
CA LEU B 294 10.75 -3.39 -2.85
C LEU B 294 9.70 -2.71 -3.74
N ASN B 295 8.69 -3.47 -4.16
CA ASN B 295 7.62 -2.93 -5.01
C ASN B 295 6.74 -1.87 -4.33
N THR B 296 7.02 -1.60 -3.06
CA THR B 296 6.36 -0.52 -2.32
C THR B 296 7.25 0.72 -2.20
N LEU B 297 8.39 0.74 -2.89
CA LEU B 297 9.26 1.93 -2.76
C LEU B 297 8.62 3.16 -3.39
N ARG B 298 8.82 4.33 -2.80
CA ARG B 298 8.23 5.54 -3.40
C ARG B 298 9.14 6.78 -3.34
N THR B 299 10.35 6.55 -3.86
CA THR B 299 11.44 7.52 -3.87
C THR B 299 11.04 8.94 -4.29
N THR B 300 10.21 9.09 -5.31
CA THR B 300 9.92 10.42 -5.86
C THR B 300 8.93 11.23 -5.01
N SER B 301 8.41 10.61 -3.94
CA SER B 301 7.49 11.30 -3.01
C SER B 301 8.20 11.64 -1.70
N ILE B 302 9.51 11.43 -1.65
CA ILE B 302 10.29 11.65 -0.46
C ILE B 302 11.36 12.69 -0.80
N VAL B 303 11.42 13.75 0.01
CA VAL B 303 12.46 14.81 -0.11
C VAL B 303 13.71 14.43 0.74
N PRO B 304 14.84 14.14 0.08
CA PRO B 304 15.98 13.55 0.79
C PRO B 304 16.81 14.58 1.58
N VAL B 305 17.15 14.24 2.84
CA VAL B 305 17.93 15.19 3.64
C VAL B 305 19.40 15.27 3.13
N ASP B 306 19.92 14.16 2.60
CA ASP B 306 21.24 14.18 1.98
C ASP B 306 21.30 15.04 0.71
N LEU B 307 20.41 14.79 -0.26
CA LEU B 307 20.40 15.59 -1.49
C LEU B 307 20.34 17.11 -1.21
N ASN B 308 19.42 17.48 -0.31
CA ASN B 308 19.22 18.92 -0.08
C ASN B 308 20.36 19.58 0.70
N SER B 309 21.06 18.79 1.51
CA SER B 309 22.32 19.26 2.12
C SER B 309 23.37 19.50 1.03
N LEU B 310 23.50 18.56 0.08
CA LEU B 310 24.42 18.73 -1.07
C LEU B 310 24.04 19.92 -1.99
N MET B 311 22.73 20.19 -2.08
CA MET B 311 22.28 21.34 -2.84
C MET B 311 22.69 22.61 -2.11
N PHE B 312 22.55 22.62 -0.78
CA PHE B 312 23.04 23.74 0.04
C PHE B 312 24.51 24.00 -0.21
N LYS B 313 25.33 22.94 -0.10
CA LYS B 313 26.77 23.06 -0.42
C LYS B 313 27.00 23.62 -1.83
N MET B 314 26.27 23.10 -2.82
CA MET B 314 26.36 23.63 -4.19
C MET B 314 26.12 25.15 -4.26
N GLU B 315 25.04 25.60 -3.65
CA GLU B 315 24.72 27.04 -3.60
C GLU B 315 25.85 27.82 -2.91
N LYS B 316 26.34 27.32 -1.76
CA LYS B 316 27.47 27.93 -1.04
C LYS B 316 28.72 28.06 -1.92
N ILE B 317 29.03 26.99 -2.65
CA ILE B 317 30.22 26.98 -3.52
C ILE B 317 30.02 27.90 -4.71
N LEU B 318 28.81 27.92 -5.29
CA LEU B 318 28.52 28.86 -6.40
C LEU B 318 28.76 30.32 -5.94
N ALA B 319 28.33 30.63 -4.72
CA ALA B 319 28.61 31.96 -4.13
C ALA B 319 30.12 32.27 -4.04
N ARG B 320 30.87 31.30 -3.50
CA ARG B 320 32.33 31.41 -3.39
CA ARG B 320 32.32 31.44 -3.40
C ARG B 320 32.98 31.60 -4.77
N ALA B 321 32.54 30.80 -5.75
CA ALA B 321 33.10 30.85 -7.12
C ALA B 321 32.78 32.18 -7.80
N SER B 322 31.55 32.64 -7.62
CA SER B 322 31.11 33.94 -8.15
C SER B 322 32.00 35.07 -7.66
N LYS B 323 32.22 35.10 -6.35
CA LYS B 323 33.08 36.11 -5.76
C LYS B 323 34.51 35.98 -6.29
N ALA B 324 35.00 34.73 -6.36
CA ALA B 324 36.36 34.48 -6.89
C ALA B 324 36.49 35.00 -8.32
N ALA B 325 35.36 35.02 -9.04
CA ALA B 325 35.34 35.54 -10.40
C ALA B 325 35.05 37.05 -10.41
N GLY B 326 35.04 37.69 -9.24
CA GLY B 326 34.83 39.11 -9.16
C GLY B 326 33.38 39.55 -9.39
N ASP B 327 32.40 38.64 -9.26
CA ASP B 327 30.98 39.06 -9.39
CA ASP B 327 30.98 38.99 -9.41
C ASP B 327 30.29 39.00 -8.04
N ASN B 328 30.44 40.09 -7.31
CA ASN B 328 29.97 40.18 -5.91
C ASN B 328 28.44 40.14 -5.70
N ALA B 329 27.69 40.76 -6.59
CA ALA B 329 26.23 40.77 -6.51
C ALA B 329 25.70 39.37 -6.80
N MET B 330 26.24 38.73 -7.84
CA MET B 330 25.90 37.34 -8.15
C MET B 330 26.21 36.43 -6.98
N ALA B 331 27.40 36.58 -6.39
CA ALA B 331 27.76 35.87 -5.15
C ALA B 331 26.69 36.05 -4.08
N ASN B 332 26.19 37.28 -3.88
CA ASN B 332 25.14 37.53 -2.89
C ASN B 332 23.82 36.84 -3.24
N GLN B 333 23.50 36.77 -4.54
CA GLN B 333 22.30 36.06 -4.98
CA GLN B 333 22.33 36.04 -5.04
C GLN B 333 22.40 34.56 -4.65
N TYR B 334 23.57 33.96 -4.80
CA TYR B 334 23.76 32.56 -4.39
C TYR B 334 23.74 32.36 -2.89
N GLU B 335 24.32 33.32 -2.17
CA GLU B 335 24.25 33.28 -0.71
C GLU B 335 22.78 33.33 -0.20
N THR B 336 21.97 34.15 -0.85
CA THR B 336 20.53 34.26 -0.51
C THR B 336 19.83 32.92 -0.73
N LEU B 337 20.14 32.27 -1.86
CA LEU B 337 19.57 30.96 -2.18
C LEU B 337 19.98 29.91 -1.17
N ALA B 338 21.25 29.98 -0.72
CA ALA B 338 21.76 29.05 0.28
C ALA B 338 21.10 29.25 1.64
N ASN B 339 20.87 30.51 2.01
CA ASN B 339 20.12 30.82 3.21
C ASN B 339 18.71 30.22 3.21
N ALA B 340 18.01 30.32 2.08
CA ALA B 340 16.66 29.75 1.93
C ALA B 340 16.70 28.24 2.09
N ARG B 341 17.71 27.64 1.45
CA ARG B 341 17.91 26.19 1.53
C ARG B 341 18.14 25.72 2.96
N GLN B 342 19.01 26.43 3.71
CA GLN B 342 19.27 26.12 5.12
C GLN B 342 18.02 26.25 5.98
N LYS B 343 17.25 27.32 5.78
CA LYS B 343 15.94 27.47 6.43
C LYS B 343 14.99 26.28 6.11
N GLY B 344 15.00 25.85 4.84
CA GLY B 344 14.20 24.71 4.37
C GLY B 344 14.58 23.40 5.03
N ILE B 345 15.90 23.16 5.16
CA ILE B 345 16.46 21.98 5.82
C ILE B 345 16.10 21.95 7.30
N GLU B 346 16.25 23.11 7.96
CA GLU B 346 16.01 23.16 9.42
C GLU B 346 14.54 22.95 9.77
N LYS B 347 13.66 23.36 8.86
CA LYS B 347 12.21 23.26 9.09
C LYS B 347 11.63 21.91 8.64
N TYR B 348 11.92 21.49 7.40
CA TYR B 348 11.29 20.30 6.84
C TYR B 348 12.11 19.02 6.91
N LEU B 349 13.39 19.12 7.28
CA LEU B 349 14.26 17.98 7.22
C LEU B 349 14.90 17.72 8.59
N TRP B 350 14.26 18.28 9.64
CA TRP B 350 14.61 17.98 11.04
C TRP B 350 13.36 17.45 11.73
N ASN B 351 13.50 16.32 12.42
CA ASN B 351 12.42 15.72 13.20
C ASN B 351 12.60 16.12 14.67
N ASP B 352 11.79 17.06 15.13
CA ASP B 352 12.05 17.66 16.45
C ASP B 352 11.53 16.79 17.58
N GLN B 353 10.63 15.88 17.21
CA GLN B 353 10.07 14.91 18.13
CA GLN B 353 10.08 14.95 18.17
C GLN B 353 11.14 13.92 18.59
N GLN B 354 11.91 13.42 17.62
CA GLN B 354 12.95 12.43 17.92
C GLN B 354 14.34 13.02 18.07
N GLY B 355 14.55 14.23 17.55
CA GLY B 355 15.82 14.92 17.71
C GLY B 355 16.87 14.46 16.71
N TRP B 356 16.45 14.35 15.44
CA TRP B 356 17.41 14.10 14.36
C TRP B 356 16.96 14.57 12.98
N TYR B 357 17.93 14.77 12.09
CA TYR B 357 17.61 15.06 10.70
C TYR B 357 16.97 13.84 10.03
N ALA B 358 16.06 14.11 9.09
CA ALA B 358 15.26 13.08 8.44
C ALA B 358 14.75 13.59 7.12
N ASP B 359 14.25 12.67 6.30
CA ASP B 359 13.60 12.98 5.03
C ASP B 359 12.21 13.57 5.25
N TYR B 360 11.67 14.24 4.23
CA TYR B 360 10.31 14.78 4.31
C TYR B 360 9.38 14.00 3.39
N ASP B 361 8.20 13.66 3.90
CA ASP B 361 7.23 12.86 3.19
C ASP B 361 6.19 13.75 2.52
N LEU B 362 6.19 13.77 1.18
CA LEU B 362 5.23 14.60 0.46
C LEU B 362 3.81 14.05 0.51
N LYS B 363 3.70 12.73 0.68
CA LYS B 363 2.41 12.08 0.77
C LYS B 363 1.69 12.44 2.07
N SER B 364 2.39 12.33 3.18
CA SER B 364 1.79 12.59 4.50
C SER B 364 1.96 14.05 4.95
N HIS B 365 2.77 14.82 4.20
CA HIS B 365 3.12 16.21 4.53
C HIS B 365 3.75 16.31 5.92
N LYS B 366 4.67 15.40 6.22
CA LYS B 366 5.31 15.31 7.53
C LYS B 366 6.79 14.96 7.41
N VAL B 367 7.60 15.46 8.34
CA VAL B 367 8.97 14.98 8.49
C VAL B 367 8.86 13.53 8.92
N ARG B 368 9.72 12.68 8.34
CA ARG B 368 9.72 11.25 8.58
C ARG B 368 10.43 10.89 9.89
N ASN B 369 10.17 9.67 10.39
CA ASN B 369 10.72 9.28 11.68
CA ASN B 369 10.68 9.24 11.68
C ASN B 369 12.07 8.57 11.62
N GLN B 370 12.29 7.83 10.54
CA GLN B 370 13.45 6.95 10.46
C GLN B 370 14.79 7.67 10.52
N LEU B 371 15.69 7.15 11.38
CA LEU B 371 17.07 7.66 11.42
C LEU B 371 17.91 6.81 10.47
N THR B 372 18.58 7.47 9.52
CA THR B 372 19.54 6.81 8.63
C THR B 372 20.82 7.64 8.63
N ALA B 373 21.85 7.09 8.02
CA ALA B 373 23.14 7.77 7.90
C ALA B 373 23.04 9.08 7.09
N ALA B 374 21.95 9.24 6.32
CA ALA B 374 21.74 10.47 5.57
C ALA B 374 21.62 11.66 6.51
N ALA B 375 21.20 11.40 7.75
CA ALA B 375 21.01 12.45 8.75
C ALA B 375 22.27 13.25 9.15
N LEU B 376 23.46 12.72 8.83
CA LEU B 376 24.70 13.43 9.11
C LEU B 376 25.02 14.47 8.03
N PHE B 377 24.34 14.42 6.89
CA PHE B 377 24.69 15.33 5.79
C PHE B 377 24.54 16.81 6.15
N PRO B 378 23.49 17.18 6.94
CA PRO B 378 23.45 18.61 7.31
C PRO B 378 24.68 19.08 8.11
N LEU B 379 25.28 18.19 8.90
CA LEU B 379 26.53 18.51 9.60
C LEU B 379 27.68 18.62 8.61
N TYR B 380 27.74 17.65 7.70
CA TYR B 380 28.81 17.57 6.71
C TYR B 380 28.91 18.86 5.93
N VAL B 381 27.76 19.41 5.54
CA VAL B 381 27.80 20.61 4.68
C VAL B 381 27.76 21.94 5.47
N ASN B 382 27.84 21.83 6.80
CA ASN B 382 27.75 22.98 7.73
C ASN B 382 26.47 23.78 7.65
N ALA B 383 25.34 23.08 7.39
CA ALA B 383 24.01 23.69 7.42
C ALA B 383 23.40 23.67 8.81
N ALA B 384 23.84 22.74 9.65
CA ALA B 384 23.15 22.45 10.92
C ALA B 384 23.43 23.44 12.03
N ALA B 385 22.40 23.76 12.84
CA ALA B 385 22.61 24.49 14.09
C ALA B 385 23.51 23.65 15.01
N LYS B 386 24.33 24.34 15.81
CA LYS B 386 25.27 23.62 16.69
C LYS B 386 24.55 22.69 17.67
N ASP B 387 23.41 23.12 18.20
CA ASP B 387 22.67 22.31 19.16
C ASP B 387 22.12 21.04 18.49
N ARG B 388 21.78 21.14 17.20
CA ARG B 388 21.26 19.99 16.45
C ARG B 388 22.38 19.04 16.06
N ALA B 389 23.54 19.61 15.77
CA ALA B 389 24.74 18.82 15.53
C ALA B 389 25.13 17.96 16.74
N ASN B 390 25.01 18.53 17.95
CA ASN B 390 25.32 17.76 19.19
C ASN B 390 24.27 16.69 19.42
N LYS B 391 23.02 17.00 19.10
CA LYS B 391 21.96 16.02 19.13
C LYS B 391 22.25 14.86 18.18
N MET B 392 22.71 15.17 16.96
CA MET B 392 23.15 14.15 16.00
C MET B 392 24.30 13.28 16.50
N ALA B 393 25.23 13.86 17.26
CA ALA B 393 26.32 13.07 17.82
C ALA B 393 25.75 11.99 18.73
N THR B 394 24.75 12.37 19.53
CA THR B 394 24.12 11.45 20.46
C THR B 394 23.35 10.37 19.71
N ALA B 395 22.50 10.79 18.77
CA ALA B 395 21.74 9.88 17.92
C ALA B 395 22.65 8.91 17.21
N THR B 396 23.79 9.41 16.75
CA THR B 396 24.74 8.56 16.06
C THR B 396 25.29 7.46 16.99
N LYS B 397 25.79 7.87 18.15
CA LYS B 397 26.36 6.95 19.14
C LYS B 397 25.37 5.84 19.53
N THR B 398 24.16 6.27 19.88
CA THR B 398 23.12 5.39 20.39
C THR B 398 22.56 4.45 19.30
N HIS B 399 22.44 4.93 18.06
CA HIS B 399 21.72 4.18 17.04
C HIS B 399 22.52 3.62 15.86
N LEU B 400 23.54 4.33 15.41
CA LEU B 400 24.18 3.95 14.16
C LEU B 400 25.59 3.42 14.31
N LEU B 401 26.27 3.79 15.39
CA LEU B 401 27.64 3.35 15.55
C LEU B 401 27.67 1.88 15.94
N GLN B 402 28.40 1.10 15.16
CA GLN B 402 28.56 -0.33 15.39
C GLN B 402 30.03 -0.67 15.46
N PRO B 403 30.37 -1.89 15.94
CA PRO B 403 31.78 -2.27 16.07
C PRO B 403 32.57 -2.21 14.76
N GLY B 404 31.92 -2.47 13.62
CA GLY B 404 32.58 -2.44 12.33
C GLY B 404 32.37 -1.15 11.55
N GLY B 405 31.82 -0.12 12.20
CA GLY B 405 31.61 1.20 11.58
C GLY B 405 30.20 1.73 11.70
N LEU B 406 29.89 2.74 10.88
CA LEU B 406 28.58 3.40 10.92
C LEU B 406 27.58 2.59 10.10
N ASN B 407 26.45 2.23 10.72
CA ASN B 407 25.39 1.49 10.03
C ASN B 407 24.65 2.43 9.09
N THR B 408 24.19 1.90 7.96
CA THR B 408 23.48 2.74 6.98
C THR B 408 22.10 3.11 7.49
N THR B 409 21.43 2.13 8.10
CA THR B 409 20.17 2.30 8.81
C THR B 409 20.19 1.30 9.97
N SER B 410 19.11 1.26 10.75
CA SER B 410 18.95 0.30 11.84
CA SER B 410 19.00 0.27 11.81
C SER B 410 17.91 -0.74 11.47
N VAL B 411 17.58 -0.81 10.18
CA VAL B 411 16.58 -1.77 9.69
C VAL B 411 17.27 -2.83 8.84
N LYS B 412 17.29 -4.07 9.32
CA LYS B 412 17.92 -5.16 8.57
C LYS B 412 16.91 -5.79 7.58
N SER B 413 16.77 -5.13 6.44
CA SER B 413 15.74 -5.46 5.46
C SER B 413 16.17 -6.54 4.47
N GLY B 414 17.48 -6.75 4.36
CA GLY B 414 18.04 -7.57 3.28
C GLY B 414 18.47 -6.73 2.08
N GLN B 415 18.16 -5.44 2.11
CA GLN B 415 18.58 -4.53 1.03
C GLN B 415 19.99 -4.05 1.30
N GLN B 416 20.65 -3.56 0.24
CA GLN B 416 22.04 -3.05 0.30
C GLN B 416 22.27 -1.82 1.18
N TRP B 417 21.41 -0.81 1.04
CA TRP B 417 21.55 0.43 1.80
C TRP B 417 20.71 0.38 3.08
N ASP B 418 21.13 -0.52 3.97
CA ASP B 418 20.42 -0.81 5.22
C ASP B 418 21.37 -1.61 6.12
N ALA B 419 21.06 -1.64 7.40
CA ALA B 419 21.73 -2.56 8.34
C ALA B 419 21.78 -3.95 7.71
N PRO B 420 22.90 -4.69 7.91
CA PRO B 420 24.09 -4.30 8.67
C PRO B 420 25.18 -3.71 7.78
N ASN B 421 24.81 -3.12 6.65
CA ASN B 421 25.83 -2.69 5.69
C ASN B 421 26.40 -1.31 5.98
N GLY B 422 27.73 -1.20 5.97
CA GLY B 422 28.44 0.06 6.18
C GLY B 422 29.17 0.42 4.88
N TRP B 423 28.91 1.63 4.38
CA TRP B 423 29.47 2.06 3.09
C TRP B 423 30.43 3.24 3.29
N ALA B 424 31.63 3.12 2.72
CA ALA B 424 32.70 4.13 2.84
C ALA B 424 32.22 5.59 2.71
N PRO B 425 31.46 5.92 1.65
CA PRO B 425 31.04 7.36 1.56
C PRO B 425 30.34 7.84 2.84
N LEU B 426 29.41 7.03 3.36
CA LEU B 426 28.63 7.39 4.55
C LEU B 426 29.51 7.47 5.80
N GLN B 427 30.56 6.65 5.85
CA GLN B 427 31.51 6.73 6.97
C GLN B 427 32.19 8.09 6.95
N TRP B 428 32.61 8.52 5.77
CA TRP B 428 33.38 9.74 5.65
C TRP B 428 32.50 10.98 5.85
N VAL B 429 31.31 10.98 5.24
CA VAL B 429 30.36 12.10 5.45
C VAL B 429 30.08 12.29 6.95
N ALA B 430 29.80 11.19 7.65
CA ALA B 430 29.58 11.20 9.09
C ALA B 430 30.82 11.66 9.88
N THR B 431 31.98 11.07 9.59
CA THR B 431 33.22 11.48 10.26
C THR B 431 33.47 13.00 10.15
N GLU B 432 33.41 13.52 8.94
CA GLU B 432 33.68 14.93 8.68
C GLU B 432 32.63 15.84 9.26
N GLY B 433 31.36 15.45 9.11
CA GLY B 433 30.25 16.20 9.68
C GLY B 433 30.43 16.40 11.17
N LEU B 434 30.77 15.32 11.86
CA LEU B 434 30.95 15.38 13.30
C LEU B 434 32.17 16.21 13.70
N GLN B 435 33.28 16.02 12.97
CA GLN B 435 34.49 16.85 13.16
C GLN B 435 34.18 18.33 13.00
N ASN B 436 33.36 18.65 12.00
CA ASN B 436 32.97 20.03 11.68
C ASN B 436 32.40 20.70 12.91
N TYR B 437 31.73 19.93 13.77
CA TYR B 437 31.15 20.51 14.99
C TYR B 437 31.88 20.13 16.27
N GLY B 438 33.12 19.67 16.12
CA GLY B 438 33.97 19.36 17.28
C GLY B 438 33.53 18.11 18.05
N GLN B 439 32.78 17.22 17.40
CA GLN B 439 32.37 15.97 18.04
C GLN B 439 33.41 14.90 17.71
N LYS B 440 34.62 15.12 18.24
CA LYS B 440 35.80 14.34 17.89
C LYS B 440 35.70 12.88 18.30
N GLU B 441 35.06 12.62 19.42
CA GLU B 441 35.01 11.25 19.95
C GLU B 441 34.25 10.31 19.01
N VAL B 442 33.03 10.71 18.64
CA VAL B 442 32.18 9.90 17.76
C VAL B 442 32.83 9.74 16.38
N ALA B 443 33.37 10.83 15.84
CA ALA B 443 34.05 10.79 14.56
C ALA B 443 35.21 9.79 14.58
N MET B 444 36.01 9.81 15.66
CA MET B 444 37.13 8.88 15.82
C MET B 444 36.67 7.42 15.92
N ASP B 445 35.60 7.22 16.69
CA ASP B 445 34.98 5.89 16.80
C ASP B 445 34.59 5.34 15.44
N ILE B 446 33.85 6.12 14.64
CA ILE B 446 33.51 5.67 13.28
C ILE B 446 34.75 5.29 12.49
N SER B 447 35.75 6.17 12.52
CA SER B 447 36.96 5.94 11.78
C SER B 447 37.75 4.68 12.20
N TRP B 448 37.97 4.50 13.50
CA TRP B 448 38.72 3.34 14.01
C TRP B 448 37.95 2.06 13.73
N HIS B 449 36.66 2.07 14.03
CA HIS B 449 35.80 0.89 13.81
C HIS B 449 35.76 0.47 12.35
N PHE B 450 35.45 1.40 11.46
CA PHE B 450 35.46 1.10 10.00
C PHE B 450 36.82 0.64 9.47
N LEU B 451 37.87 1.38 9.80
CA LEU B 451 39.21 1.01 9.32
C LEU B 451 39.63 -0.39 9.77
N THR B 452 39.35 -0.73 11.03
CA THR B 452 39.63 -2.06 11.57
C THR B 452 38.90 -3.11 10.73
N ASN B 453 37.61 -2.86 10.48
CA ASN B 453 36.85 -3.68 9.55
C ASN B 453 37.60 -3.83 8.24
N VAL B 454 38.03 -2.70 7.66
CA VAL B 454 38.75 -2.74 6.37
C VAL B 454 40.09 -3.49 6.48
N GLN B 455 40.84 -3.21 7.55
CA GLN B 455 42.15 -3.84 7.77
C GLN B 455 42.00 -5.37 7.94
N HIS B 456 40.99 -5.81 8.67
CA HIS B 456 40.80 -7.26 8.92
C HIS B 456 40.54 -8.01 7.64
N THR B 457 39.60 -7.50 6.84
CA THR B 457 39.37 -8.01 5.49
C THR B 457 40.61 -7.96 4.60
N TYR B 458 41.38 -6.86 4.65
CA TYR B 458 42.63 -6.80 3.87
C TYR B 458 43.63 -7.86 4.31
N ASP B 459 43.75 -8.02 5.62
CA ASP B 459 44.68 -8.98 6.20
C ASP B 459 44.43 -10.40 5.70
N ARG B 460 43.17 -10.80 5.66
CA ARG B 460 42.77 -12.16 5.29
C ARG B 460 42.64 -12.37 3.79
N GLU B 461 42.18 -11.35 3.07
CA GLU B 461 41.89 -11.50 1.63
C GLU B 461 42.80 -10.70 0.68
N LYS B 462 43.60 -9.79 1.26
CA LYS B 462 44.47 -8.89 0.48
C LYS B 462 43.66 -8.07 -0.54
N LYS B 463 42.46 -7.69 -0.14
CA LYS B 463 41.60 -6.86 -1.00
C LYS B 463 40.76 -5.86 -0.20
N LEU B 464 40.26 -4.84 -0.92
CA LEU B 464 39.23 -3.94 -0.41
C LEU B 464 37.98 -4.15 -1.24
N VAL B 465 36.83 -3.97 -0.62
CA VAL B 465 35.55 -4.29 -1.23
C VAL B 465 34.57 -3.10 -1.10
N GLU B 466 33.48 -3.17 -1.83
CA GLU B 466 32.49 -2.08 -1.92
C GLU B 466 31.79 -1.70 -0.61
N LYS B 467 31.59 -2.67 0.29
CA LYS B 467 30.87 -2.44 1.52
C LYS B 467 31.33 -3.47 2.54
N TYR B 468 30.95 -3.23 3.80
CA TYR B 468 31.40 -4.03 4.96
C TYR B 468 30.22 -4.25 5.89
N ASP B 469 30.23 -5.38 6.58
CA ASP B 469 29.21 -5.69 7.56
C ASP B 469 29.69 -5.09 8.87
N VAL B 470 28.91 -4.15 9.43
CA VAL B 470 29.34 -3.43 10.64
C VAL B 470 29.04 -4.11 11.97
N SER B 471 28.38 -5.28 11.94
CA SER B 471 27.99 -6.00 13.16
CA SER B 471 27.98 -5.98 13.17
C SER B 471 29.20 -6.40 14.00
N THR B 472 30.32 -6.65 13.31
CA THR B 472 31.60 -6.99 13.92
C THR B 472 32.66 -6.46 12.97
N THR B 473 33.92 -6.45 13.39
CA THR B 473 35.00 -6.18 12.45
C THR B 473 35.52 -7.50 11.89
N PRO B 483 27.23 -10.94 -5.84
CA PRO B 483 28.57 -11.06 -5.30
C PRO B 483 29.19 -9.70 -4.97
N LEU B 484 29.86 -9.66 -3.83
CA LEU B 484 30.63 -8.52 -3.40
C LEU B 484 31.70 -8.13 -4.42
N GLN B 485 31.76 -6.84 -4.76
CA GLN B 485 32.72 -6.34 -5.74
C GLN B 485 33.97 -5.82 -5.03
N ASP B 486 35.13 -6.02 -5.67
CA ASP B 486 36.45 -5.66 -5.11
CA ASP B 486 36.37 -5.57 -5.03
C ASP B 486 37.08 -4.47 -5.83
N GLY B 487 38.01 -3.80 -5.16
CA GLY B 487 38.78 -2.70 -5.73
C GLY B 487 39.32 -1.93 -4.55
N PHE B 488 38.53 -1.02 -3.96
CA PHE B 488 37.25 -0.57 -4.54
C PHE B 488 37.20 0.95 -4.39
N GLY B 489 36.96 1.65 -5.50
CA GLY B 489 37.14 3.12 -5.55
C GLY B 489 36.90 3.89 -4.26
N TRP B 490 35.64 4.03 -3.83
CA TRP B 490 35.35 4.84 -2.62
C TRP B 490 35.90 4.30 -1.28
N THR B 491 35.97 2.98 -1.16
CA THR B 491 36.60 2.38 0.02
C THR B 491 38.06 2.79 0.11
N ASN B 492 38.78 2.67 -1.00
CA ASN B 492 40.19 3.00 -1.08
C ASN B 492 40.48 4.45 -0.72
N GLY B 493 39.71 5.37 -1.30
CA GLY B 493 39.85 6.80 -1.04
C GLY B 493 39.56 7.14 0.40
N VAL B 494 38.42 6.63 0.91
CA VAL B 494 38.04 6.91 2.30
C VAL B 494 39.03 6.32 3.32
N THR B 495 39.54 5.13 3.05
CA THR B 495 40.55 4.50 3.90
C THR B 495 41.81 5.38 4.06
N LEU B 496 42.31 5.91 2.94
CA LEU B 496 43.48 6.80 2.98
C LEU B 496 43.23 8.02 3.88
N LYS B 497 42.03 8.61 3.77
CA LYS B 497 41.68 9.80 4.52
C LYS B 497 41.61 9.45 6.01
N MET B 498 41.00 8.30 6.29
CA MET B 498 40.85 7.88 7.66
C MET B 498 42.20 7.46 8.30
N LEU B 499 43.06 6.80 7.52
CA LEU B 499 44.42 6.44 7.98
C LEU B 499 45.23 7.68 8.39
N ASP B 500 45.13 8.74 7.60
CA ASP B 500 45.82 9.99 7.91
C ASP B 500 45.22 10.59 9.18
N LEU B 501 43.92 10.40 9.36
CA LEU B 501 43.19 10.96 10.48
C LEU B 501 43.57 10.33 11.81
N ILE B 502 43.64 9.01 11.85
CA ILE B 502 43.76 8.31 13.13
C ILE B 502 45.18 8.27 13.70
N CYS B 503 46.18 8.51 12.84
CA CYS B 503 47.58 8.50 13.28
C CYS B 503 48.18 9.89 13.17
N PRO B 504 49.21 10.18 14.00
CA PRO B 504 49.82 11.50 13.99
C PRO B 504 50.38 11.84 12.61
N LYS B 505 50.43 13.12 12.27
CA LYS B 505 51.00 13.51 10.99
C LYS B 505 52.47 13.09 10.80
N GLU B 506 53.23 12.91 11.89
CA GLU B 506 54.67 12.55 11.80
C GLU B 506 55.00 11.10 12.12
N GLN B 507 54.00 10.36 12.59
CA GLN B 507 54.06 8.91 12.56
C GLN B 507 52.90 8.47 11.67
N PRO B 508 53.04 8.60 10.35
CA PRO B 508 51.95 8.08 9.52
C PRO B 508 51.84 6.56 9.64
N CYS B 509 50.63 6.02 9.47
CA CYS B 509 50.43 4.59 9.45
CA CYS B 509 50.40 4.59 9.44
C CYS B 509 50.12 4.10 8.04
N ASP B 510 50.62 2.91 7.71
CA ASP B 510 50.36 2.28 6.43
C ASP B 510 49.39 1.10 6.61
N ASN B 511 49.25 0.65 7.85
CA ASN B 511 48.22 -0.30 8.26
C ASN B 511 47.56 0.29 9.49
N VAL B 512 46.32 -0.13 9.77
CA VAL B 512 45.63 0.30 10.97
C VAL B 512 46.29 -0.34 12.21
N PRO B 513 46.58 0.46 13.25
CA PRO B 513 47.09 -0.05 14.54
C PRO B 513 46.13 -0.99 15.27
N ALA B 514 46.65 -1.94 16.04
CA ALA B 514 45.81 -2.69 16.99
C ALA B 514 45.96 -2.12 18.38
N GLN C 8 -21.73 -14.99 28.26
CA GLN C 8 -21.96 -14.39 26.89
C GLN C 8 -22.92 -13.21 26.97
N PRO C 9 -22.62 -12.07 26.29
CA PRO C 9 -23.53 -10.92 26.50
C PRO C 9 -24.90 -11.11 25.81
N PRO C 10 -25.93 -10.35 26.25
CA PRO C 10 -27.29 -10.69 25.84
C PRO C 10 -27.50 -10.61 24.32
N ASP C 11 -26.80 -9.72 23.63
CA ASP C 11 -26.97 -9.60 22.18
C ASP C 11 -26.50 -10.85 21.41
N ILE C 12 -25.47 -11.52 21.95
CA ILE C 12 -24.92 -12.71 21.34
C ILE C 12 -25.79 -13.92 21.65
N LEU C 13 -26.16 -14.03 22.93
CA LEU C 13 -27.05 -15.08 23.43
C LEU C 13 -28.39 -15.12 22.69
N LEU C 14 -28.98 -13.94 22.45
CA LEU C 14 -30.34 -13.86 21.89
C LEU C 14 -30.42 -13.49 20.42
N GLY C 15 -29.30 -13.07 19.85
CA GLY C 15 -29.27 -12.67 18.44
C GLY C 15 -30.21 -11.54 18.08
N PRO C 16 -30.91 -11.65 16.94
CA PRO C 16 -31.83 -10.59 16.47
C PRO C 16 -32.97 -10.29 17.46
N LEU C 17 -33.36 -11.27 18.27
CA LEU C 17 -34.36 -11.02 19.31
C LEU C 17 -34.00 -9.86 20.25
N PHE C 18 -32.75 -9.82 20.72
CA PHE C 18 -32.27 -8.72 21.59
C PHE C 18 -32.41 -7.38 20.86
N ASN C 19 -31.92 -7.34 19.63
CA ASN C 19 -32.01 -6.15 18.77
C ASN C 19 -33.45 -5.69 18.63
N ASP C 20 -34.37 -6.62 18.38
CA ASP C 20 -35.80 -6.28 18.20
C ASP C 20 -36.45 -5.66 19.44
N VAL C 21 -36.16 -6.24 20.60
CA VAL C 21 -36.72 -5.77 21.87
C VAL C 21 -36.17 -4.38 22.24
N GLN C 22 -34.86 -4.18 22.04
CA GLN C 22 -34.22 -2.91 22.36
C GLN C 22 -34.72 -1.78 21.45
N ASN C 23 -34.77 -2.07 20.16
CA ASN C 23 -35.24 -1.12 19.13
C ASN C 23 -36.71 -0.77 19.30
N ALA C 24 -37.51 -1.71 19.77
CA ALA C 24 -38.93 -1.46 19.98
C ALA C 24 -39.14 -0.61 21.22
N LYS C 25 -38.09 -0.48 22.05
CA LYS C 25 -38.17 0.33 23.25
C LYS C 25 -39.37 -0.09 24.09
N LEU C 26 -39.52 -1.40 24.30
CA LEU C 26 -40.55 -1.91 25.23
C LEU C 26 -40.37 -1.38 26.65
N PHE C 27 -39.12 -1.12 27.05
CA PHE C 27 -38.80 -0.56 28.36
C PHE C 27 -38.07 0.78 28.16
N PRO C 28 -38.35 1.78 29.01
CA PRO C 28 -37.77 3.10 28.82
C PRO C 28 -36.26 3.17 29.08
N ASP C 29 -35.71 2.15 29.75
CA ASP C 29 -34.25 2.01 29.95
C ASP C 29 -33.76 0.81 29.12
N GLN C 30 -32.75 1.02 28.30
CA GLN C 30 -32.13 -0.05 27.51
C GLN C 30 -31.44 -1.07 28.41
N LYS C 31 -31.07 -0.64 29.62
CA LYS C 31 -30.41 -1.56 30.55
C LYS C 31 -31.38 -2.62 31.03
N THR C 32 -32.68 -2.30 31.02
CA THR C 32 -33.68 -3.24 31.54
C THR C 32 -33.65 -4.59 30.82
N PHE C 33 -33.70 -4.60 29.49
CA PHE C 33 -33.72 -5.88 28.80
C PHE C 33 -32.36 -6.54 28.83
N ALA C 34 -31.31 -5.74 28.91
CA ALA C 34 -29.92 -6.29 29.12
C ALA C 34 -29.82 -7.10 30.43
N ASP C 35 -30.67 -6.75 31.40
CA ASP C 35 -30.67 -7.42 32.74
C ASP C 35 -31.78 -8.48 32.89
N ALA C 36 -32.54 -8.70 31.82
CA ALA C 36 -33.61 -9.70 31.84
C ALA C 36 -33.01 -11.12 31.88
N VAL C 37 -33.64 -12.01 32.64
CA VAL C 37 -33.17 -13.39 32.79
C VAL C 37 -34.03 -14.35 31.98
N PRO C 38 -33.43 -14.98 30.96
CA PRO C 38 -34.14 -15.99 30.16
C PRO C 38 -34.65 -17.12 31.03
N ASN C 39 -35.90 -17.53 30.80
CA ASN C 39 -36.49 -18.65 31.54
C ASN C 39 -36.10 -20.05 31.03
N SER C 40 -35.38 -20.07 29.91
CA SER C 40 -34.94 -21.32 29.29
C SER C 40 -33.74 -20.99 28.41
N ASP C 41 -33.20 -21.99 27.73
CA ASP C 41 -32.03 -21.78 26.87
C ASP C 41 -32.33 -20.71 25.81
N PRO C 42 -31.53 -19.62 25.78
CA PRO C 42 -31.68 -18.55 24.80
C PRO C 42 -31.63 -19.03 23.36
N LEU C 43 -30.92 -20.13 23.10
CA LEU C 43 -30.91 -20.71 21.77
C LEU C 43 -32.31 -21.24 21.38
N MET C 44 -33.01 -21.81 22.35
CA MET C 44 -34.38 -22.28 22.09
C MET C 44 -35.40 -21.13 22.10
N ILE C 45 -35.17 -20.10 22.92
CA ILE C 45 -35.99 -18.87 22.84
C ILE C 45 -35.90 -18.26 21.45
N LEU C 46 -34.68 -18.17 20.89
CA LEU C 46 -34.49 -17.58 19.55
C LEU C 46 -35.20 -18.39 18.47
N ALA C 47 -35.09 -19.71 18.57
CA ALA C 47 -35.76 -20.64 17.65
C ALA C 47 -37.26 -20.44 17.72
N ASP C 48 -37.78 -20.43 18.95
CA ASP C 48 -39.21 -20.18 19.22
C ASP C 48 -39.65 -18.81 18.66
N TYR C 49 -38.85 -17.77 18.92
CA TYR C 49 -39.15 -16.43 18.42
C TYR C 49 -39.26 -16.40 16.89
N ARG C 50 -38.32 -17.05 16.22
CA ARG C 50 -38.32 -17.05 14.76
C ARG C 50 -39.58 -17.69 14.19
N MET C 51 -40.08 -18.72 14.86
CA MET C 51 -41.31 -19.37 14.43
C MET C 51 -42.55 -18.50 14.68
N GLN C 52 -42.66 -17.99 15.90
CA GLN C 52 -43.81 -17.21 16.36
C GLN C 52 -43.95 -15.81 15.76
N GLN C 53 -42.84 -15.18 15.42
CA GLN C 53 -42.85 -13.74 15.19
C GLN C 53 -43.72 -13.27 14.04
N ASN C 54 -43.88 -14.12 13.02
CA ASN C 54 -44.73 -13.80 11.88
C ASN C 54 -46.09 -14.49 11.97
N GLN C 55 -46.42 -14.98 13.15
CA GLN C 55 -47.74 -15.54 13.37
C GLN C 55 -48.73 -14.38 13.53
N SER C 56 -49.91 -14.57 12.94
CA SER C 56 -50.98 -13.60 13.03
C SER C 56 -51.18 -13.16 14.48
N GLY C 57 -51.08 -11.86 14.73
CA GLY C 57 -51.30 -11.34 16.07
C GLY C 57 -50.12 -11.45 17.03
N PHE C 58 -48.95 -11.82 16.54
CA PHE C 58 -47.78 -11.91 17.42
C PHE C 58 -47.58 -10.63 18.22
N ASP C 59 -47.43 -10.76 19.54
CA ASP C 59 -47.19 -9.63 20.43
CA ASP C 59 -47.11 -9.59 20.35
C ASP C 59 -45.80 -9.74 21.09
N LEU C 60 -44.85 -8.89 20.73
CA LEU C 60 -43.47 -8.98 21.25
C LEU C 60 -43.40 -8.81 22.76
N ARG C 61 -44.22 -7.91 23.31
CA ARG C 61 -44.23 -7.71 24.75
C ARG C 61 -44.67 -8.95 25.50
N HIS C 62 -45.70 -9.62 24.97
CA HIS C 62 -46.17 -10.85 25.58
C HIS C 62 -45.07 -11.94 25.49
N PHE C 63 -44.48 -12.09 24.32
CA PHE C 63 -43.37 -13.05 24.14
C PHE C 63 -42.25 -12.84 25.18
N VAL C 64 -41.87 -11.60 25.41
CA VAL C 64 -40.84 -11.29 26.40
C VAL C 64 -41.31 -11.67 27.82
N ASN C 65 -42.55 -11.33 28.17
CA ASN C 65 -43.09 -11.60 29.49
C ASN C 65 -43.10 -13.07 29.82
N VAL C 66 -43.34 -13.87 28.79
CA VAL C 66 -43.44 -15.33 28.91
C VAL C 66 -42.06 -15.99 29.03
N ASN C 67 -41.07 -15.43 28.35
CA ASN C 67 -39.77 -16.07 28.22
C ASN C 67 -38.65 -15.50 29.11
N PHE C 68 -38.96 -14.44 29.86
CA PHE C 68 -37.97 -13.75 30.68
C PHE C 68 -38.53 -13.29 32.01
N THR C 69 -37.67 -13.30 33.04
CA THR C 69 -37.93 -12.56 34.27
CA THR C 69 -37.98 -12.52 34.24
C THR C 69 -37.22 -11.22 34.16
N LEU C 70 -37.95 -10.15 34.41
CA LEU C 70 -37.43 -8.81 34.29
C LEU C 70 -37.01 -8.26 35.62
N PRO C 71 -36.07 -7.29 35.64
CA PRO C 71 -35.74 -6.55 36.86
C PRO C 71 -37.02 -6.03 37.51
N LYS C 72 -37.02 -5.92 38.84
CA LYS C 72 -38.13 -5.24 39.55
C LYS C 72 -38.07 -3.74 39.31
N GLU C 73 -39.23 -3.08 39.34
CA GLU C 73 -39.31 -1.68 38.89
C GLU C 73 -40.12 -0.71 39.77
N GLY C 74 -41.16 -1.19 40.43
CA GLY C 74 -42.07 -0.27 41.14
C GLY C 74 -41.59 0.38 42.44
N GLU C 75 -40.46 -0.06 42.98
CA GLU C 75 -40.08 0.27 44.38
C GLU C 75 -39.28 1.55 44.63
N LYS C 76 -39.52 2.15 45.80
CA LYS C 76 -38.88 3.40 46.15
C LYS C 76 -38.47 3.35 47.61
N TYR C 77 -37.22 3.71 47.86
CA TYR C 77 -36.72 3.82 49.20
C TYR C 77 -37.31 5.04 49.91
N VAL C 78 -37.74 4.86 51.15
CA VAL C 78 -38.31 5.95 51.95
C VAL C 78 -37.49 6.13 53.22
N PRO C 79 -36.62 7.15 53.26
CA PRO C 79 -35.89 7.40 54.49
C PRO C 79 -36.82 8.03 55.54
N PRO C 80 -36.50 7.87 56.83
CA PRO C 80 -37.23 8.59 57.87
C PRO C 80 -36.85 10.08 57.85
N GLU C 81 -37.67 10.90 58.48
CA GLU C 81 -37.46 12.35 58.43
C GLU C 81 -36.31 12.86 59.29
N GLY C 82 -35.66 13.91 58.82
CA GLY C 82 -34.70 14.62 59.65
C GLY C 82 -33.44 13.92 60.19
N GLN C 83 -33.02 12.83 59.55
CA GLN C 83 -31.72 12.20 59.88
C GLN C 83 -30.59 13.08 59.39
N SER C 84 -29.47 13.07 60.09
CA SER C 84 -28.33 13.85 59.62
C SER C 84 -27.78 13.22 58.34
N LEU C 85 -27.02 14.01 57.59
CA LEU C 85 -26.30 13.52 56.42
C LEU C 85 -25.51 12.25 56.75
N ARG C 86 -24.73 12.29 57.82
CA ARG C 86 -23.88 11.15 58.19
C ARG C 86 -24.67 9.90 58.56
N GLU C 87 -25.71 10.06 59.38
CA GLU C 87 -26.54 8.91 59.74
CA GLU C 87 -26.58 8.94 59.75
C GLU C 87 -27.30 8.37 58.53
N HIS C 88 -27.78 9.25 57.64
CA HIS C 88 -28.43 8.75 56.44
C HIS C 88 -27.50 7.79 55.66
N ILE C 89 -26.28 8.24 55.39
CA ILE C 89 -25.29 7.45 54.66
C ILE C 89 -24.98 6.12 55.37
N ASP C 90 -24.64 6.24 56.66
CA ASP C 90 -24.22 5.09 57.44
C ASP C 90 -25.25 3.98 57.53
N GLY C 91 -26.53 4.33 57.54
CA GLY C 91 -27.58 3.36 57.65
C GLY C 91 -27.97 2.75 56.32
N LEU C 92 -27.52 3.37 55.21
CA LEU C 92 -27.85 2.89 53.86
C LEU C 92 -27.03 1.70 53.38
N TRP C 93 -25.93 1.38 54.06
CA TRP C 93 -25.04 0.33 53.54
C TRP C 93 -25.73 -1.03 53.28
N PRO C 94 -26.60 -1.50 54.22
CA PRO C 94 -27.31 -2.77 54.00
C PRO C 94 -28.24 -2.72 52.80
N VAL C 95 -28.82 -1.54 52.59
CA VAL C 95 -29.75 -1.32 51.47
C VAL C 95 -29.03 -1.41 50.11
N LEU C 96 -27.81 -0.90 50.06
CA LEU C 96 -27.01 -0.95 48.82
C LEU C 96 -26.22 -2.25 48.68
N THR C 97 -26.34 -3.14 49.66
CA THR C 97 -25.63 -4.41 49.63
C THR C 97 -26.42 -5.49 48.92
N ARG C 98 -25.76 -6.21 48.02
CA ARG C 98 -26.32 -7.37 47.34
C ARG C 98 -25.47 -8.59 47.66
N SER C 99 -26.08 -9.76 47.54
CA SER C 99 -25.45 -11.05 47.86
C SER C 99 -25.89 -11.94 46.71
N THR C 100 -25.00 -12.20 45.76
CA THR C 100 -25.36 -13.00 44.59
C THR C 100 -24.34 -14.09 44.29
N GLU C 101 -24.22 -15.02 45.24
CA GLU C 101 -23.22 -16.10 45.17
C GLU C 101 -23.53 -17.10 44.07
N ASN C 102 -24.81 -17.26 43.78
CA ASN C 102 -25.26 -18.06 42.66
C ASN C 102 -26.32 -17.32 41.88
N THR C 103 -26.27 -17.46 40.56
CA THR C 103 -27.21 -16.82 39.68
C THR C 103 -27.89 -17.88 38.81
N GLU C 104 -29.11 -17.61 38.40
CA GLU C 104 -29.77 -18.48 37.43
C GLU C 104 -28.91 -18.60 36.19
N LYS C 105 -29.00 -19.75 35.54
CA LYS C 105 -28.29 -19.95 34.29
C LYS C 105 -28.83 -18.94 33.28
N TRP C 106 -27.89 -18.35 32.54
CA TRP C 106 -28.18 -17.34 31.51
C TRP C 106 -28.47 -15.92 32.01
N ASP C 107 -28.47 -15.69 33.33
CA ASP C 107 -28.51 -14.34 33.87
C ASP C 107 -27.28 -13.55 33.37
N SER C 108 -27.47 -12.28 33.01
CA SER C 108 -26.32 -11.43 32.68
C SER C 108 -25.53 -11.11 33.94
N LEU C 109 -26.18 -11.20 35.11
CA LEU C 109 -25.46 -10.95 36.38
C LEU C 109 -24.49 -12.08 36.70
N LEU C 110 -23.25 -11.72 37.00
CA LEU C 110 -22.21 -12.74 37.19
C LEU C 110 -22.04 -12.98 38.67
N PRO C 111 -21.92 -14.27 39.09
CA PRO C 111 -21.93 -14.53 40.53
C PRO C 111 -20.65 -14.01 41.20
N LEU C 112 -20.74 -13.67 42.47
CA LEU C 112 -19.56 -13.27 43.24
C LEU C 112 -19.61 -14.02 44.57
N PRO C 113 -18.45 -14.43 45.11
CA PRO C 113 -18.41 -15.25 46.34
C PRO C 113 -18.91 -14.55 47.61
N GLU C 114 -18.81 -13.22 47.67
CA GLU C 114 -19.10 -12.45 48.88
C GLU C 114 -20.09 -11.33 48.59
N PRO C 115 -20.72 -10.77 49.66
CA PRO C 115 -21.59 -9.61 49.47
C PRO C 115 -20.83 -8.40 48.94
N TYR C 116 -21.55 -7.47 48.33
CA TYR C 116 -20.95 -6.26 47.76
C TYR C 116 -21.90 -5.09 47.74
N VAL C 117 -21.36 -3.88 47.77
CA VAL C 117 -22.19 -2.68 47.71
C VAL C 117 -22.26 -2.26 46.25
N VAL C 118 -23.49 -1.97 45.78
CA VAL C 118 -23.71 -1.43 44.44
C VAL C 118 -23.95 0.08 44.51
N PRO C 119 -23.86 0.80 43.37
CA PRO C 119 -23.98 2.24 43.53
C PRO C 119 -25.38 2.72 43.89
N GLY C 120 -26.43 2.06 43.38
CA GLY C 120 -27.79 2.57 43.61
C GLY C 120 -28.58 2.67 42.32
N GLY C 121 -29.91 2.73 42.43
CA GLY C 121 -30.79 2.86 41.25
C GLY C 121 -30.64 1.75 40.24
N ARG C 122 -30.48 2.12 38.96
CA ARG C 122 -30.37 1.17 37.85
C ARG C 122 -29.03 0.40 37.88
N PHE C 123 -28.09 0.85 38.71
CA PHE C 123 -26.81 0.19 38.80
C PHE C 123 -26.91 -0.89 39.87
N ARG C 124 -27.40 -2.04 39.41
CA ARG C 124 -27.72 -3.19 40.27
CA ARG C 124 -27.73 -3.20 40.26
C ARG C 124 -26.62 -4.24 40.23
N GLU C 125 -25.38 -3.77 40.10
CA GLU C 125 -24.19 -4.62 40.04
C GLU C 125 -23.02 -3.84 40.63
N VAL C 126 -21.94 -4.53 40.98
CA VAL C 126 -20.77 -3.86 41.54
C VAL C 126 -20.08 -3.12 40.37
N TYR C 127 -19.53 -1.93 40.64
CA TYR C 127 -18.73 -1.18 39.67
C TYR C 127 -17.29 -1.08 40.13
N TYR C 128 -16.36 -1.21 39.17
CA TYR C 128 -14.95 -1.24 39.51
C TYR C 128 -14.51 0.04 40.22
N TRP C 129 -14.43 1.17 39.51
CA TRP C 129 -13.84 2.31 40.19
C TRP C 129 -14.72 2.95 41.27
N ASP C 130 -16.04 2.86 41.12
CA ASP C 130 -16.98 3.30 42.16
C ASP C 130 -16.69 2.64 43.49
N SER C 131 -16.34 1.36 43.43
CA SER C 131 -16.20 0.53 44.64
C SER C 131 -15.07 1.05 45.51
N TYR C 132 -14.02 1.60 44.91
CA TYR C 132 -12.94 2.16 45.74
C TYR C 132 -13.45 3.28 46.65
N PHE C 133 -14.11 4.28 46.07
CA PHE C 133 -14.61 5.41 46.83
C PHE C 133 -15.68 4.96 47.81
N THR C 134 -16.46 3.97 47.39
CA THR C 134 -17.45 3.32 48.25
C THR C 134 -16.76 2.62 49.44
N MET C 135 -15.71 1.85 49.17
CA MET C 135 -14.93 1.17 50.23
C MET C 135 -14.27 2.15 51.22
N LEU C 136 -13.90 3.33 50.76
CA LEU C 136 -13.40 4.39 51.66
C LEU C 136 -14.47 4.75 52.69
N GLY C 137 -15.71 4.90 52.24
CA GLY C 137 -16.86 5.11 53.14
C GLY C 137 -17.11 3.96 54.10
N LEU C 138 -17.13 2.75 53.57
CA LEU C 138 -17.34 1.53 54.37
C LEU C 138 -16.31 1.43 55.48
N ALA C 139 -15.05 1.57 55.11
CA ALA C 139 -13.93 1.60 56.05
C ALA C 139 -14.05 2.72 57.09
N GLU C 140 -14.40 3.93 56.64
CA GLU C 140 -14.51 5.09 57.51
C GLU C 140 -15.54 4.84 58.61
N SER C 141 -16.61 4.14 58.26
CA SER C 141 -17.69 3.93 59.20
C SER C 141 -17.61 2.53 59.85
N GLY C 142 -16.45 1.91 59.73
CA GLY C 142 -16.10 0.70 60.50
C GLY C 142 -16.56 -0.64 59.92
N HIS C 143 -16.82 -0.66 58.62
CA HIS C 143 -17.34 -1.85 57.96
C HIS C 143 -16.22 -2.55 57.18
N TRP C 144 -15.19 -2.97 57.90
CA TRP C 144 -14.00 -3.59 57.30
C TRP C 144 -14.29 -4.97 56.71
N ASP C 145 -15.24 -5.68 57.29
CA ASP C 145 -15.64 -6.95 56.73
C ASP C 145 -16.23 -6.76 55.31
N LYS C 146 -17.05 -5.74 55.10
CA LYS C 146 -17.60 -5.47 53.75
C LYS C 146 -16.49 -5.05 52.79
N VAL C 147 -15.53 -4.26 53.30
CA VAL C 147 -14.34 -3.89 52.53
C VAL C 147 -13.56 -5.11 52.07
N ALA C 148 -13.35 -6.06 52.99
CA ALA C 148 -12.67 -7.31 52.70
C ALA C 148 -13.45 -8.19 51.72
N ASP C 149 -14.78 -8.26 51.90
CA ASP C 149 -15.67 -8.99 51.00
C ASP C 149 -15.46 -8.51 49.55
N MET C 150 -15.44 -7.19 49.39
CA MET C 150 -15.33 -6.58 48.08
C MET C 150 -13.94 -6.77 47.46
N VAL C 151 -12.89 -6.66 48.26
CA VAL C 151 -11.54 -7.00 47.77
C VAL C 151 -11.49 -8.46 47.31
N ALA C 152 -12.02 -9.36 48.13
CA ALA C 152 -12.04 -10.77 47.76
C ALA C 152 -12.82 -11.01 46.46
N ASN C 153 -13.95 -10.31 46.29
CA ASN C 153 -14.73 -10.43 45.04
C ASN C 153 -13.91 -10.07 43.78
N PHE C 154 -13.20 -8.94 43.84
CA PHE C 154 -12.43 -8.43 42.73
C PHE C 154 -11.26 -9.35 42.43
N ALA C 155 -10.60 -9.84 43.49
CA ALA C 155 -9.56 -10.85 43.38
C ALA C 155 -10.08 -12.09 42.67
N HIS C 156 -11.28 -12.50 43.04
CA HIS C 156 -11.93 -13.62 42.37
C HIS C 156 -12.22 -13.36 40.88
N GLU C 157 -12.66 -12.14 40.54
CA GLU C 157 -12.92 -11.79 39.13
C GLU C 157 -11.60 -11.86 38.35
N ILE C 158 -10.52 -11.38 38.94
CA ILE C 158 -9.20 -11.49 38.30
C ILE C 158 -8.86 -12.96 38.06
N ASP C 159 -9.07 -13.77 39.09
CA ASP C 159 -8.83 -15.22 38.97
C ASP C 159 -9.69 -15.89 37.89
N THR C 160 -10.97 -15.50 37.75
CA THR C 160 -11.93 -16.17 36.85
CA THR C 160 -11.87 -16.20 36.81
C THR C 160 -11.90 -15.62 35.40
N TYR C 161 -11.80 -14.29 35.29
CA TYR C 161 -11.89 -13.60 33.99
C TYR C 161 -10.57 -13.05 33.45
N GLY C 162 -9.55 -12.99 34.30
CA GLY C 162 -8.24 -12.41 33.90
C GLY C 162 -8.16 -10.90 34.15
N HIS C 163 -9.30 -10.29 34.48
CA HIS C 163 -9.31 -8.86 34.81
C HIS C 163 -10.56 -8.51 35.60
N ILE C 164 -10.63 -7.29 36.13
CA ILE C 164 -11.85 -6.82 36.77
C ILE C 164 -12.74 -6.16 35.73
N PRO C 165 -13.90 -6.77 35.46
CA PRO C 165 -14.79 -6.14 34.49
C PRO C 165 -15.39 -4.83 35.02
N ASN C 166 -15.90 -4.02 34.10
CA ASN C 166 -16.48 -2.71 34.41
C ASN C 166 -17.49 -2.90 35.57
N GLY C 167 -18.20 -4.03 35.53
CA GLY C 167 -19.14 -4.45 36.58
C GLY C 167 -19.38 -5.93 36.40
N ASN C 168 -20.06 -6.56 37.37
CA ASN C 168 -20.30 -8.00 37.22
C ASN C 168 -21.50 -8.33 36.35
N ARG C 169 -21.42 -7.94 35.07
CA ARG C 169 -22.41 -8.26 34.07
C ARG C 169 -21.69 -8.85 32.86
N SER C 170 -22.31 -9.85 32.22
CA SER C 170 -21.79 -10.44 30.99
C SER C 170 -21.43 -9.37 29.95
N TYR C 171 -22.20 -8.28 29.91
CA TYR C 171 -22.03 -7.24 28.88
C TYR C 171 -20.95 -6.22 29.25
N TYR C 172 -20.38 -6.38 30.45
CA TYR C 172 -19.22 -5.61 30.94
C TYR C 172 -17.89 -6.39 30.89
N LEU C 173 -17.97 -7.67 30.59
CA LEU C 173 -16.76 -8.50 30.52
C LEU C 173 -15.68 -8.04 29.51
N SER C 174 -16.12 -7.46 28.39
CA SER C 174 -15.23 -7.03 27.31
C SER C 174 -14.28 -5.87 27.72
N ARG C 175 -14.49 -5.27 28.89
CA ARG C 175 -13.66 -4.15 29.35
C ARG C 175 -13.45 -4.13 30.84
N SER C 176 -12.49 -3.31 31.28
CA SER C 176 -12.29 -3.06 32.72
C SER C 176 -12.82 -1.66 33.03
N GLN C 177 -12.08 -0.89 33.83
CA GLN C 177 -12.43 0.47 34.24
C GLN C 177 -11.16 1.09 34.86
N PRO C 178 -11.21 2.39 35.27
CA PRO C 178 -10.02 2.99 35.90
C PRO C 178 -9.52 2.07 37.05
N PRO C 179 -8.24 1.63 36.99
CA PRO C 179 -7.87 0.53 37.86
C PRO C 179 -7.55 0.99 39.29
N PHE C 180 -8.38 0.61 40.25
CA PHE C 180 -8.18 0.93 41.66
C PHE C 180 -7.94 -0.31 42.54
N PHE C 181 -7.89 -1.51 41.96
CA PHE C 181 -7.72 -2.72 42.77
C PHE C 181 -6.50 -2.65 43.72
N ALA C 182 -5.35 -2.26 43.17
CA ALA C 182 -4.14 -2.17 43.98
C ALA C 182 -4.33 -1.18 45.14
N LEU C 183 -5.06 -0.09 44.88
CA LEU C 183 -5.37 0.91 45.93
C LEU C 183 -6.36 0.33 46.95
N MET C 184 -7.27 -0.52 46.50
CA MET C 184 -8.16 -1.26 47.39
C MET C 184 -7.39 -2.20 48.33
N VAL C 185 -6.36 -2.87 47.79
CA VAL C 185 -5.53 -3.78 48.60
C VAL C 185 -4.79 -2.99 49.69
N GLU C 186 -4.26 -1.81 49.31
CA GLU C 186 -3.59 -0.91 50.23
C GLU C 186 -4.55 -0.39 51.30
N LEU C 187 -5.79 -0.12 50.90
CA LEU C 187 -6.81 0.31 51.86
C LEU C 187 -7.06 -0.78 52.89
N LEU C 188 -7.23 -2.03 52.42
CA LEU C 188 -7.39 -3.17 53.31
C LEU C 188 -6.16 -3.39 54.22
N ALA C 189 -4.96 -3.17 53.69
CA ALA C 189 -3.72 -3.27 54.48
C ALA C 189 -3.66 -2.25 55.62
N GLN C 190 -4.35 -1.12 55.46
CA GLN C 190 -4.45 -0.17 56.55
C GLN C 190 -5.05 -0.83 57.78
N HIS C 191 -5.93 -1.79 57.55
CA HIS C 191 -6.62 -2.48 58.62
C HIS C 191 -5.91 -3.78 58.99
N GLU C 192 -5.45 -4.51 57.97
CA GLU C 192 -4.92 -5.86 58.13
C GLU C 192 -3.38 -5.95 58.17
N GLY C 193 -2.70 -4.83 57.91
CA GLY C 193 -1.26 -4.81 57.84
C GLY C 193 -0.75 -5.44 56.56
N ASP C 194 0.56 -5.66 56.49
CA ASP C 194 1.19 -6.26 55.32
C ASP C 194 0.60 -7.60 54.88
N ALA C 195 -0.09 -8.32 55.77
CA ALA C 195 -0.72 -9.59 55.39
C ALA C 195 -1.56 -9.44 54.09
N ALA C 196 -2.30 -8.34 54.00
CA ALA C 196 -3.17 -8.06 52.84
C ALA C 196 -2.38 -7.88 51.52
N LEU C 197 -1.24 -7.18 51.59
CA LEU C 197 -0.41 -6.99 50.41
C LEU C 197 0.13 -8.32 49.91
N LYS C 198 0.51 -9.17 50.85
CA LYS C 198 1.01 -10.51 50.53
C LYS C 198 -0.07 -11.41 49.97
N GLN C 199 -1.26 -11.39 50.57
CA GLN C 199 -2.34 -12.27 50.11
C GLN C 199 -2.72 -11.96 48.65
N TYR C 200 -2.80 -10.67 48.31
CA TYR C 200 -3.30 -10.27 46.99
C TYR C 200 -2.23 -9.86 45.98
N LEU C 201 -0.96 -10.11 46.31
CA LEU C 201 0.13 -9.89 45.35
C LEU C 201 -0.07 -10.64 44.01
N PRO C 202 -0.41 -11.95 44.05
CA PRO C 202 -0.60 -12.66 42.76
C PRO C 202 -1.72 -12.04 41.92
N GLN C 203 -2.82 -11.68 42.56
CA GLN C 203 -3.91 -10.99 41.82
C GLN C 203 -3.52 -9.59 41.33
N MET C 204 -2.79 -8.81 42.13
CA MET C 204 -2.32 -7.52 41.61
C MET C 204 -1.39 -7.72 40.40
N GLN C 205 -0.60 -8.77 40.43
CA GLN C 205 0.32 -9.04 39.33
C GLN C 205 -0.44 -9.44 38.08
N LYS C 206 -1.47 -10.26 38.25
CA LYS C 206 -2.27 -10.71 37.12
C LYS C 206 -3.04 -9.54 36.49
N GLU C 207 -3.53 -8.60 37.31
CA GLU C 207 -4.18 -7.40 36.77
C GLU C 207 -3.21 -6.53 35.98
N TYR C 208 -2.02 -6.34 36.54
CA TYR C 208 -0.94 -5.69 35.80
C TYR C 208 -0.66 -6.39 34.46
N ALA C 209 -0.59 -7.72 34.47
CA ALA C 209 -0.44 -8.50 33.21
C ALA C 209 -1.56 -8.20 32.23
N TYR C 210 -2.79 -8.05 32.74
CA TYR C 210 -3.94 -7.67 31.89
C TYR C 210 -3.72 -6.34 31.15
N TRP C 211 -3.40 -5.32 31.91
CA TRP C 211 -3.20 -3.98 31.37
C TRP C 211 -2.03 -3.95 30.39
N MET C 212 -0.96 -4.70 30.69
CA MET C 212 0.25 -4.71 29.85
C MET C 212 0.27 -5.83 28.82
N ASP C 213 -0.84 -6.56 28.69
CA ASP C 213 -0.86 -7.72 27.79
C ASP C 213 -0.36 -7.36 26.39
N GLY C 214 0.64 -8.09 25.91
CA GLY C 214 1.23 -7.90 24.57
C GLY C 214 2.39 -6.94 24.50
N VAL C 215 2.71 -6.30 25.63
CA VAL C 215 3.74 -5.26 25.61
C VAL C 215 5.12 -5.78 25.12
N GLU C 216 5.45 -7.01 25.48
CA GLU C 216 6.76 -7.59 25.13
C GLU C 216 7.07 -7.61 23.61
N ASN C 217 6.03 -7.74 22.80
CA ASN C 217 6.17 -7.76 21.35
C ASN C 217 5.67 -6.52 20.63
N LEU C 218 5.33 -5.47 21.36
CA LEU C 218 4.80 -4.25 20.74
C LEU C 218 5.95 -3.40 20.20
N GLN C 219 5.82 -3.01 18.93
CA GLN C 219 6.88 -2.25 18.27
CA GLN C 219 6.84 -2.25 18.22
C GLN C 219 6.69 -0.74 18.47
N ALA C 220 7.78 0.03 18.40
CA ALA C 220 7.69 1.48 18.57
C ALA C 220 6.71 2.09 17.57
N GLY C 221 5.87 2.98 18.05
CA GLY C 221 4.91 3.69 17.20
C GLY C 221 3.63 2.92 16.96
N GLN C 222 3.43 1.82 17.69
CA GLN C 222 2.22 1.01 17.54
C GLN C 222 1.44 0.91 18.88
N GLN C 223 0.20 0.43 18.78
CA GLN C 223 -0.67 0.24 19.94
C GLN C 223 -1.33 -1.11 19.79
N GLU C 224 -1.68 -1.70 20.92
CA GLU C 224 -2.40 -2.96 20.86
C GLU C 224 -3.13 -3.10 22.18
N LYS C 225 -4.42 -3.41 22.09
CA LYS C 225 -5.28 -3.53 23.26
C LYS C 225 -5.06 -2.32 24.15
N ARG C 226 -4.60 -2.52 25.39
CA ARG C 226 -4.52 -1.42 26.37
C ARG C 226 -3.12 -0.79 26.45
N VAL C 227 -2.25 -1.12 25.50
CA VAL C 227 -0.87 -0.63 25.53
C VAL C 227 -0.53 0.20 24.29
N VAL C 228 0.26 1.25 24.50
CA VAL C 228 0.84 2.05 23.42
C VAL C 228 2.36 2.14 23.66
N LYS C 229 3.13 2.06 22.58
CA LYS C 229 4.58 2.30 22.65
C LYS C 229 4.85 3.45 21.71
N LEU C 230 5.35 4.58 22.23
CA LEU C 230 5.63 5.74 21.39
C LEU C 230 6.88 5.46 20.53
N GLN C 231 7.19 6.36 19.60
CA GLN C 231 8.35 6.20 18.72
C GLN C 231 9.68 6.04 19.47
N ASP C 232 9.81 6.71 20.61
CA ASP C 232 11.05 6.58 21.37
C ASP C 232 11.05 5.40 22.34
N GLY C 233 10.01 4.56 22.27
CA GLY C 233 9.91 3.36 23.12
C GLY C 233 9.17 3.53 24.45
N THR C 234 8.76 4.76 24.76
CA THR C 234 8.02 5.04 26.00
C THR C 234 6.79 4.16 26.05
N LEU C 235 6.55 3.54 27.20
CA LEU C 235 5.39 2.65 27.39
C LEU C 235 4.31 3.30 28.25
N LEU C 236 3.11 3.39 27.67
CA LEU C 236 1.94 3.96 28.35
C LEU C 236 0.69 3.10 28.08
N ASN C 237 -0.37 3.36 28.84
CA ASN C 237 -1.61 2.59 28.65
C ASN C 237 -2.74 3.47 28.13
N ARG C 238 -3.73 2.81 27.54
CA ARG C 238 -4.93 3.47 27.08
C ARG C 238 -6.11 2.62 27.49
N TYR C 239 -7.29 3.22 27.43
CA TYR C 239 -8.54 2.47 27.56
C TYR C 239 -8.97 1.75 26.28
N TRP C 240 -9.49 0.52 26.47
CA TRP C 240 -9.83 -0.34 25.33
C TRP C 240 -10.93 -1.30 25.75
N ASP C 241 -11.81 -1.63 24.81
CA ASP C 241 -12.80 -2.67 25.00
C ASP C 241 -12.58 -3.68 23.87
N ASP C 242 -12.70 -4.99 24.16
CA ASP C 242 -12.40 -6.06 23.22
CA ASP C 242 -12.35 -6.00 23.17
C ASP C 242 -13.45 -6.28 22.14
N ARG C 243 -14.57 -5.56 22.23
CA ARG C 243 -15.69 -5.70 21.28
C ARG C 243 -15.89 -4.41 20.48
N ASP C 244 -16.55 -4.53 19.32
CA ASP C 244 -16.69 -3.40 18.42
C ASP C 244 -18.14 -3.24 17.94
N THR C 245 -19.07 -3.47 18.89
CA THR C 245 -20.50 -3.47 18.63
C THR C 245 -21.24 -2.51 19.56
N PRO C 246 -22.55 -2.25 19.31
CA PRO C 246 -23.29 -1.42 20.27
C PRO C 246 -23.20 -2.01 21.69
N ARG C 247 -23.23 -1.17 22.73
CA ARG C 247 -23.32 -1.68 24.10
C ARG C 247 -24.76 -2.23 24.31
N PRO C 248 -24.89 -3.51 24.73
CA PRO C 248 -26.20 -4.06 25.09
C PRO C 248 -27.02 -3.13 26.02
N GLU C 249 -26.36 -2.53 27.01
CA GLU C 249 -27.05 -1.66 27.95
C GLU C 249 -27.41 -0.26 27.39
N SER C 250 -26.87 0.09 26.23
CA SER C 250 -27.15 1.38 25.57
C SER C 250 -27.36 1.15 24.07
N TRP C 251 -28.03 0.05 23.75
CA TRP C 251 -28.11 -0.49 22.40
C TRP C 251 -28.60 0.54 21.37
N VAL C 252 -29.79 1.09 21.60
CA VAL C 252 -30.37 1.98 20.59
CA VAL C 252 -30.43 2.02 20.66
C VAL C 252 -29.63 3.31 20.47
N GLU C 253 -29.17 3.86 21.60
CA GLU C 253 -28.37 5.08 21.59
C GLU C 253 -27.10 4.89 20.74
N ASP C 254 -26.41 3.76 20.91
CA ASP C 254 -25.13 3.57 20.21
C ASP C 254 -25.33 3.42 18.70
N ILE C 255 -26.36 2.69 18.31
CA ILE C 255 -26.66 2.49 16.91
C ILE C 255 -26.94 3.87 16.28
N ALA C 256 -27.71 4.69 17.00
CA ALA C 256 -28.06 6.02 16.50
C ALA C 256 -26.82 6.87 16.38
N THR C 257 -25.92 6.78 17.36
CA THR C 257 -24.66 7.48 17.26
C THR C 257 -23.88 7.14 15.99
N ALA C 258 -23.68 5.84 15.76
CA ALA C 258 -22.87 5.43 14.62
C ALA C 258 -23.56 5.79 13.31
N LYS C 259 -24.87 5.64 13.27
CA LYS C 259 -25.63 5.92 12.04
C LYS C 259 -25.52 7.39 11.63
N SER C 260 -25.37 8.28 12.61
CA SER C 260 -25.26 9.70 12.33
C SER C 260 -23.94 10.13 11.68
N ASN C 261 -22.98 9.20 11.53
CA ASN C 261 -21.72 9.49 10.84
C ASN C 261 -21.36 8.33 9.90
N PRO C 262 -22.08 8.23 8.76
CA PRO C 262 -21.83 7.14 7.82
C PRO C 262 -20.46 7.25 7.15
N ASN C 263 -19.77 8.37 7.33
CA ASN C 263 -18.43 8.54 6.81
C ASN C 263 -17.34 7.78 7.56
N ARG C 264 -17.73 7.16 8.67
CA ARG C 264 -16.77 6.46 9.53
C ARG C 264 -17.29 5.03 9.78
N PRO C 265 -16.39 4.01 9.75
CA PRO C 265 -16.89 2.65 10.02
C PRO C 265 -17.54 2.60 11.40
N ALA C 266 -18.73 2.02 11.45
CA ALA C 266 -19.51 1.97 12.69
C ALA C 266 -18.70 1.20 13.74
N THR C 267 -17.98 0.14 13.31
CA THR C 267 -17.15 -0.64 14.25
C THR C 267 -16.15 0.24 15.01
N GLU C 268 -15.63 1.27 14.33
CA GLU C 268 -14.66 2.18 14.97
C GLU C 268 -15.34 3.07 16.00
N ILE C 269 -16.56 3.50 15.69
CA ILE C 269 -17.34 4.32 16.61
C ILE C 269 -17.73 3.51 17.85
N TYR C 270 -18.25 2.30 17.63
CA TYR C 270 -18.59 1.38 18.73
C TYR C 270 -17.39 1.10 19.64
N ARG C 271 -16.23 0.81 19.03
CA ARG C 271 -15.01 0.64 19.79
C ARG C 271 -14.71 1.85 20.69
N ASP C 272 -14.82 3.07 20.13
CA ASP C 272 -14.54 4.27 20.90
C ASP C 272 -15.62 4.61 21.94
N LEU C 273 -16.87 4.24 21.67
CA LEU C 273 -17.93 4.41 22.65
C LEU C 273 -17.67 3.43 23.81
N ARG C 274 -17.38 2.19 23.48
CA ARG C 274 -17.11 1.21 24.52
C ARG C 274 -15.87 1.56 25.31
N SER C 275 -14.83 2.09 24.64
CA SER C 275 -13.59 2.46 25.33
C SER C 275 -13.73 3.66 26.26
N ALA C 276 -14.61 4.60 25.90
CA ALA C 276 -14.94 5.72 26.79
C ALA C 276 -15.69 5.21 28.03
N ALA C 277 -16.53 4.19 27.85
CA ALA C 277 -17.21 3.56 28.99
C ALA C 277 -16.17 2.90 29.93
N ALA C 278 -15.16 2.24 29.35
CA ALA C 278 -14.02 1.74 30.12
C ALA C 278 -13.27 2.83 30.89
N SER C 279 -13.20 4.03 30.32
CA SER C 279 -12.53 5.16 30.97
C SER C 279 -13.30 5.67 32.21
N GLY C 280 -14.57 5.30 32.32
CA GLY C 280 -15.47 5.86 33.34
C GLY C 280 -16.15 7.14 32.87
N TRP C 281 -15.51 7.84 31.93
CA TRP C 281 -15.99 9.14 31.46
C TRP C 281 -16.82 8.98 30.19
N ASP C 282 -17.92 8.24 30.29
CA ASP C 282 -18.86 8.14 29.17
C ASP C 282 -20.02 9.14 29.37
N PHE C 283 -20.04 10.27 28.66
CA PHE C 283 -19.00 10.71 27.74
C PHE C 283 -18.51 12.11 28.06
N SER C 284 -17.53 12.57 27.28
CA SER C 284 -16.87 13.84 27.56
C SER C 284 -16.26 14.48 26.32
N SER C 285 -16.30 15.81 26.26
CA SER C 285 -15.53 16.58 25.26
C SER C 285 -14.06 16.15 25.23
N ARG C 286 -13.57 15.66 26.37
CA ARG C 286 -12.21 15.16 26.53
C ARG C 286 -11.83 14.17 25.40
N TRP C 287 -12.78 13.36 24.96
CA TRP C 287 -12.54 12.31 23.94
C TRP C 287 -12.97 12.72 22.53
N MET C 288 -13.68 13.85 22.42
CA MET C 288 -14.41 14.18 21.19
C MET C 288 -13.65 15.18 20.32
N ASP C 289 -13.58 14.91 19.02
CA ASP C 289 -13.05 15.89 18.05
C ASP C 289 -14.00 17.08 17.93
N ASN C 290 -15.27 16.85 18.27
CA ASN C 290 -16.35 17.83 18.12
C ASN C 290 -17.35 17.59 19.25
N PRO C 291 -17.35 18.45 20.29
CA PRO C 291 -18.23 18.28 21.46
C PRO C 291 -19.71 18.29 21.13
N GLN C 292 -20.08 18.80 19.97
CA GLN C 292 -21.46 18.75 19.54
C GLN C 292 -21.87 17.35 19.03
N GLN C 293 -20.90 16.51 18.65
CA GLN C 293 -21.22 15.24 17.99
C GLN C 293 -20.46 14.06 18.60
N LEU C 294 -21.19 13.19 19.29
CA LEU C 294 -20.58 12.02 19.93
C LEU C 294 -19.94 11.06 18.93
N ASN C 295 -20.42 11.07 17.69
CA ASN C 295 -19.88 10.20 16.64
C ASN C 295 -18.46 10.58 16.24
N THR C 296 -17.92 11.66 16.85
CA THR C 296 -16.52 12.03 16.61
C THR C 296 -15.58 11.64 17.76
N LEU C 297 -16.02 10.82 18.70
CA LEU C 297 -15.10 10.47 19.78
C LEU C 297 -13.98 9.55 19.25
N ARG C 298 -12.79 9.73 19.79
CA ARG C 298 -11.67 8.89 19.35
CA ARG C 298 -11.58 9.06 19.35
C ARG C 298 -10.85 8.47 20.55
N THR C 299 -11.58 7.87 21.48
CA THR C 299 -11.02 7.44 22.77
C THR C 299 -9.72 6.64 22.69
N THR C 300 -9.67 5.72 21.75
CA THR C 300 -8.54 4.76 21.67
C THR C 300 -7.28 5.39 21.09
N SER C 301 -7.43 6.61 20.54
CA SER C 301 -6.29 7.35 20.00
C SER C 301 -5.75 8.35 21.05
N ILE C 302 -6.26 8.26 22.28
CA ILE C 302 -5.91 9.20 23.33
C ILE C 302 -5.23 8.48 24.51
N VAL C 303 -4.04 8.94 24.90
CA VAL C 303 -3.32 8.38 26.05
C VAL C 303 -3.76 9.12 27.32
N PRO C 304 -4.48 8.42 28.22
CA PRO C 304 -5.10 9.17 29.31
C PRO C 304 -4.17 9.46 30.49
N VAL C 305 -4.13 10.72 30.93
CA VAL C 305 -3.25 11.08 32.08
C VAL C 305 -3.70 10.42 33.43
N ASP C 306 -5.01 10.21 33.60
CA ASP C 306 -5.52 9.56 34.80
C ASP C 306 -5.19 8.08 34.83
N LEU C 307 -5.40 7.40 33.71
CA LEU C 307 -5.13 5.97 33.64
C LEU C 307 -3.65 5.73 33.85
N ASN C 308 -2.81 6.55 33.25
CA ASN C 308 -1.40 6.36 33.45
C ASN C 308 -0.88 6.69 34.85
N SER C 309 -1.51 7.66 35.51
CA SER C 309 -1.29 7.89 36.94
C SER C 309 -1.65 6.66 37.79
N LEU C 310 -2.84 6.12 37.56
CA LEU C 310 -3.27 4.86 38.19
C LEU C 310 -2.31 3.68 37.92
N MET C 311 -1.80 3.58 36.70
CA MET C 311 -0.76 2.55 36.39
C MET C 311 0.52 2.76 37.20
N PHE C 312 0.99 4.00 37.26
CA PHE C 312 2.09 4.36 38.16
C PHE C 312 1.84 3.84 39.59
N LYS C 313 0.68 4.16 40.15
CA LYS C 313 0.36 3.76 41.53
C LYS C 313 0.35 2.22 41.68
N MET C 314 -0.15 1.54 40.65
CA MET C 314 -0.17 0.09 40.61
C MET C 314 1.24 -0.47 40.67
N GLU C 315 2.15 0.11 39.87
CA GLU C 315 3.55 -0.31 39.85
C GLU C 315 4.23 -0.05 41.21
N LYS C 316 4.01 1.14 41.79
CA LYS C 316 4.48 1.44 43.15
C LYS C 316 3.94 0.46 44.22
N ILE C 317 2.65 0.16 44.15
CA ILE C 317 2.06 -0.83 45.07
C ILE C 317 2.60 -2.25 44.83
N LEU C 318 2.80 -2.64 43.57
CA LEU C 318 3.44 -3.95 43.29
C LEU C 318 4.83 -4.06 43.93
N ALA C 319 5.58 -2.97 43.86
CA ALA C 319 6.89 -2.88 44.53
C ALA C 319 6.76 -3.04 46.04
N ARG C 320 5.82 -2.31 46.65
CA ARG C 320 5.62 -2.38 48.10
C ARG C 320 5.17 -3.79 48.54
N ALA C 321 4.25 -4.41 47.80
CA ALA C 321 3.77 -5.77 48.13
C ALA C 321 4.84 -6.83 47.92
N SER C 322 5.64 -6.67 46.87
CA SER C 322 6.81 -7.54 46.64
C SER C 322 7.77 -7.47 47.83
N LYS C 323 8.06 -6.24 48.27
CA LYS C 323 8.94 -6.06 49.42
C LYS C 323 8.35 -6.74 50.65
N ALA C 324 7.06 -6.50 50.93
CA ALA C 324 6.34 -7.18 52.00
C ALA C 324 6.37 -8.72 51.94
N ALA C 325 6.40 -9.29 50.75
CA ALA C 325 6.53 -10.74 50.58
C ALA C 325 7.99 -11.21 50.69
N GLY C 326 8.91 -10.26 50.90
CA GLY C 326 10.33 -10.59 51.04
C GLY C 326 11.07 -10.79 49.71
N ASP C 327 10.55 -10.25 48.61
CA ASP C 327 11.31 -10.32 47.35
CA ASP C 327 11.20 -10.33 47.33
C ASP C 327 11.74 -8.96 46.92
N ASN C 328 12.91 -8.58 47.49
CA ASN C 328 13.52 -7.29 47.24
C ASN C 328 13.95 -7.06 45.81
N ALA C 329 14.50 -8.08 45.16
CA ALA C 329 14.89 -7.98 43.74
C ALA C 329 13.67 -7.65 42.87
N MET C 330 12.56 -8.34 43.13
CA MET C 330 11.32 -8.09 42.39
C MET C 330 10.75 -6.71 42.72
N ALA C 331 10.83 -6.29 43.99
CA ALA C 331 10.40 -4.95 44.35
C ALA C 331 11.15 -3.91 43.52
N ASN C 332 12.47 -4.11 43.35
CA ASN C 332 13.30 -3.20 42.56
C ASN C 332 12.88 -3.10 41.12
N GLN C 333 12.51 -4.25 40.55
CA GLN C 333 12.00 -4.35 39.17
CA GLN C 333 12.05 -4.30 39.17
C GLN C 333 10.75 -3.51 38.97
N TYR C 334 9.82 -3.63 39.91
CA TYR C 334 8.60 -2.80 39.87
C TYR C 334 8.95 -1.31 40.10
N GLU C 335 9.91 -1.02 40.99
CA GLU C 335 10.34 0.38 41.13
C GLU C 335 10.90 0.96 39.84
N THR C 336 11.67 0.16 39.11
CA THR C 336 12.19 0.53 37.79
C THR C 336 11.08 0.82 36.76
N LEU C 337 10.08 -0.06 36.72
CA LEU C 337 8.91 0.20 35.86
C LEU C 337 8.18 1.49 36.29
N ALA C 338 8.01 1.69 37.59
CA ALA C 338 7.35 2.90 38.07
C ALA C 338 8.12 4.16 37.66
N ASN C 339 9.45 4.12 37.76
CA ASN C 339 10.26 5.28 37.38
C ASN C 339 10.13 5.59 35.92
N ALA C 340 10.12 4.55 35.10
CA ALA C 340 9.93 4.71 33.66
C ALA C 340 8.56 5.34 33.34
N ARG C 341 7.54 4.93 34.10
CA ARG C 341 6.20 5.45 33.94
C ARG C 341 6.15 6.94 34.36
N GLN C 342 6.81 7.23 35.46
CA GLN C 342 6.87 8.59 35.96
C GLN C 342 7.52 9.50 34.91
N LYS C 343 8.64 9.07 34.32
CA LYS C 343 9.33 9.86 33.28
CA LYS C 343 9.32 9.86 33.29
C LYS C 343 8.40 10.08 32.09
N GLY C 344 7.61 9.05 31.76
CA GLY C 344 6.71 9.10 30.62
C GLY C 344 5.56 10.08 30.85
N ILE C 345 5.02 10.08 32.06
CA ILE C 345 4.00 11.04 32.50
C ILE C 345 4.54 12.47 32.41
N GLU C 346 5.73 12.68 32.95
CA GLU C 346 6.35 14.00 32.95
C GLU C 346 6.72 14.51 31.55
N LYS C 347 6.95 13.61 30.61
CA LYS C 347 7.35 14.01 29.27
C LYS C 347 6.14 14.18 28.34
N TYR C 348 5.23 13.20 28.34
CA TYR C 348 4.17 13.15 27.34
C TYR C 348 2.77 13.55 27.85
N LEU C 349 2.65 13.77 29.16
CA LEU C 349 1.34 13.98 29.78
C LEU C 349 1.31 15.30 30.57
N TRP C 350 2.33 16.11 30.32
CA TRP C 350 2.43 17.44 30.88
C TRP C 350 2.49 18.43 29.73
N ASN C 351 1.68 19.47 29.79
CA ASN C 351 1.67 20.51 28.76
C ASN C 351 2.47 21.70 29.32
N ASP C 352 3.70 21.88 28.84
CA ASP C 352 4.57 22.92 29.42
CA ASP C 352 4.56 22.92 29.42
C ASP C 352 4.17 24.34 29.02
N GLN C 353 3.50 24.46 27.87
CA GLN C 353 3.01 25.77 27.43
C GLN C 353 1.86 26.30 28.32
N GLN C 354 0.90 25.44 28.66
CA GLN C 354 -0.20 25.83 29.52
C GLN C 354 0.13 25.68 31.01
N GLY C 355 1.07 24.80 31.33
CA GLY C 355 1.40 24.52 32.74
C GLY C 355 0.39 23.63 33.45
N TRP C 356 -0.06 22.56 32.78
CA TRP C 356 -0.94 21.56 33.40
C TRP C 356 -0.80 20.19 32.74
N TYR C 357 -1.15 19.16 33.49
CA TYR C 357 -1.25 17.80 32.96
C TYR C 357 -2.41 17.69 31.98
N ALA C 358 -2.27 16.77 31.03
CA ALA C 358 -3.23 16.56 29.95
C ALA C 358 -2.96 15.24 29.26
N ASP C 359 -3.93 14.78 28.48
CA ASP C 359 -3.79 13.54 27.74
C ASP C 359 -2.84 13.74 26.58
N TYR C 360 -2.34 12.63 26.03
CA TYR C 360 -1.49 12.72 24.86
C TYR C 360 -2.22 12.21 23.62
N ASP C 361 -2.12 12.98 22.54
CA ASP C 361 -2.87 12.69 21.32
C ASP C 361 -2.01 11.91 20.34
N LEU C 362 -2.38 10.65 20.11
CA LEU C 362 -1.60 9.78 19.20
C LEU C 362 -1.70 10.16 17.73
N LYS C 363 -2.78 10.84 17.33
CA LYS C 363 -2.95 11.28 15.95
C LYS C 363 -2.05 12.48 15.58
N SER C 364 -1.99 13.44 16.48
CA SER C 364 -1.22 14.65 16.23
C SER C 364 0.17 14.60 16.87
N HIS C 365 0.42 13.55 17.65
CA HIS C 365 1.70 13.33 18.33
C HIS C 365 2.10 14.50 19.20
N LYS C 366 1.15 15.03 19.97
CA LYS C 366 1.41 16.13 20.89
C LYS C 366 0.53 15.99 22.13
N VAL C 367 0.97 16.61 23.23
CA VAL C 367 0.16 16.73 24.44
CA VAL C 367 0.15 16.70 24.42
C VAL C 367 -0.99 17.70 24.18
N ARG C 368 -2.18 17.36 24.68
CA ARG C 368 -3.32 18.23 24.54
C ARG C 368 -3.31 19.50 25.43
N ASN C 369 -4.04 20.51 24.98
CA ASN C 369 -4.25 21.75 25.72
C ASN C 369 -5.41 21.65 26.70
N GLN C 370 -6.40 20.82 26.38
CA GLN C 370 -7.58 20.71 27.23
C GLN C 370 -7.28 20.31 28.68
N LEU C 371 -7.72 21.17 29.59
CA LEU C 371 -7.65 20.94 31.03
C LEU C 371 -8.95 20.29 31.49
N THR C 372 -8.82 19.11 32.09
CA THR C 372 -9.95 18.43 32.72
C THR C 372 -9.52 18.02 34.11
N ALA C 373 -10.46 17.54 34.91
CA ALA C 373 -10.17 17.06 36.27
C ALA C 373 -9.19 15.87 36.30
N ALA C 374 -8.98 15.19 35.16
CA ALA C 374 -8.00 14.08 35.08
C ALA C 374 -6.59 14.53 35.42
N ALA C 375 -6.35 15.82 35.21
CA ALA C 375 -5.05 16.45 35.37
C ALA C 375 -4.57 16.48 36.84
N LEU C 376 -5.47 16.26 37.80
CA LEU C 376 -5.06 16.15 39.20
C LEU C 376 -4.50 14.76 39.55
N PHE C 377 -4.73 13.77 38.68
CA PHE C 377 -4.32 12.42 39.02
C PHE C 377 -2.83 12.22 39.32
N PRO C 378 -1.93 12.90 38.58
CA PRO C 378 -0.49 12.75 38.89
C PRO C 378 -0.10 13.23 40.30
N LEU C 379 -0.85 14.20 40.85
CA LEU C 379 -0.68 14.65 42.24
C LEU C 379 -1.20 13.60 43.23
N TYR C 380 -2.38 13.06 42.92
CA TYR C 380 -3.03 12.03 43.71
C TYR C 380 -2.09 10.83 43.98
N VAL C 381 -1.36 10.41 42.94
CA VAL C 381 -0.51 9.21 43.02
C VAL C 381 0.96 9.54 43.37
N ASN C 382 1.24 10.82 43.61
CA ASN C 382 2.60 11.26 43.94
C ASN C 382 3.63 11.09 42.83
N ALA C 383 3.17 11.20 41.58
CA ALA C 383 4.05 11.14 40.42
C ALA C 383 4.57 12.53 40.05
N ALA C 384 3.77 13.57 40.38
CA ALA C 384 4.03 14.95 39.95
C ALA C 384 5.25 15.56 40.64
N ALA C 385 6.10 16.21 39.87
CA ALA C 385 7.13 17.09 40.44
C ALA C 385 6.43 18.17 41.28
N LYS C 386 7.10 18.58 42.36
CA LYS C 386 6.55 19.59 43.28
C LYS C 386 6.17 20.89 42.60
N ASP C 387 7.00 21.36 41.66
CA ASP C 387 6.73 22.62 41.00
C ASP C 387 5.49 22.49 40.10
N ARG C 388 5.27 21.30 39.56
CA ARG C 388 4.12 21.06 38.67
C ARG C 388 2.82 20.88 39.46
N ALA C 389 2.94 20.35 40.68
CA ALA C 389 1.80 20.29 41.60
C ALA C 389 1.34 21.71 42.00
N ASN C 390 2.29 22.60 42.25
CA ASN C 390 1.97 24.00 42.51
C ASN C 390 1.30 24.67 41.33
N LYS C 391 1.80 24.39 40.14
CA LYS C 391 1.14 24.90 38.94
C LYS C 391 -0.27 24.30 38.82
N MET C 392 -0.43 23.06 39.27
CA MET C 392 -1.76 22.44 39.19
C MET C 392 -2.76 23.07 40.15
N ALA C 393 -2.28 23.57 41.29
CA ALA C 393 -3.17 24.26 42.23
C ALA C 393 -3.70 25.54 41.60
N THR C 394 -2.81 26.27 40.91
CA THR C 394 -3.19 27.50 40.20
C THR C 394 -4.22 27.22 39.11
N ALA C 395 -3.93 26.22 38.30
CA ALA C 395 -4.77 25.84 37.19
C ALA C 395 -6.14 25.41 37.71
N THR C 396 -6.15 24.72 38.85
CA THR C 396 -7.41 24.28 39.48
C THR C 396 -8.28 25.48 39.88
N LYS C 397 -7.69 26.41 40.63
CA LYS C 397 -8.42 27.61 41.06
C LYS C 397 -8.88 28.46 39.88
N THR C 398 -8.02 28.61 38.88
CA THR C 398 -8.34 29.45 37.74
C THR C 398 -9.45 28.84 36.88
N HIS C 399 -9.41 27.52 36.68
CA HIS C 399 -10.27 26.91 35.68
C HIS C 399 -11.37 25.98 36.19
N LEU C 400 -11.09 25.14 37.20
CA LEU C 400 -12.03 24.05 37.55
C LEU C 400 -12.78 24.23 38.87
N LEU C 401 -12.23 25.03 39.78
CA LEU C 401 -12.92 25.27 41.05
C LEU C 401 -14.16 26.16 40.86
N GLN C 402 -15.33 25.61 41.20
CA GLN C 402 -16.61 26.30 41.04
C GLN C 402 -17.35 26.35 42.39
N PRO C 403 -18.47 27.14 42.46
CA PRO C 403 -19.12 27.31 43.78
C PRO C 403 -19.58 26.01 44.44
N GLY C 404 -19.97 25.03 43.63
CA GLY C 404 -20.52 23.77 44.13
C GLY C 404 -19.59 22.57 43.98
N GLY C 405 -18.35 22.83 43.60
CA GLY C 405 -17.30 21.82 43.61
C GLY C 405 -16.35 21.87 42.43
N LEU C 406 -15.58 20.81 42.24
CA LEU C 406 -14.65 20.74 41.11
C LEU C 406 -15.37 20.36 39.81
N ASN C 407 -15.28 21.24 38.81
CA ASN C 407 -15.85 20.96 37.50
C ASN C 407 -15.09 19.80 36.82
N THR C 408 -15.80 18.99 36.06
CA THR C 408 -15.17 17.85 35.39
C THR C 408 -14.29 18.33 34.22
N THR C 409 -14.82 19.28 33.45
CA THR C 409 -14.07 20.00 32.42
C THR C 409 -14.61 21.44 32.40
N SER C 410 -14.08 22.27 31.51
CA SER C 410 -14.61 23.62 31.32
C SER C 410 -15.48 23.74 30.10
N VAL C 411 -15.86 22.59 29.52
CA VAL C 411 -16.68 22.59 28.29
C VAL C 411 -18.08 22.10 28.60
N LYS C 412 -19.08 22.97 28.45
CA LYS C 412 -20.46 22.58 28.70
C LYS C 412 -21.05 21.96 27.44
N SER C 413 -20.75 20.69 27.21
CA SER C 413 -21.08 20.06 25.94
C SER C 413 -22.48 19.47 25.91
N GLY C 414 -23.07 19.29 27.10
CA GLY C 414 -24.30 18.50 27.23
C GLY C 414 -24.06 17.05 27.62
N GLN C 415 -22.80 16.62 27.60
CA GLN C 415 -22.40 15.28 28.03
C GLN C 415 -22.21 15.22 29.54
N GLN C 416 -22.20 13.99 30.07
CA GLN C 416 -22.21 13.76 31.53
C GLN C 416 -20.89 14.10 32.20
N TRP C 417 -19.78 13.71 31.56
CA TRP C 417 -18.47 13.95 32.13
C TRP C 417 -17.85 15.25 31.56
N ASP C 418 -18.50 16.37 31.89
CA ASP C 418 -18.15 17.70 31.39
C ASP C 418 -18.81 18.74 32.33
N ALA C 419 -18.40 20.00 32.20
CA ALA C 419 -19.13 21.09 32.82
C ALA C 419 -20.64 20.96 32.49
N PRO C 420 -21.52 21.30 33.46
CA PRO C 420 -21.27 21.82 34.81
C PRO C 420 -21.29 20.71 35.87
N ASN C 421 -21.04 19.47 35.46
CA ASN C 421 -21.18 18.30 36.33
C ASN C 421 -19.96 18.07 37.21
N GLY C 422 -20.21 17.88 38.48
CA GLY C 422 -19.19 17.49 39.43
C GLY C 422 -19.47 16.07 39.91
N TRP C 423 -18.42 15.25 39.90
CA TRP C 423 -18.53 13.85 40.24
C TRP C 423 -17.66 13.57 41.45
N ALA C 424 -18.27 13.01 42.49
CA ALA C 424 -17.57 12.62 43.74
C ALA C 424 -16.13 12.08 43.59
N PRO C 425 -15.92 11.04 42.75
CA PRO C 425 -14.56 10.50 42.62
C PRO C 425 -13.54 11.58 42.29
N LEU C 426 -13.89 12.47 41.36
CA LEU C 426 -12.99 13.53 40.93
C LEU C 426 -12.70 14.54 42.04
N GLN C 427 -13.72 14.84 42.85
CA GLN C 427 -13.58 15.77 44.00
C GLN C 427 -12.51 15.23 44.95
N TRP C 428 -12.63 13.93 45.28
CA TRP C 428 -11.68 13.25 46.19
C TRP C 428 -10.25 13.16 45.67
N VAL C 429 -10.09 12.70 44.43
CA VAL C 429 -8.76 12.64 43.78
C VAL C 429 -8.07 14.02 43.78
N ALA C 430 -8.83 15.06 43.44
CA ALA C 430 -8.31 16.42 43.42
C ALA C 430 -7.93 16.85 44.83
N THR C 431 -8.84 16.68 45.78
CA THR C 431 -8.62 17.04 47.20
C THR C 431 -7.40 16.33 47.76
N GLU C 432 -7.32 15.03 47.55
CA GLU C 432 -6.20 14.25 48.08
C GLU C 432 -4.88 14.55 47.40
N GLY C 433 -4.89 14.78 46.09
CA GLY C 433 -3.69 15.10 45.35
C GLY C 433 -3.15 16.47 45.75
N LEU C 434 -4.04 17.45 45.86
CA LEU C 434 -3.62 18.77 46.36
C LEU C 434 -3.03 18.70 47.78
N GLN C 435 -3.71 18.02 48.70
CA GLN C 435 -3.16 17.74 50.05
C GLN C 435 -1.81 17.04 50.04
N ASN C 436 -1.62 16.11 49.11
CA ASN C 436 -0.32 15.42 48.98
C ASN C 436 0.85 16.40 48.86
N TYR C 437 0.58 17.57 48.28
CA TYR C 437 1.61 18.55 48.01
C TYR C 437 1.45 19.83 48.87
N GLY C 438 0.75 19.70 49.99
CA GLY C 438 0.52 20.84 50.92
C GLY C 438 -0.31 21.99 50.38
N GLN C 439 -1.05 21.75 49.30
CA GLN C 439 -1.94 22.77 48.73
C GLN C 439 -3.30 22.67 49.44
N LYS C 440 -3.24 22.84 50.76
CA LYS C 440 -4.39 22.69 51.63
C LYS C 440 -5.55 23.65 51.33
N GLU C 441 -5.26 24.89 50.98
CA GLU C 441 -6.31 25.89 50.72
C GLU C 441 -7.27 25.47 49.61
N VAL C 442 -6.71 25.10 48.46
CA VAL C 442 -7.53 24.64 47.34
C VAL C 442 -8.25 23.32 47.64
N ALA C 443 -7.58 22.40 48.33
CA ALA C 443 -8.17 21.12 48.72
C ALA C 443 -9.39 21.33 49.61
N MET C 444 -9.24 22.24 50.58
CA MET C 444 -10.35 22.58 51.46
C MET C 444 -11.50 23.26 50.74
N ASP C 445 -11.18 24.14 49.79
CA ASP C 445 -12.20 24.81 48.99
C ASP C 445 -13.02 23.80 48.20
N ILE C 446 -12.37 22.83 47.59
CA ILE C 446 -13.10 21.77 46.88
C ILE C 446 -14.03 21.02 47.81
N SER C 447 -13.50 20.62 48.98
CA SER C 447 -14.28 19.85 49.94
C SER C 447 -15.47 20.65 50.47
N TRP C 448 -15.25 21.92 50.84
CA TRP C 448 -16.35 22.71 51.37
C TRP C 448 -17.42 22.95 50.34
N HIS C 449 -17.01 23.32 49.12
CA HIS C 449 -17.91 23.63 48.00
C HIS C 449 -18.72 22.41 47.60
N PHE C 450 -18.03 21.27 47.40
CA PHE C 450 -18.74 20.03 47.08
C PHE C 450 -19.64 19.56 48.23
N LEU C 451 -19.13 19.57 49.46
CA LEU C 451 -19.97 19.14 50.59
C LEU C 451 -21.22 19.99 50.78
N THR C 452 -21.10 21.28 50.52
CA THR C 452 -22.19 22.23 50.67
C THR C 452 -23.25 21.90 49.62
N ASN C 453 -22.79 21.56 48.42
CA ASN C 453 -23.65 21.11 47.35
C ASN C 453 -24.40 19.82 47.76
N VAL C 454 -23.67 18.84 48.27
CA VAL C 454 -24.29 17.58 48.74
C VAL C 454 -25.35 17.82 49.84
N GLN C 455 -25.00 18.62 50.84
CA GLN C 455 -25.91 18.93 51.96
C GLN C 455 -27.19 19.60 51.47
N HIS C 456 -27.03 20.59 50.59
CA HIS C 456 -28.17 21.34 50.08
C HIS C 456 -29.19 20.40 49.40
N THR C 457 -28.71 19.52 48.52
CA THR C 457 -29.59 18.53 47.87
C THR C 457 -30.18 17.57 48.89
N TYR C 458 -29.39 17.16 49.87
CA TYR C 458 -29.89 16.27 50.90
C TYR C 458 -30.97 16.96 51.76
N ASP C 459 -30.75 18.22 52.12
CA ASP C 459 -31.73 19.00 52.88
C ASP C 459 -33.11 18.96 52.18
N ARG C 460 -33.11 19.33 50.91
CA ARG C 460 -34.36 19.38 50.14
C ARG C 460 -34.99 18.02 49.87
N GLU C 461 -34.17 17.03 49.48
CA GLU C 461 -34.71 15.81 48.87
C GLU C 461 -34.46 14.54 49.67
N LYS C 462 -33.72 14.65 50.77
CA LYS C 462 -33.40 13.50 51.61
C LYS C 462 -32.72 12.40 50.80
N LYS C 463 -31.90 12.81 49.83
CA LYS C 463 -31.09 11.83 49.12
C LYS C 463 -29.71 12.34 48.74
N LEU C 464 -28.84 11.40 48.43
CA LEU C 464 -27.58 11.67 47.72
C LEU C 464 -27.69 11.05 46.34
N VAL C 465 -27.09 11.73 45.35
CA VAL C 465 -27.25 11.36 43.96
C VAL C 465 -25.87 11.13 43.31
N GLU C 466 -25.87 10.70 42.05
CA GLU C 466 -24.62 10.25 41.41
C GLU C 466 -23.69 11.39 41.04
N LYS C 467 -24.24 12.59 40.88
CA LYS C 467 -23.47 13.74 40.40
C LYS C 467 -24.19 15.04 40.70
N TYR C 468 -23.41 16.13 40.73
CA TYR C 468 -23.92 17.44 41.14
C TYR C 468 -23.55 18.55 40.18
N ASP C 469 -24.43 19.53 40.05
CA ASP C 469 -24.16 20.73 39.24
C ASP C 469 -23.29 21.70 40.08
N VAL C 470 -22.10 22.00 39.60
CA VAL C 470 -21.16 22.81 40.37
C VAL C 470 -21.30 24.34 40.20
N SER C 471 -22.18 24.77 39.30
CA SER C 471 -22.45 26.20 39.01
CA SER C 471 -22.36 26.19 39.03
C SER C 471 -22.82 26.99 40.27
N THR C 472 -23.59 26.34 41.15
CA THR C 472 -23.97 26.85 42.48
C THR C 472 -24.15 25.65 43.42
N THR C 473 -24.64 25.89 44.63
CA THR C 473 -24.96 24.83 45.59
C THR C 473 -26.46 24.71 45.86
N TYR C 482 -30.47 8.64 30.79
CA TYR C 482 -31.21 8.05 31.92
C TYR C 482 -31.40 9.15 32.99
N PRO C 483 -32.49 9.08 33.80
CA PRO C 483 -32.62 10.14 34.82
C PRO C 483 -31.61 10.01 35.98
N LEU C 484 -31.53 11.06 36.80
CA LEU C 484 -30.59 11.11 37.90
C LEU C 484 -30.78 9.93 38.87
N GLN C 485 -29.68 9.23 39.19
CA GLN C 485 -29.76 8.04 40.03
C GLN C 485 -29.41 8.33 41.50
N ASP C 486 -30.06 7.61 42.41
CA ASP C 486 -29.99 7.82 43.87
C ASP C 486 -29.19 6.75 44.60
N GLY C 487 -28.61 7.15 45.73
CA GLY C 487 -27.93 6.21 46.59
C GLY C 487 -27.03 6.96 47.54
N PHE C 488 -25.81 7.29 47.11
CA PHE C 488 -25.23 6.78 45.88
C PHE C 488 -23.79 6.46 46.19
N GLY C 489 -23.42 5.21 45.94
CA GLY C 489 -22.17 4.60 46.39
C GLY C 489 -20.98 5.52 46.54
N TRP C 490 -20.47 6.04 45.42
CA TRP C 490 -19.27 6.89 45.53
C TRP C 490 -19.52 8.26 46.14
N THR C 491 -20.73 8.79 45.99
CA THR C 491 -21.03 10.06 46.63
C THR C 491 -21.02 9.90 48.17
N ASN C 492 -21.64 8.82 48.64
CA ASN C 492 -21.71 8.53 50.07
C ASN C 492 -20.33 8.36 50.72
N GLY C 493 -19.47 7.58 50.07
CA GLY C 493 -18.09 7.39 50.52
C GLY C 493 -17.25 8.67 50.58
N VAL C 494 -17.24 9.44 49.49
CA VAL C 494 -16.48 10.69 49.44
C VAL C 494 -17.00 11.71 50.48
N THR C 495 -18.33 11.79 50.62
CA THR C 495 -18.94 12.66 51.62
C THR C 495 -18.45 12.37 53.04
N LEU C 496 -18.48 11.10 53.44
CA LEU C 496 -17.97 10.71 54.75
C LEU C 496 -16.54 11.21 54.92
N LYS C 497 -15.69 10.88 53.96
CA LYS C 497 -14.28 11.24 54.01
C LYS C 497 -14.07 12.74 54.15
N MET C 498 -14.80 13.52 53.35
CA MET C 498 -14.70 14.99 53.37
C MET C 498 -15.28 15.59 54.66
N LEU C 499 -16.39 15.06 55.13
CA LEU C 499 -16.99 15.52 56.39
C LEU C 499 -15.98 15.45 57.52
N ASP C 500 -15.29 14.32 57.59
CA ASP C 500 -14.21 14.11 58.55
C ASP C 500 -13.10 15.13 58.41
N LEU C 501 -12.78 15.50 57.17
CA LEU C 501 -11.70 16.42 56.83
C LEU C 501 -11.99 17.87 57.25
N ILE C 502 -13.25 18.31 57.09
CA ILE C 502 -13.60 19.73 57.29
C ILE C 502 -13.96 20.09 58.75
N CYS C 503 -14.17 19.08 59.59
CA CYS C 503 -14.47 19.31 61.01
C CYS C 503 -13.36 18.70 61.86
N PRO C 504 -13.15 19.24 63.09
CA PRO C 504 -12.06 18.71 63.92
C PRO C 504 -12.25 17.22 64.16
N LYS C 505 -11.15 16.47 64.17
CA LYS C 505 -11.20 15.03 64.44
C LYS C 505 -11.95 14.72 65.74
N GLU C 506 -11.78 15.58 66.74
CA GLU C 506 -12.34 15.37 68.07
C GLU C 506 -13.75 15.92 68.22
N GLN C 507 -14.16 16.78 67.29
CA GLN C 507 -15.54 17.27 67.26
C GLN C 507 -16.12 17.04 65.87
N PRO C 508 -16.36 15.76 65.51
CA PRO C 508 -16.87 15.46 64.15
C PRO C 508 -18.26 16.02 63.90
N CYS C 509 -18.53 16.35 62.63
CA CYS C 509 -19.84 16.84 62.29
CA CYS C 509 -19.83 16.86 62.20
C CYS C 509 -20.66 15.77 61.56
N ASP C 510 -21.99 15.87 61.69
CA ASP C 510 -22.89 14.91 61.05
C ASP C 510 -23.62 15.58 59.90
N ASN C 511 -23.51 16.90 59.85
CA ASN C 511 -23.96 17.73 58.73
C ASN C 511 -22.90 18.77 58.42
N VAL C 512 -22.89 19.28 57.19
CA VAL C 512 -21.96 20.31 56.78
C VAL C 512 -22.35 21.61 57.47
N PRO C 513 -21.41 22.28 58.18
CA PRO C 513 -21.74 23.54 58.84
C PRO C 513 -22.19 24.62 57.84
N ALA C 514 -23.19 25.41 58.25
CA ALA C 514 -23.77 26.46 57.40
C ALA C 514 -22.75 27.56 57.08
N THR C 515 -21.70 27.64 57.91
CA THR C 515 -20.65 28.65 57.77
C THR C 515 -19.26 28.05 57.82
N VAL D 5 27.40 14.06 -30.66
CA VAL D 5 26.39 14.96 -30.02
C VAL D 5 25.26 14.23 -29.28
N THR D 6 24.91 14.74 -28.11
CA THR D 6 23.66 14.43 -27.43
C THR D 6 22.68 15.62 -27.58
N PRO D 7 21.82 15.59 -28.60
CA PRO D 7 20.85 16.65 -28.91
C PRO D 7 19.96 16.95 -27.72
N GLN D 8 19.99 18.21 -27.27
CA GLN D 8 19.11 18.69 -26.20
CA GLN D 8 19.09 18.67 -26.22
C GLN D 8 18.22 19.81 -26.74
N PRO D 9 16.93 19.83 -26.34
CA PRO D 9 16.04 20.91 -26.78
C PRO D 9 16.48 22.24 -26.18
N PRO D 10 16.07 23.38 -26.76
CA PRO D 10 16.60 24.69 -26.35
C PRO D 10 16.41 25.03 -24.88
N ASP D 11 15.31 24.56 -24.28
CA ASP D 11 15.06 24.86 -22.87
C ASP D 11 16.09 24.17 -21.98
N ILE D 12 16.54 22.99 -22.39
CA ILE D 12 17.56 22.27 -21.65
C ILE D 12 18.95 22.87 -21.93
N LEU D 13 19.20 23.21 -23.20
CA LEU D 13 20.47 23.76 -23.63
CA LEU D 13 20.47 23.78 -23.60
C LEU D 13 20.77 25.11 -22.93
N LEU D 14 19.77 25.99 -22.89
CA LEU D 14 20.00 27.35 -22.40
C LEU D 14 19.58 27.63 -20.97
N GLY D 15 18.96 26.64 -20.32
CA GLY D 15 18.39 26.87 -18.99
C GLY D 15 17.35 27.99 -18.94
N PRO D 16 17.31 28.74 -17.83
CA PRO D 16 16.35 29.81 -17.59
C PRO D 16 16.41 30.96 -18.60
N LEU D 17 17.53 31.10 -19.32
CA LEU D 17 17.61 32.07 -20.41
C LEU D 17 16.52 31.81 -21.48
N PHE D 18 16.31 30.55 -21.84
CA PHE D 18 15.26 30.25 -22.81
C PHE D 18 13.88 30.72 -22.32
N ASN D 19 13.58 30.38 -21.07
CA ASN D 19 12.33 30.77 -20.43
C ASN D 19 12.18 32.28 -20.43
N ASP D 20 13.25 32.99 -20.07
CA ASP D 20 13.20 34.44 -19.98
C ASP D 20 12.96 35.12 -21.33
N VAL D 21 13.61 34.63 -22.38
CA VAL D 21 13.42 35.19 -23.72
C VAL D 21 12.00 34.91 -24.24
N GLN D 22 11.50 33.71 -23.94
CA GLN D 22 10.16 33.32 -24.39
C GLN D 22 9.09 34.14 -23.67
N ASN D 23 9.21 34.24 -22.35
CA ASN D 23 8.30 35.03 -21.52
C ASN D 23 8.27 36.49 -21.89
N ALA D 24 9.41 37.03 -22.30
CA ALA D 24 9.50 38.43 -22.69
C ALA D 24 8.81 38.70 -24.03
N LYS D 25 8.52 37.63 -24.77
CA LYS D 25 7.93 37.74 -26.11
C LYS D 25 8.66 38.75 -27.01
N LEU D 26 9.98 38.63 -27.10
CA LEU D 26 10.78 39.49 -27.99
C LEU D 26 10.40 39.25 -29.46
N PHE D 27 9.90 38.05 -29.72
CA PHE D 27 9.46 37.66 -31.05
C PHE D 27 7.99 37.26 -30.95
N PRO D 28 7.17 37.66 -31.95
CA PRO D 28 5.73 37.41 -31.85
C PRO D 28 5.33 35.93 -31.99
N ASP D 29 6.28 35.10 -32.43
CA ASP D 29 6.10 33.64 -32.55
C ASP D 29 7.10 32.96 -31.63
N GLN D 30 6.60 32.06 -30.81
CA GLN D 30 7.42 31.35 -29.83
C GLN D 30 8.37 30.40 -30.55
N LYS D 31 8.01 29.99 -31.75
CA LYS D 31 8.87 29.06 -32.49
C LYS D 31 10.17 29.76 -32.93
N THR D 32 10.12 31.08 -33.06
CA THR D 32 11.28 31.85 -33.52
C THR D 32 12.54 31.65 -32.64
N PHE D 33 12.45 31.87 -31.33
CA PHE D 33 13.65 31.66 -30.50
C PHE D 33 13.97 30.18 -30.30
N ALA D 34 12.96 29.30 -30.43
CA ALA D 34 13.22 27.85 -30.45
C ALA D 34 14.12 27.42 -31.64
N ASP D 35 14.02 28.18 -32.75
CA ASP D 35 14.84 27.99 -33.92
C ASP D 35 16.11 28.87 -33.98
N ALA D 36 16.40 29.64 -32.93
CA ALA D 36 17.62 30.47 -32.88
C ALA D 36 18.86 29.60 -32.78
N VAL D 37 19.93 30.00 -33.46
CA VAL D 37 21.17 29.24 -33.38
C VAL D 37 22.16 29.98 -32.48
N PRO D 38 22.60 29.31 -31.40
CA PRO D 38 23.56 29.92 -30.47
C PRO D 38 24.86 30.24 -31.22
N ASN D 39 25.46 31.41 -30.97
CA ASN D 39 26.74 31.75 -31.61
C ASN D 39 27.94 31.12 -30.92
N SER D 40 27.72 30.61 -29.71
CA SER D 40 28.75 29.85 -29.03
C SER D 40 28.12 28.81 -28.11
N ASP D 41 28.94 28.16 -27.31
CA ASP D 41 28.46 27.11 -26.39
C ASP D 41 27.37 27.67 -25.49
N PRO D 42 26.15 27.11 -25.56
CA PRO D 42 25.04 27.62 -24.73
C PRO D 42 25.37 27.63 -23.24
N LEU D 43 26.18 26.68 -22.79
CA LEU D 43 26.60 26.68 -21.37
C LEU D 43 27.32 27.98 -21.05
N MET D 44 28.19 28.44 -21.96
CA MET D 44 28.89 29.71 -21.73
C MET D 44 27.98 30.94 -21.89
N ILE D 45 27.00 30.86 -22.78
CA ILE D 45 26.03 31.97 -22.97
C ILE D 45 25.22 32.11 -21.69
N LEU D 46 24.77 30.98 -21.13
CA LEU D 46 24.04 30.99 -19.87
C LEU D 46 24.85 31.62 -18.73
N ALA D 47 26.15 31.29 -18.66
CA ALA D 47 27.01 31.86 -17.61
C ALA D 47 27.21 33.38 -17.82
N ASP D 48 27.43 33.78 -19.07
CA ASP D 48 27.50 35.19 -19.49
C ASP D 48 26.24 35.95 -19.05
N TYR D 49 25.09 35.35 -19.34
CA TYR D 49 23.77 35.90 -18.98
C TYR D 49 23.58 36.16 -17.48
N ARG D 50 23.89 35.17 -16.64
CA ARG D 50 23.81 35.35 -15.19
C ARG D 50 24.75 36.47 -14.69
N MET D 51 25.92 36.55 -15.29
CA MET D 51 26.90 37.58 -14.96
C MET D 51 26.34 38.96 -15.29
N GLN D 52 25.88 39.13 -16.53
CA GLN D 52 25.39 40.41 -17.07
C GLN D 52 24.06 40.88 -16.46
N GLN D 53 23.21 39.95 -16.03
CA GLN D 53 22.01 40.31 -15.25
C GLN D 53 22.40 41.00 -13.94
N ASN D 54 23.52 40.57 -13.37
CA ASN D 54 24.04 41.10 -12.10
C ASN D 54 24.87 42.38 -12.26
N GLN D 55 24.85 42.95 -13.46
CA GLN D 55 25.52 44.21 -13.77
C GLN D 55 24.50 45.24 -14.17
N GLY D 57 23.26 47.83 -16.53
CA GLY D 57 22.59 48.30 -17.75
C GLY D 57 22.23 47.17 -18.73
N PHE D 58 21.61 46.12 -18.21
CA PHE D 58 21.38 44.91 -19.02
C PHE D 58 20.18 45.03 -19.99
N ASP D 59 20.43 44.75 -21.27
CA ASP D 59 19.37 44.73 -22.29
C ASP D 59 19.22 43.34 -22.94
N LEU D 60 18.14 42.64 -22.58
CA LEU D 60 17.93 41.26 -23.05
C LEU D 60 17.88 41.15 -24.57
N ARG D 61 17.17 42.06 -25.23
CA ARG D 61 17.18 42.05 -26.69
C ARG D 61 18.58 42.14 -27.28
N HIS D 62 19.39 43.08 -26.78
CA HIS D 62 20.76 43.21 -27.26
C HIS D 62 21.55 41.92 -26.98
N PHE D 63 21.41 41.40 -25.77
CA PHE D 63 22.08 40.13 -25.42
C PHE D 63 21.73 39.02 -26.44
N VAL D 64 20.44 38.87 -26.71
CA VAL D 64 20.02 37.87 -27.71
C VAL D 64 20.69 38.11 -29.05
N ASN D 65 20.63 39.34 -29.55
CA ASN D 65 21.15 39.62 -30.89
C ASN D 65 22.65 39.29 -31.07
N VAL D 66 23.45 39.54 -30.04
N VAL D 66 23.45 39.52 -30.03
CA VAL D 66 24.87 39.21 -30.05
CA VAL D 66 24.88 39.24 -30.12
C VAL D 66 25.08 37.70 -30.12
C VAL D 66 25.27 37.80 -29.75
N ASN D 67 24.30 36.99 -29.31
CA ASN D 67 24.57 35.58 -28.94
C ASN D 67 23.89 34.50 -29.79
N PHE D 68 22.95 34.94 -30.65
CA PHE D 68 22.19 34.00 -31.47
C PHE D 68 22.00 34.52 -32.87
N THR D 69 21.90 33.60 -33.81
CA THR D 69 21.49 33.94 -35.15
C THR D 69 20.03 33.52 -35.29
N LEU D 70 19.17 34.46 -35.69
CA LEU D 70 17.74 34.20 -35.76
C LEU D 70 17.32 33.75 -37.16
N PRO D 71 16.18 33.04 -37.28
CA PRO D 71 15.71 32.62 -38.62
C PRO D 71 15.55 33.82 -39.58
N LYS D 72 15.90 33.61 -40.85
CA LYS D 72 15.87 34.69 -41.86
C LYS D 72 14.43 35.08 -42.17
N LYS D 76 10.01 36.29 -49.79
CA LYS D 76 8.92 36.53 -50.75
C LYS D 76 9.12 35.76 -52.07
N TYR D 77 8.36 34.69 -52.25
CA TYR D 77 8.30 33.96 -53.52
C TYR D 77 7.55 34.76 -54.57
N VAL D 78 8.13 34.91 -55.75
CA VAL D 78 7.49 35.62 -56.84
C VAL D 78 7.41 34.68 -58.03
N PRO D 79 6.27 33.99 -58.21
CA PRO D 79 6.12 33.13 -59.37
C PRO D 79 6.01 33.98 -60.63
N PRO D 80 6.26 33.37 -61.81
CA PRO D 80 5.88 34.07 -63.03
C PRO D 80 4.36 34.13 -63.12
N GLU D 81 3.86 35.12 -63.85
CA GLU D 81 2.42 35.40 -63.87
C GLU D 81 1.61 34.37 -64.63
N GLY D 82 0.32 34.32 -64.33
CA GLY D 82 -0.62 33.52 -65.12
C GLY D 82 -0.63 32.02 -64.89
N GLN D 83 0.01 31.55 -63.81
CA GLN D 83 0.05 30.12 -63.59
C GLN D 83 -1.33 29.57 -63.16
N SER D 84 -1.69 28.42 -63.70
CA SER D 84 -2.88 27.68 -63.23
C SER D 84 -2.61 27.14 -61.82
N LEU D 85 -3.65 26.60 -61.18
CA LEU D 85 -3.49 25.96 -59.89
C LEU D 85 -2.42 24.86 -59.95
N ARG D 86 -2.53 23.98 -60.93
CA ARG D 86 -1.58 22.90 -61.12
C ARG D 86 -0.15 23.41 -61.33
N GLU D 87 0.02 24.38 -62.23
CA GLU D 87 1.35 24.90 -62.53
CA GLU D 87 1.33 24.96 -62.55
C GLU D 87 1.95 25.58 -61.31
N HIS D 88 1.13 26.33 -60.59
CA HIS D 88 1.58 27.00 -59.37
C HIS D 88 2.15 25.95 -58.40
N ILE D 89 1.39 24.88 -58.16
CA ILE D 89 1.85 23.82 -57.27
C ILE D 89 3.16 23.21 -57.79
N ASP D 90 3.17 22.84 -59.06
CA ASP D 90 4.31 22.16 -59.64
C ASP D 90 5.57 23.04 -59.59
N GLY D 91 5.40 24.35 -59.75
CA GLY D 91 6.53 25.27 -59.73
C GLY D 91 7.12 25.52 -58.33
N LEU D 92 6.32 25.23 -57.31
CA LEU D 92 6.72 25.49 -55.94
C LEU D 92 7.64 24.48 -55.26
N TRP D 93 7.77 23.27 -55.82
CA TRP D 93 8.55 22.22 -55.14
C TRP D 93 9.96 22.68 -54.79
N PRO D 94 10.68 23.35 -55.73
CA PRO D 94 12.04 23.73 -55.31
C PRO D 94 12.05 24.78 -54.22
N VAL D 95 11.09 25.69 -54.21
CA VAL D 95 10.98 26.71 -53.18
C VAL D 95 10.73 26.10 -51.78
N LEU D 96 10.02 24.99 -51.73
CA LEU D 96 9.72 24.32 -50.45
C LEU D 96 10.79 23.26 -50.05
N THR D 97 11.87 23.17 -50.82
CA THR D 97 12.91 22.17 -50.59
C THR D 97 14.03 22.77 -49.74
N ARG D 98 14.51 21.97 -48.80
CA ARG D 98 15.61 22.38 -47.94
C ARG D 98 16.68 21.31 -48.03
N SER D 99 17.92 21.72 -47.87
CA SER D 99 19.03 20.79 -47.85
C SER D 99 19.88 21.23 -46.68
N THR D 100 19.90 20.42 -45.62
CA THR D 100 20.68 20.73 -44.42
C THR D 100 21.42 19.48 -43.95
N GLU D 101 22.45 19.13 -44.71
CA GLU D 101 23.23 17.94 -44.43
C GLU D 101 24.14 18.20 -43.24
N ASN D 102 24.48 19.47 -43.05
CA ASN D 102 25.36 19.90 -41.99
C ASN D 102 24.75 21.10 -41.32
N THR D 103 24.66 21.07 -40.00
CA THR D 103 24.02 22.15 -39.27
C THR D 103 25.02 22.63 -38.26
N GLU D 104 24.96 23.92 -37.92
CA GLU D 104 25.86 24.48 -36.91
C GLU D 104 25.76 23.68 -35.64
N LYS D 105 26.86 23.62 -34.91
CA LYS D 105 26.81 23.13 -33.56
C LYS D 105 25.72 23.94 -32.83
N TRP D 106 24.90 23.20 -32.09
CA TRP D 106 23.87 23.73 -31.21
C TRP D 106 22.58 24.21 -31.89
N ASP D 107 22.50 24.09 -33.22
CA ASP D 107 21.26 24.35 -33.95
C ASP D 107 20.19 23.35 -33.49
N SER D 108 18.95 23.81 -33.32
CA SER D 108 17.85 22.87 -33.05
C SER D 108 17.48 22.10 -34.29
N LEU D 109 17.84 22.63 -35.45
CA LEU D 109 17.66 21.90 -36.69
C LEU D 109 18.60 20.71 -36.74
N LEU D 110 18.03 19.52 -36.90
CA LEU D 110 18.79 18.28 -36.96
C LEU D 110 19.15 18.00 -38.42
N PRO D 111 20.37 17.50 -38.66
CA PRO D 111 20.73 17.27 -40.07
C PRO D 111 20.04 16.07 -40.69
N LEU D 112 19.86 16.12 -42.01
CA LEU D 112 19.33 15.01 -42.77
C LEU D 112 20.24 14.83 -43.98
N PRO D 113 20.41 13.58 -44.44
CA PRO D 113 21.41 13.37 -45.51
C PRO D 113 20.98 13.89 -46.90
N GLU D 114 19.67 13.95 -47.14
CA GLU D 114 19.12 14.25 -48.47
C GLU D 114 18.21 15.48 -48.41
N PRO D 115 17.95 16.08 -49.59
CA PRO D 115 17.01 17.18 -49.60
C PRO D 115 15.61 16.72 -49.20
N TYR D 116 14.82 17.66 -48.70
CA TYR D 116 13.46 17.36 -48.24
C TYR D 116 12.51 18.53 -48.42
N VAL D 117 11.26 18.23 -48.66
CA VAL D 117 10.26 19.27 -48.79
C VAL D 117 9.67 19.58 -47.40
N VAL D 118 9.59 20.87 -47.08
CA VAL D 118 8.96 21.33 -45.83
C VAL D 118 7.55 21.86 -46.14
N PRO D 119 6.68 22.02 -45.10
CA PRO D 119 5.33 22.52 -45.40
C PRO D 119 5.28 23.94 -45.96
N GLY D 120 6.06 24.86 -45.41
CA GLY D 120 5.92 26.27 -45.78
C GLY D 120 5.84 27.16 -44.55
N GLY D 121 6.06 28.47 -44.75
CA GLY D 121 5.94 29.46 -43.68
C GLY D 121 6.86 29.19 -42.50
N ARG D 122 6.32 29.25 -41.29
CA ARG D 122 7.06 28.97 -40.05
C ARG D 122 7.54 27.53 -39.95
N PHE D 123 7.02 26.66 -40.81
CA PHE D 123 7.42 25.24 -40.80
C PHE D 123 8.67 25.02 -41.66
N ARG D 124 9.81 25.35 -41.06
CA ARG D 124 11.13 25.39 -41.72
C ARG D 124 11.88 24.07 -41.47
N GLU D 125 11.15 22.95 -41.41
CA GLU D 125 11.72 21.64 -41.14
C GLU D 125 10.75 20.59 -41.70
N VAL D 126 11.21 19.36 -41.89
CA VAL D 126 10.34 18.29 -42.40
C VAL D 126 9.36 17.90 -41.28
N TYR D 127 8.15 17.49 -41.67
CA TYR D 127 7.10 17.02 -40.77
C TYR D 127 6.72 15.61 -41.19
N TYR D 128 6.45 14.74 -40.23
CA TYR D 128 6.26 13.32 -40.52
C TYR D 128 5.01 13.08 -41.34
N TRP D 129 3.84 13.27 -40.74
CA TRP D 129 2.63 12.94 -41.47
C TRP D 129 2.38 13.85 -42.67
N ASP D 130 2.71 15.14 -42.55
CA ASP D 130 2.65 16.03 -43.73
C ASP D 130 3.38 15.45 -44.94
N SER D 131 4.55 14.86 -44.71
CA SER D 131 5.40 14.39 -45.83
C SER D 131 4.75 13.36 -46.73
N TYR D 132 3.92 12.48 -46.18
CA TYR D 132 3.28 11.47 -47.03
C TYR D 132 2.36 12.12 -48.07
N PHE D 133 1.61 13.12 -47.61
CA PHE D 133 0.67 13.81 -48.49
C PHE D 133 1.40 14.68 -49.51
N THR D 134 2.51 15.26 -49.06
CA THR D 134 3.43 16.04 -49.89
C THR D 134 4.07 15.11 -50.94
N MET D 135 4.49 13.93 -50.51
CA MET D 135 5.12 12.95 -51.38
C MET D 135 4.17 12.38 -52.44
N LEU D 136 2.88 12.28 -52.10
CA LEU D 136 1.83 11.96 -53.07
C LEU D 136 1.82 12.94 -54.26
N GLY D 137 1.90 14.23 -53.94
CA GLY D 137 2.01 15.30 -54.93
C GLY D 137 3.32 15.27 -55.73
N LEU D 138 4.43 14.99 -55.05
CA LEU D 138 5.72 14.91 -55.71
C LEU D 138 5.73 13.78 -56.72
N ALA D 139 5.26 12.60 -56.29
CA ALA D 139 5.15 11.43 -57.15
C ALA D 139 4.22 11.68 -58.34
N GLU D 140 3.06 12.26 -58.08
CA GLU D 140 2.06 12.59 -59.09
C GLU D 140 2.68 13.44 -60.20
N SER D 141 3.55 14.36 -59.82
CA SER D 141 4.11 15.34 -60.75
C SER D 141 5.49 14.89 -61.24
N GLY D 142 5.86 13.66 -60.92
CA GLY D 142 7.00 12.99 -61.54
C GLY D 142 8.31 13.15 -60.82
N HIS D 143 8.27 13.70 -59.60
CA HIS D 143 9.49 13.94 -58.85
C HIS D 143 9.77 12.75 -57.92
N TRP D 144 10.05 11.60 -58.52
CA TRP D 144 10.30 10.37 -57.77
C TRP D 144 11.62 10.42 -57.00
N ASP D 145 12.58 11.19 -57.51
CA ASP D 145 13.87 11.33 -56.84
C ASP D 145 13.72 12.03 -55.50
N LYS D 146 12.91 13.09 -55.45
CA LYS D 146 12.60 13.78 -54.20
C LYS D 146 11.88 12.85 -53.23
N VAL D 147 10.95 12.04 -53.76
CA VAL D 147 10.24 11.05 -52.95
C VAL D 147 11.25 10.07 -52.34
N ALA D 148 12.15 9.56 -53.16
CA ALA D 148 13.20 8.64 -52.70
C ALA D 148 14.09 9.31 -51.67
N ASP D 149 14.34 10.59 -51.89
CA ASP D 149 15.16 11.40 -50.98
C ASP D 149 14.55 11.42 -49.58
N MET D 150 13.24 11.63 -49.53
CA MET D 150 12.54 11.79 -48.27
C MET D 150 12.29 10.45 -47.55
N VAL D 151 12.00 9.38 -48.28
CA VAL D 151 12.02 8.04 -47.67
C VAL D 151 13.40 7.76 -47.04
N ALA D 152 14.47 8.01 -47.79
CA ALA D 152 15.83 7.84 -47.26
C ALA D 152 16.09 8.65 -46.00
N ASN D 153 15.57 9.88 -45.97
CA ASN D 153 15.73 10.74 -44.80
C ASN D 153 15.05 10.15 -43.56
N PHE D 154 13.83 9.66 -43.74
CA PHE D 154 13.04 9.11 -42.62
C PHE D 154 13.65 7.79 -42.12
N ALA D 155 14.20 7.00 -43.05
CA ALA D 155 14.91 5.75 -42.66
C ALA D 155 16.13 6.07 -41.79
N HIS D 156 16.88 7.09 -42.19
CA HIS D 156 18.03 7.58 -41.45
C HIS D 156 17.66 8.04 -40.03
N GLU D 157 16.53 8.71 -39.89
CA GLU D 157 16.06 9.16 -38.58
C GLU D 157 15.72 7.98 -37.67
N ILE D 158 15.03 7.00 -38.22
CA ILE D 158 14.80 5.74 -37.51
C ILE D 158 16.15 5.14 -37.07
N ASP D 159 17.12 5.12 -37.99
CA ASP D 159 18.45 4.59 -37.69
C ASP D 159 19.22 5.40 -36.63
N THR D 160 19.07 6.72 -36.64
CA THR D 160 19.81 7.61 -35.74
CA THR D 160 19.81 7.59 -35.72
C THR D 160 19.08 7.83 -34.41
N TYR D 161 17.75 7.93 -34.44
CA TYR D 161 17.00 8.26 -33.23
C TYR D 161 16.19 7.12 -32.65
N GLY D 162 15.89 6.10 -33.46
CA GLY D 162 15.01 5.01 -33.06
C GLY D 162 13.57 5.21 -33.46
N HIS D 163 13.25 6.41 -33.98
CA HIS D 163 11.90 6.73 -34.43
C HIS D 163 11.95 7.96 -35.34
N ILE D 164 10.87 8.21 -36.06
CA ILE D 164 10.76 9.44 -36.81
C ILE D 164 10.19 10.54 -35.89
N PRO D 165 11.01 11.53 -35.52
CA PRO D 165 10.48 12.64 -34.71
C PRO D 165 9.35 13.39 -35.43
N ASN D 166 8.52 14.11 -34.66
CA ASN D 166 7.48 15.00 -35.21
C ASN D 166 8.05 15.78 -36.41
N GLY D 167 9.28 16.27 -36.24
CA GLY D 167 10.04 16.87 -37.35
C GLY D 167 11.51 16.88 -37.01
N ASN D 168 12.36 17.33 -37.94
CA ASN D 168 13.80 17.36 -37.63
C ASN D 168 14.29 18.56 -36.80
N ARG D 169 13.74 18.66 -35.60
CA ARG D 169 14.11 19.64 -34.60
C ARG D 169 14.39 18.92 -33.29
N SER D 170 15.35 19.42 -32.51
CA SER D 170 15.70 18.85 -31.21
C SER D 170 14.48 18.80 -30.28
N TYR D 171 13.63 19.83 -30.36
CA TYR D 171 12.43 19.90 -29.54
C TYR D 171 11.29 19.00 -30.04
N TYR D 172 11.51 18.28 -31.14
CA TYR D 172 10.52 17.30 -31.62
C TYR D 172 10.96 15.85 -31.33
N LEU D 173 12.16 15.66 -30.79
CA LEU D 173 12.69 14.28 -30.60
C LEU D 173 11.93 13.43 -29.61
N SER D 174 11.26 14.09 -28.67
CA SER D 174 10.56 13.42 -27.58
C SER D 174 9.28 12.76 -28.07
N ARG D 175 8.92 12.98 -29.34
CA ARG D 175 7.71 12.36 -29.89
C ARG D 175 7.80 12.02 -31.37
N SER D 176 6.82 11.29 -31.86
CA SER D 176 6.71 11.01 -33.31
C SER D 176 5.51 11.78 -33.86
N GLN D 177 4.73 11.15 -34.74
CA GLN D 177 3.49 11.71 -35.29
C GLN D 177 2.72 10.55 -35.93
N PRO D 178 1.54 10.83 -36.53
CA PRO D 178 0.79 9.72 -37.11
C PRO D 178 1.71 8.95 -38.05
N PRO D 179 1.87 7.62 -37.83
CA PRO D 179 2.91 6.89 -38.54
C PRO D 179 2.54 6.59 -40.00
N PHE D 180 3.24 7.25 -40.93
CA PHE D 180 2.99 7.06 -42.36
C PHE D 180 4.15 6.49 -43.11
N PHE D 181 5.24 6.15 -42.43
CA PHE D 181 6.45 5.74 -43.09
C PHE D 181 6.27 4.47 -43.92
N ALA D 182 5.48 3.54 -43.40
CA ALA D 182 5.18 2.31 -44.12
C ALA D 182 4.44 2.64 -45.43
N LEU D 183 3.52 3.62 -45.37
CA LEU D 183 2.73 4.03 -46.54
C LEU D 183 3.61 4.74 -47.57
N MET D 184 4.60 5.50 -47.09
CA MET D 184 5.63 6.12 -47.95
C MET D 184 6.43 5.06 -48.68
N VAL D 185 6.79 3.98 -47.98
CA VAL D 185 7.57 2.90 -48.63
C VAL D 185 6.73 2.20 -49.71
N GLU D 186 5.44 2.00 -49.42
CA GLU D 186 4.49 1.50 -50.42
C GLU D 186 4.39 2.43 -51.63
N LEU D 187 4.37 3.75 -51.35
CA LEU D 187 4.32 4.75 -52.42
CA LEU D 187 4.33 4.77 -52.41
C LEU D 187 5.54 4.63 -53.34
N LEU D 188 6.73 4.53 -52.75
CA LEU D 188 7.98 4.38 -53.49
C LEU D 188 8.05 3.08 -54.28
N ALA D 189 7.36 2.05 -53.77
CA ALA D 189 7.26 0.75 -54.44
C ALA D 189 6.38 0.80 -55.69
N GLN D 190 5.54 1.82 -55.78
CA GLN D 190 4.71 2.01 -56.97
C GLN D 190 5.58 2.41 -58.16
N HIS D 191 6.79 2.90 -57.85
CA HIS D 191 7.74 3.33 -58.85
C HIS D 191 8.95 2.41 -58.91
N GLU D 192 9.22 1.68 -57.83
CA GLU D 192 10.43 0.88 -57.75
C GLU D 192 10.13 -0.60 -57.66
N GLY D 193 8.87 -0.96 -57.48
CA GLY D 193 8.50 -2.35 -57.23
C GLY D 193 9.02 -2.85 -55.88
N ASP D 194 9.19 -4.17 -55.79
CA ASP D 194 9.58 -4.84 -54.55
C ASP D 194 10.92 -4.45 -53.98
N ALA D 195 11.78 -3.89 -54.82
CA ALA D 195 13.11 -3.43 -54.39
C ALA D 195 13.05 -2.40 -53.25
N ALA D 196 12.01 -1.58 -53.23
CA ALA D 196 11.81 -0.59 -52.14
C ALA D 196 11.29 -1.23 -50.85
N LEU D 197 10.30 -2.13 -50.99
CA LEU D 197 9.70 -2.84 -49.86
C LEU D 197 10.73 -3.70 -49.13
N LYS D 198 11.58 -4.37 -49.91
CA LYS D 198 12.68 -5.14 -49.34
C LYS D 198 13.69 -4.23 -48.68
N GLN D 199 14.05 -3.15 -49.37
CA GLN D 199 15.08 -2.21 -48.92
C GLN D 199 14.75 -1.53 -47.59
N TYR D 200 13.46 -1.35 -47.29
CA TYR D 200 13.08 -0.60 -46.09
C TYR D 200 12.31 -1.43 -45.05
N LEU D 201 12.19 -2.74 -45.29
CA LEU D 201 11.59 -3.64 -44.32
C LEU D 201 12.19 -3.46 -42.90
N PRO D 202 13.54 -3.46 -42.77
CA PRO D 202 14.18 -3.33 -41.47
C PRO D 202 13.83 -2.03 -40.74
N GLN D 203 13.70 -0.93 -41.48
CA GLN D 203 13.34 0.34 -40.86
C GLN D 203 11.89 0.37 -40.45
N MET D 204 11.01 -0.24 -41.25
CA MET D 204 9.60 -0.29 -40.90
C MET D 204 9.43 -1.14 -39.64
N GLN D 205 10.24 -2.20 -39.56
CA GLN D 205 10.30 -3.10 -38.42
C GLN D 205 10.73 -2.36 -37.13
N LYS D 206 11.86 -1.66 -37.22
CA LYS D 206 12.37 -0.82 -36.13
C LYS D 206 11.36 0.25 -35.67
N GLU D 207 10.65 0.87 -36.61
CA GLU D 207 9.59 1.81 -36.26
C GLU D 207 8.47 1.12 -35.52
N TYR D 208 8.08 -0.07 -36.02
CA TYR D 208 7.08 -0.90 -35.34
C TYR D 208 7.56 -1.21 -33.92
N ALA D 209 8.84 -1.54 -33.79
CA ALA D 209 9.47 -1.73 -32.50
C ALA D 209 9.32 -0.50 -31.56
N TYR D 210 9.44 0.71 -32.11
CA TYR D 210 9.29 1.94 -31.33
C TYR D 210 7.89 2.08 -30.80
N TRP D 211 6.91 1.95 -31.67
CA TRP D 211 5.51 2.08 -31.27
C TRP D 211 5.11 0.99 -30.27
N MET D 212 5.66 -0.21 -30.46
CA MET D 212 5.27 -1.34 -29.61
C MET D 212 6.18 -1.50 -28.40
N ASP D 213 7.19 -0.62 -28.30
CA ASP D 213 8.18 -0.66 -27.21
C ASP D 213 7.57 -0.96 -25.86
N GLY D 214 8.01 -2.05 -25.23
CA GLY D 214 7.55 -2.44 -23.90
C GLY D 214 6.36 -3.39 -23.85
N VAL D 215 5.76 -3.67 -25.01
CA VAL D 215 4.54 -4.48 -25.05
C VAL D 215 4.73 -5.86 -24.36
N GLU D 216 5.89 -6.47 -24.54
CA GLU D 216 6.12 -7.84 -24.09
C GLU D 216 6.06 -8.04 -22.57
N ASN D 217 6.22 -6.94 -21.82
CA ASN D 217 6.17 -7.00 -20.36
C ASN D 217 4.98 -6.25 -19.77
N LEU D 218 4.11 -5.75 -20.63
CA LEU D 218 2.98 -4.94 -20.20
C LEU D 218 1.81 -5.80 -19.71
N GLN D 219 1.36 -5.57 -18.47
CA GLN D 219 0.24 -6.34 -17.92
C GLN D 219 -1.11 -5.80 -18.39
N ALA D 220 -2.10 -6.70 -18.49
CA ALA D 220 -3.43 -6.32 -18.97
C ALA D 220 -4.06 -5.26 -18.07
N GLY D 221 -4.70 -4.26 -18.67
CA GLY D 221 -5.27 -3.16 -17.88
C GLY D 221 -4.27 -2.05 -17.57
N GLN D 222 -3.07 -2.17 -18.12
CA GLN D 222 -2.02 -1.16 -17.93
C GLN D 222 -1.55 -0.47 -19.21
N GLN D 223 -0.89 0.69 -19.07
CA GLN D 223 -0.31 1.39 -20.23
C GLN D 223 1.15 1.69 -19.98
N GLU D 224 1.94 1.72 -21.05
CA GLU D 224 3.29 2.24 -20.95
C GLU D 224 3.69 2.88 -22.28
N LYS D 225 4.30 4.06 -22.19
CA LYS D 225 4.74 4.77 -23.40
C LYS D 225 3.65 4.78 -24.48
N ARG D 226 3.91 4.18 -25.64
CA ARG D 226 2.92 4.27 -26.72
C ARG D 226 1.97 3.06 -26.82
N VAL D 227 2.09 2.10 -25.89
CA VAL D 227 1.26 0.89 -25.94
C VAL D 227 0.24 0.85 -24.80
N VAL D 228 -0.96 0.37 -25.10
CA VAL D 228 -1.93 -0.02 -24.09
C VAL D 228 -2.28 -1.51 -24.27
N LYS D 229 -2.60 -2.18 -23.15
CA LYS D 229 -3.14 -3.53 -23.20
C LYS D 229 -4.40 -3.52 -22.37
N LEU D 230 -5.53 -3.78 -23.01
CA LEU D 230 -6.82 -3.69 -22.33
C LEU D 230 -7.04 -4.88 -21.37
N GLN D 231 -8.09 -4.82 -20.55
CA GLN D 231 -8.37 -5.90 -19.58
C GLN D 231 -8.45 -7.29 -20.23
N ASP D 232 -9.11 -7.36 -21.38
CA ASP D 232 -9.23 -8.63 -22.10
C ASP D 232 -7.96 -9.02 -22.85
N GLY D 233 -6.92 -8.18 -22.76
CA GLY D 233 -5.64 -8.47 -23.40
C GLY D 233 -5.42 -7.80 -24.75
N THR D 234 -6.42 -7.09 -25.27
CA THR D 234 -6.31 -6.46 -26.60
C THR D 234 -5.19 -5.43 -26.60
N LEU D 235 -4.29 -5.51 -27.57
CA LEU D 235 -3.16 -4.58 -27.68
C LEU D 235 -3.45 -3.44 -28.66
N LEU D 236 -3.39 -2.20 -28.16
CA LEU D 236 -3.62 -1.01 -29.01
C LEU D 236 -2.54 0.04 -28.72
N ASN D 237 -2.47 1.09 -29.55
CA ASN D 237 -1.47 2.15 -29.35
C ASN D 237 -2.11 3.48 -29.02
N ARG D 238 -1.32 4.38 -28.43
CA ARG D 238 -1.78 5.71 -28.10
C ARG D 238 -0.64 6.65 -28.45
N TYR D 239 -0.97 7.94 -28.56
CA TYR D 239 0.06 8.96 -28.74
C TYR D 239 0.66 9.30 -27.38
N TRP D 240 1.98 9.49 -27.37
CA TRP D 240 2.77 9.68 -26.15
C TRP D 240 4.04 10.50 -26.45
N ASP D 241 4.27 11.56 -25.68
CA ASP D 241 5.54 12.29 -25.72
C ASP D 241 6.35 11.93 -24.46
N ASP D 242 7.66 11.75 -24.61
CA ASP D 242 8.51 11.29 -23.51
CA ASP D 242 8.46 11.28 -23.47
C ASP D 242 8.82 12.38 -22.48
N ARG D 243 8.43 13.63 -22.77
CA ARG D 243 8.63 14.72 -21.82
C ARG D 243 7.34 15.25 -21.19
N ASP D 244 7.48 15.99 -20.09
CA ASP D 244 6.32 16.51 -19.35
C ASP D 244 6.49 18.00 -19.02
N THR D 245 6.97 18.77 -19.99
CA THR D 245 7.29 20.20 -19.79
C THR D 245 6.64 21.01 -20.91
N PRO D 246 6.69 22.36 -20.84
CA PRO D 246 6.13 23.14 -21.93
C PRO D 246 6.90 22.83 -23.19
N ARG D 247 6.22 22.86 -24.33
CA ARG D 247 6.88 22.72 -25.63
C ARG D 247 7.66 24.00 -25.91
N PRO D 248 8.96 23.89 -26.24
CA PRO D 248 9.82 25.05 -26.56
C PRO D 248 9.20 25.95 -27.62
N GLU D 249 8.58 25.36 -28.65
CA GLU D 249 7.99 26.10 -29.76
C GLU D 249 6.63 26.77 -29.43
N SER D 250 6.05 26.41 -28.27
CA SER D 250 4.76 26.99 -27.82
C SER D 250 4.85 27.31 -26.35
N TRP D 251 5.97 27.88 -25.95
CA TRP D 251 6.38 27.90 -24.54
C TRP D 251 5.40 28.66 -23.66
N VAL D 252 5.20 29.95 -23.95
CA VAL D 252 4.30 30.79 -23.11
C VAL D 252 2.87 30.28 -23.11
N GLU D 253 2.39 29.82 -24.28
CA GLU D 253 1.06 29.23 -24.42
C GLU D 253 0.84 28.05 -23.49
N ASP D 254 1.77 27.11 -23.50
CA ASP D 254 1.62 25.90 -22.70
C ASP D 254 1.64 26.20 -21.22
N ILE D 255 2.52 27.12 -20.80
CA ILE D 255 2.54 27.58 -19.40
C ILE D 255 1.18 28.16 -18.98
N ALA D 256 0.65 29.06 -19.79
CA ALA D 256 -0.65 29.68 -19.50
C ALA D 256 -1.76 28.62 -19.44
N THR D 257 -1.74 27.65 -20.36
CA THR D 257 -2.74 26.57 -20.36
C THR D 257 -2.71 25.77 -19.03
N ALA D 258 -1.53 25.34 -18.62
CA ALA D 258 -1.41 24.58 -17.39
C ALA D 258 -1.79 25.41 -16.16
N LYS D 259 -1.32 26.67 -16.11
CA LYS D 259 -1.61 27.55 -14.98
C LYS D 259 -3.12 27.82 -14.79
N SER D 260 -3.86 27.82 -15.90
CA SER D 260 -5.31 28.07 -15.87
C SER D 260 -6.08 26.91 -15.26
N ASN D 261 -5.38 25.80 -14.99
CA ASN D 261 -5.98 24.63 -14.34
C ASN D 261 -5.16 24.15 -13.12
N PRO D 262 -5.34 24.81 -11.96
CA PRO D 262 -4.58 24.36 -10.80
C PRO D 262 -5.17 23.07 -10.18
N ASN D 263 -6.19 22.49 -10.81
CA ASN D 263 -6.78 21.24 -10.36
C ASN D 263 -6.02 20.00 -10.85
N ARG D 264 -5.03 20.23 -11.73
CA ARG D 264 -4.20 19.17 -12.28
C ARG D 264 -2.71 19.53 -12.11
N PRO D 265 -1.85 18.53 -11.86
CA PRO D 265 -0.42 18.84 -11.87
C PRO D 265 -0.04 19.32 -13.25
N ALA D 266 0.79 20.36 -13.34
CA ALA D 266 1.12 20.94 -14.65
C ALA D 266 1.77 19.89 -15.55
N THR D 267 2.54 18.97 -14.97
CA THR D 267 3.30 17.98 -15.74
C THR D 267 2.36 17.09 -16.54
N GLU D 268 1.20 16.79 -15.95
CA GLU D 268 0.22 15.94 -16.62
CA GLU D 268 0.15 15.97 -16.57
C GLU D 268 -0.42 16.67 -17.80
N ILE D 269 -0.69 17.96 -17.63
CA ILE D 269 -1.19 18.77 -18.72
C ILE D 269 -0.14 18.91 -19.83
N TYR D 270 1.11 19.17 -19.46
CA TYR D 270 2.18 19.27 -20.44
C TYR D 270 2.32 17.99 -21.25
N ARG D 271 2.29 16.83 -20.57
CA ARG D 271 2.36 15.52 -21.23
C ARG D 271 1.23 15.33 -22.25
N ASP D 272 0.03 15.75 -21.86
CA ASP D 272 -1.16 15.64 -22.69
C ASP D 272 -1.18 16.63 -23.86
N LEU D 273 -0.65 17.84 -23.65
CA LEU D 273 -0.51 18.81 -24.74
C LEU D 273 0.48 18.33 -25.79
N ARG D 274 1.64 17.86 -25.32
CA ARG D 274 2.67 17.28 -26.18
C ARG D 274 2.14 16.04 -26.91
N SER D 275 1.40 15.18 -26.21
CA SER D 275 0.87 13.98 -26.86
C SER D 275 -0.16 14.32 -27.92
N ALA D 276 -0.90 15.42 -27.73
CA ALA D 276 -1.81 15.90 -28.74
C ALA D 276 -1.03 16.44 -29.94
N ALA D 277 0.16 16.99 -29.69
CA ALA D 277 1.00 17.41 -30.81
C ALA D 277 1.47 16.17 -31.59
N ALA D 278 1.87 15.12 -30.86
CA ALA D 278 2.24 13.85 -31.50
C ALA D 278 1.11 13.30 -32.38
N SER D 279 -0.14 13.58 -32.01
CA SER D 279 -1.32 13.07 -32.74
C SER D 279 -1.58 13.81 -34.06
N GLY D 280 -0.94 14.97 -34.23
CA GLY D 280 -1.21 15.87 -35.36
C GLY D 280 -2.31 16.87 -35.03
N TRP D 281 -3.22 16.47 -34.12
CA TRP D 281 -4.44 17.20 -33.83
C TRP D 281 -4.24 18.05 -32.58
N ASP D 282 -3.30 18.99 -32.67
CA ASP D 282 -3.09 20.01 -31.65
C ASP D 282 -3.76 21.31 -32.07
N PHE D 283 -4.97 21.60 -31.55
CA PHE D 283 -5.68 20.78 -30.56
C PHE D 283 -7.12 20.55 -30.99
N SER D 284 -7.86 19.71 -30.24
CA SER D 284 -9.23 19.37 -30.60
C SER D 284 -10.08 18.99 -29.39
N SER D 285 -11.36 19.38 -29.43
CA SER D 285 -12.41 18.88 -28.51
C SER D 285 -12.35 17.37 -28.35
N ARG D 286 -11.82 16.71 -29.39
CA ARG D 286 -11.65 15.26 -29.41
C ARG D 286 -10.92 14.71 -28.18
N TRP D 287 -10.02 15.53 -27.63
CA TRP D 287 -9.14 15.11 -26.55
C TRP D 287 -9.64 15.63 -25.21
N MET D 288 -10.62 16.54 -25.26
CA MET D 288 -10.98 17.30 -24.07
CA MET D 288 -11.01 17.30 -24.07
C MET D 288 -12.21 16.70 -23.34
N ASP D 289 -12.21 16.82 -22.01
CA ASP D 289 -13.38 16.46 -21.21
C ASP D 289 -14.45 17.53 -21.37
N ASN D 290 -14.01 18.77 -21.34
CA ASN D 290 -14.86 19.91 -21.58
C ASN D 290 -14.41 20.41 -22.92
N PRO D 291 -15.31 20.34 -23.92
CA PRO D 291 -14.95 20.64 -25.32
C PRO D 291 -14.69 22.12 -25.56
N GLN D 292 -14.84 22.94 -24.53
CA GLN D 292 -14.62 24.40 -24.57
CA GLN D 292 -14.54 24.36 -24.68
C GLN D 292 -13.34 24.78 -23.81
N GLN D 293 -12.71 23.81 -23.15
CA GLN D 293 -11.58 24.11 -22.25
C GLN D 293 -10.39 23.21 -22.51
N LEU D 294 -9.41 23.79 -23.20
CA LEU D 294 -8.20 23.04 -23.58
C LEU D 294 -7.51 22.42 -22.37
N ASN D 295 -7.52 23.12 -21.23
CA ASN D 295 -6.88 22.64 -20.01
C ASN D 295 -7.47 21.35 -19.39
N THR D 296 -8.54 20.84 -19.99
CA THR D 296 -9.14 19.55 -19.59
C THR D 296 -8.79 18.39 -20.54
N LEU D 297 -7.87 18.63 -21.49
CA LEU D 297 -7.51 17.59 -22.43
C LEU D 297 -6.79 16.44 -21.70
N ARG D 298 -7.01 15.22 -22.16
CA ARG D 298 -6.38 14.03 -21.58
CA ARG D 298 -6.35 14.04 -21.59
C ARG D 298 -5.98 13.01 -22.64
N THR D 299 -5.19 13.48 -23.60
CA THR D 299 -4.77 12.72 -24.76
C THR D 299 -4.26 11.32 -24.49
N THR D 300 -3.43 11.17 -23.45
CA THR D 300 -2.77 9.91 -23.14
C THR D 300 -3.72 8.83 -22.55
N SER D 301 -4.93 9.22 -22.14
CA SER D 301 -5.94 8.23 -21.66
C SER D 301 -7.00 7.97 -22.75
N ILE D 302 -6.63 8.19 -24.01
CA ILE D 302 -7.53 8.04 -25.15
C ILE D 302 -6.84 7.20 -26.22
N VAL D 303 -7.46 6.09 -26.59
CA VAL D 303 -6.94 5.22 -27.65
C VAL D 303 -7.46 5.72 -29.00
N PRO D 304 -6.56 6.25 -29.86
CA PRO D 304 -7.02 6.93 -31.07
C PRO D 304 -7.34 5.93 -32.19
N VAL D 305 -8.48 6.14 -32.86
CA VAL D 305 -8.91 5.27 -33.96
C VAL D 305 -8.04 5.43 -35.22
N ASP D 306 -7.60 6.67 -35.50
CA ASP D 306 -6.71 6.93 -36.62
C ASP D 306 -5.35 6.26 -36.44
N LEU D 307 -4.71 6.48 -35.29
CA LEU D 307 -3.41 5.88 -35.01
C LEU D 307 -3.43 4.37 -35.16
N ASN D 308 -4.45 3.75 -34.58
CA ASN D 308 -4.56 2.30 -34.62
C ASN D 308 -4.88 1.76 -36.00
N SER D 309 -5.67 2.52 -36.76
CA SER D 309 -5.91 2.22 -38.18
C SER D 309 -4.61 2.26 -38.95
N LEU D 310 -3.77 3.28 -38.64
CA LEU D 310 -2.43 3.35 -39.22
C LEU D 310 -1.50 2.22 -38.77
N MET D 311 -1.67 1.74 -37.53
CA MET D 311 -0.85 0.63 -37.07
C MET D 311 -1.24 -0.67 -37.80
N PHE D 312 -2.54 -0.82 -38.07
CA PHE D 312 -3.07 -1.92 -38.88
C PHE D 312 -2.40 -1.97 -40.27
N LYS D 313 -2.32 -0.81 -40.92
CA LYS D 313 -1.63 -0.67 -42.22
C LYS D 313 -0.16 -1.00 -42.14
N MET D 314 0.49 -0.53 -41.08
CA MET D 314 1.89 -0.84 -40.88
C MET D 314 2.07 -2.35 -40.80
N GLU D 315 1.20 -3.01 -40.03
CA GLU D 315 1.26 -4.46 -39.90
C GLU D 315 0.95 -5.17 -41.23
N LYS D 316 -0.08 -4.70 -41.93
CA LYS D 316 -0.40 -5.23 -43.27
C LYS D 316 0.79 -5.07 -44.23
N ILE D 317 1.42 -3.89 -44.23
CA ILE D 317 2.59 -3.62 -45.07
C ILE D 317 3.83 -4.39 -44.63
N LEU D 318 3.95 -4.66 -43.34
CA LEU D 318 5.10 -5.43 -42.86
C LEU D 318 5.02 -6.89 -43.37
N ALA D 319 3.81 -7.44 -43.35
CA ALA D 319 3.57 -8.79 -43.90
C ALA D 319 3.92 -8.82 -45.39
N ARG D 320 3.39 -7.84 -46.13
CA ARG D 320 3.59 -7.75 -47.57
C ARG D 320 5.07 -7.61 -47.93
N ALA D 321 5.81 -6.83 -47.15
CA ALA D 321 7.26 -6.63 -47.32
C ALA D 321 8.09 -7.85 -46.92
N SER D 322 7.65 -8.55 -45.87
CA SER D 322 8.29 -9.80 -45.47
C SER D 322 8.09 -10.85 -46.57
N LYS D 323 6.86 -11.00 -47.05
CA LYS D 323 6.54 -11.90 -48.17
C LYS D 323 7.37 -11.56 -49.40
N ALA D 324 7.65 -10.27 -49.59
CA ALA D 324 8.50 -9.77 -50.67
C ALA D 324 9.97 -10.02 -50.43
N ALA D 325 10.37 -10.03 -49.17
CA ALA D 325 11.74 -10.38 -48.79
C ALA D 325 11.92 -11.89 -48.88
N GLY D 326 10.79 -12.60 -48.93
CA GLY D 326 10.76 -14.06 -49.07
C GLY D 326 10.62 -14.83 -47.78
N ASP D 327 10.18 -14.17 -46.70
CA ASP D 327 9.93 -14.88 -45.45
CA ASP D 327 9.94 -14.83 -45.43
C ASP D 327 8.44 -14.94 -45.18
N ASN D 328 7.84 -16.02 -45.66
CA ASN D 328 6.39 -16.19 -45.55
C ASN D 328 5.94 -16.51 -44.14
N ALA D 329 6.79 -17.18 -43.38
CA ALA D 329 6.58 -17.40 -41.95
C ALA D 329 6.38 -16.07 -41.21
N MET D 330 7.25 -15.10 -41.49
CA MET D 330 7.15 -13.74 -40.93
C MET D 330 5.91 -12.99 -41.44
N ALA D 331 5.63 -13.12 -42.74
CA ALA D 331 4.47 -12.47 -43.33
C ALA D 331 3.22 -12.90 -42.59
N ASN D 332 3.12 -14.19 -42.30
CA ASN D 332 1.99 -14.74 -41.56
C ASN D 332 1.90 -14.19 -40.14
N GLN D 333 3.05 -14.02 -39.49
CA GLN D 333 3.14 -13.43 -38.15
C GLN D 333 2.57 -12.01 -38.14
N TYR D 334 3.00 -11.20 -39.09
CA TYR D 334 2.48 -9.83 -39.20
C TYR D 334 1.02 -9.86 -39.61
N GLU D 335 0.67 -10.83 -40.46
CA GLU D 335 -0.72 -11.04 -40.81
C GLU D 335 -1.57 -11.33 -39.57
N THR D 336 -1.08 -12.23 -38.72
CA THR D 336 -1.75 -12.55 -37.45
CA THR D 336 -1.78 -12.55 -37.48
C THR D 336 -1.92 -11.30 -36.59
N LEU D 337 -0.83 -10.55 -36.43
CA LEU D 337 -0.86 -9.26 -35.72
C LEU D 337 -1.91 -8.32 -36.31
N ALA D 338 -1.92 -8.17 -37.64
CA ALA D 338 -2.91 -7.33 -38.31
C ALA D 338 -4.35 -7.75 -37.98
N ASN D 339 -4.60 -9.07 -38.07
CA ASN D 339 -5.91 -9.64 -37.75
C ASN D 339 -6.36 -9.27 -36.34
N ALA D 340 -5.44 -9.44 -35.40
CA ALA D 340 -5.65 -9.05 -33.99
C ALA D 340 -6.01 -7.57 -33.86
N ARG D 341 -5.33 -6.75 -34.68
CA ARG D 341 -5.55 -5.30 -34.69
C ARG D 341 -6.95 -4.94 -35.20
N GLN D 342 -7.35 -5.58 -36.30
CA GLN D 342 -8.67 -5.36 -36.85
C GLN D 342 -9.81 -5.62 -35.84
N LYS D 343 -9.75 -6.76 -35.15
CA LYS D 343 -10.74 -7.10 -34.11
C LYS D 343 -10.80 -6.02 -33.01
N GLY D 344 -9.61 -5.56 -32.60
CA GLY D 344 -9.49 -4.45 -31.65
C GLY D 344 -10.24 -3.25 -32.15
N ILE D 345 -9.93 -2.82 -33.38
CA ILE D 345 -10.59 -1.67 -34.00
C ILE D 345 -12.10 -1.87 -34.00
N GLU D 346 -12.52 -3.05 -34.45
CA GLU D 346 -13.96 -3.38 -34.53
C GLU D 346 -14.69 -3.50 -33.18
N LYS D 347 -14.00 -4.01 -32.17
CA LYS D 347 -14.59 -4.08 -30.82
C LYS D 347 -14.56 -2.75 -30.09
N TYR D 348 -13.38 -2.14 -30.04
CA TYR D 348 -13.10 -1.01 -29.14
C TYR D 348 -13.09 0.36 -29.80
N LEU D 349 -13.13 0.41 -31.12
CA LEU D 349 -13.07 1.70 -31.79
C LEU D 349 -14.30 2.03 -32.66
N TRP D 350 -15.39 1.31 -32.38
CA TRP D 350 -16.71 1.53 -32.99
C TRP D 350 -17.79 1.82 -31.93
N ASN D 351 -18.56 2.89 -32.15
CA ASN D 351 -19.67 3.22 -31.28
C ASN D 351 -20.97 2.66 -31.86
N ASP D 352 -21.42 1.53 -31.30
CA ASP D 352 -22.64 0.88 -31.80
C ASP D 352 -23.93 1.63 -31.44
N GLN D 353 -23.87 2.54 -30.47
CA GLN D 353 -25.00 3.39 -30.14
C GLN D 353 -25.21 4.49 -31.19
N GLN D 354 -24.10 5.10 -31.62
CA GLN D 354 -24.16 6.22 -32.55
C GLN D 354 -24.13 5.77 -34.00
N GLY D 355 -23.51 4.61 -34.23
CA GLY D 355 -23.28 4.12 -35.57
C GLY D 355 -22.11 4.80 -36.26
N TRP D 356 -20.97 4.87 -35.57
CA TRP D 356 -19.74 5.40 -36.16
C TRP D 356 -18.47 5.06 -35.38
N TYR D 357 -17.35 5.02 -36.09
CA TYR D 357 -16.05 4.81 -35.45
C TYR D 357 -15.68 5.99 -34.56
N ALA D 358 -14.89 5.70 -33.52
CA ALA D 358 -14.51 6.65 -32.49
C ALA D 358 -13.31 6.14 -31.67
N ASP D 359 -12.78 7.01 -30.82
CA ASP D 359 -11.66 6.69 -29.92
C ASP D 359 -12.17 5.98 -28.66
N TYR D 360 -11.31 5.18 -28.06
CA TYR D 360 -11.66 4.48 -26.82
C TYR D 360 -11.10 5.18 -25.58
N ASP D 361 -11.98 5.36 -24.59
CA ASP D 361 -11.67 6.02 -23.32
C ASP D 361 -11.15 5.06 -22.26
N LEU D 362 -9.90 5.24 -21.85
CA LEU D 362 -9.32 4.40 -20.81
C LEU D 362 -9.74 4.77 -19.38
N LYS D 363 -10.32 5.95 -19.19
CA LYS D 363 -10.81 6.32 -17.87
C LYS D 363 -12.17 5.67 -17.63
N SER D 364 -13.13 5.91 -18.54
CA SER D 364 -14.48 5.38 -18.40
C SER D 364 -14.64 3.96 -18.95
N HIS D 365 -13.60 3.45 -19.61
CA HIS D 365 -13.62 2.12 -20.23
C HIS D 365 -14.77 1.94 -21.23
N LYS D 366 -15.10 3.03 -21.93
CA LYS D 366 -16.14 3.03 -22.97
C LYS D 366 -15.63 3.67 -24.25
N VAL D 367 -16.30 3.39 -25.36
CA VAL D 367 -16.02 4.08 -26.62
C VAL D 367 -16.59 5.48 -26.47
N ARG D 368 -15.88 6.46 -26.99
CA ARG D 368 -16.33 7.84 -26.91
C ARG D 368 -17.52 8.12 -27.84
N ASN D 369 -18.32 9.12 -27.49
CA ASN D 369 -19.48 9.49 -28.28
C ASN D 369 -19.08 10.15 -29.60
N GLN D 370 -18.20 11.14 -29.50
CA GLN D 370 -17.93 12.12 -30.57
C GLN D 370 -17.51 11.56 -31.91
N LEU D 371 -18.17 12.06 -32.97
CA LEU D 371 -17.77 11.81 -34.34
C LEU D 371 -16.78 12.89 -34.80
N THR D 372 -15.59 12.44 -35.21
CA THR D 372 -14.60 13.32 -35.85
C THR D 372 -14.20 12.71 -37.18
N ALA D 373 -13.51 13.50 -38.00
CA ALA D 373 -12.92 12.99 -39.25
C ALA D 373 -11.96 11.80 -39.07
N ALA D 374 -11.44 11.58 -37.86
CA ALA D 374 -10.63 10.37 -37.60
C ALA D 374 -11.42 9.07 -37.88
N ALA D 375 -12.75 9.16 -37.86
CA ALA D 375 -13.63 7.99 -37.97
C ALA D 375 -13.56 7.34 -39.35
N LEU D 376 -12.90 8.04 -40.29
CA LEU D 376 -12.73 7.54 -41.66
C LEU D 376 -11.51 6.69 -41.87
N PHE D 377 -10.55 6.75 -40.93
CA PHE D 377 -9.31 5.97 -41.08
C PHE D 377 -9.49 4.47 -41.21
N PRO D 378 -10.49 3.87 -40.51
CA PRO D 378 -10.71 2.45 -40.71
C PRO D 378 -11.07 2.09 -42.16
N LEU D 379 -11.89 2.91 -42.81
CA LEU D 379 -12.18 2.74 -44.25
C LEU D 379 -10.92 2.95 -45.09
N TYR D 380 -10.21 4.05 -44.85
CA TYR D 380 -8.94 4.35 -45.53
C TYR D 380 -7.92 3.20 -45.56
N VAL D 381 -7.78 2.49 -44.44
CA VAL D 381 -6.79 1.42 -44.35
CA VAL D 381 -6.79 1.43 -44.31
C VAL D 381 -7.38 0.04 -44.68
N ASN D 382 -8.68 0.00 -44.98
CA ASN D 382 -9.42 -1.26 -45.29
C ASN D 382 -9.55 -2.22 -44.10
N ALA D 383 -9.87 -1.67 -42.94
CA ALA D 383 -10.14 -2.49 -41.76
C ALA D 383 -11.65 -2.56 -41.46
N ALA D 384 -12.40 -1.58 -41.97
CA ALA D 384 -13.83 -1.49 -41.70
C ALA D 384 -14.63 -2.64 -42.33
N ALA D 385 -15.62 -3.15 -41.58
CA ALA D 385 -16.63 -4.04 -42.15
C ALA D 385 -17.49 -3.23 -43.13
N LYS D 386 -17.87 -3.87 -44.24
CA LYS D 386 -18.55 -3.17 -45.33
C LYS D 386 -19.83 -2.43 -44.90
N ASP D 387 -20.57 -2.99 -43.93
CA ASP D 387 -21.77 -2.31 -43.43
C ASP D 387 -21.46 -1.10 -42.53
N ARG D 388 -20.32 -1.15 -41.84
CA ARG D 388 -19.88 -0.02 -41.02
C ARG D 388 -19.36 1.12 -41.91
N ALA D 389 -18.66 0.75 -42.98
CA ALA D 389 -18.33 1.66 -44.07
C ALA D 389 -19.54 2.45 -44.58
N ASN D 390 -20.65 1.76 -44.86
CA ASN D 390 -21.87 2.40 -45.36
C ASN D 390 -22.49 3.30 -44.31
N LYS D 391 -22.43 2.90 -43.04
CA LYS D 391 -22.84 3.78 -41.94
C LYS D 391 -21.96 5.03 -41.89
N MET D 392 -20.67 4.88 -42.19
CA MET D 392 -19.72 6.01 -42.19
C MET D 392 -19.99 7.07 -43.27
N ALA D 393 -20.30 6.63 -44.48
CA ALA D 393 -20.78 7.53 -45.56
C ALA D 393 -21.97 8.35 -45.09
N THR D 394 -22.91 7.69 -44.43
CA THR D 394 -24.10 8.34 -43.90
C THR D 394 -23.73 9.34 -42.79
N ALA D 395 -22.82 8.93 -41.91
CA ALA D 395 -22.31 9.79 -40.84
C ALA D 395 -21.67 11.04 -41.43
N THR D 396 -20.81 10.81 -42.43
CA THR D 396 -20.05 11.83 -43.14
C THR D 396 -20.96 12.84 -43.83
N LYS D 397 -21.80 12.35 -44.74
CA LYS D 397 -22.83 13.19 -45.36
C LYS D 397 -23.65 13.98 -44.35
N THR D 398 -24.08 13.32 -43.28
CA THR D 398 -25.00 13.90 -42.33
C THR D 398 -24.35 14.92 -41.39
N HIS D 399 -23.14 14.63 -40.94
CA HIS D 399 -22.51 15.43 -39.88
C HIS D 399 -21.27 16.23 -40.29
N LEU D 400 -20.50 15.72 -41.25
CA LEU D 400 -19.15 16.26 -41.53
C LEU D 400 -18.96 16.95 -42.88
N LEU D 401 -19.75 16.55 -43.89
CA LEU D 401 -19.65 17.20 -45.20
C LEU D 401 -20.18 18.60 -45.14
N GLN D 402 -19.35 19.55 -45.58
CA GLN D 402 -19.75 20.95 -45.65
C GLN D 402 -19.48 21.49 -47.04
N PRO D 403 -19.98 22.70 -47.35
CA PRO D 403 -19.82 23.31 -48.68
C PRO D 403 -18.36 23.50 -49.13
N GLY D 404 -17.45 23.72 -48.18
CA GLY D 404 -16.04 23.89 -48.51
C GLY D 404 -15.19 22.64 -48.27
N GLY D 405 -15.83 21.51 -47.98
CA GLY D 405 -15.15 20.26 -47.74
C GLY D 405 -15.56 19.54 -46.46
N LEU D 406 -14.69 18.64 -46.02
CA LEU D 406 -14.92 17.80 -44.84
C LEU D 406 -14.52 18.51 -43.54
N ASN D 407 -15.50 18.75 -42.66
CA ASN D 407 -15.21 19.34 -41.35
C ASN D 407 -14.37 18.34 -40.54
N THR D 408 -13.49 18.85 -39.70
CA THR D 408 -12.61 18.00 -38.90
C THR D 408 -13.43 17.35 -37.76
N THR D 409 -14.31 18.16 -37.16
CA THR D 409 -15.37 17.73 -36.23
C THR D 409 -16.60 18.60 -36.47
N SER D 410 -17.70 18.33 -35.77
CA SER D 410 -18.83 19.27 -35.79
C SER D 410 -18.84 20.20 -34.57
N VAL D 411 -17.72 20.24 -33.85
CA VAL D 411 -17.60 21.11 -32.66
C VAL D 411 -16.75 22.33 -32.95
N LYS D 412 -17.34 23.51 -32.81
CA LYS D 412 -16.59 24.74 -32.99
C LYS D 412 -16.03 25.16 -31.64
N SER D 413 -14.89 24.59 -31.29
CA SER D 413 -14.26 24.79 -29.96
C SER D 413 -13.40 26.05 -29.85
N GLY D 414 -12.94 26.56 -30.99
CA GLY D 414 -11.94 27.61 -31.03
C GLY D 414 -10.55 27.07 -31.34
N GLN D 415 -10.43 25.74 -31.41
CA GLN D 415 -9.18 25.06 -31.67
C GLN D 415 -9.04 24.75 -33.17
N GLN D 416 -7.83 24.43 -33.60
CA GLN D 416 -7.53 24.22 -35.05
C GLN D 416 -8.08 22.93 -35.65
N TRP D 417 -8.03 21.86 -34.86
CA TRP D 417 -8.46 20.56 -35.30
C TRP D 417 -9.90 20.30 -34.83
N ASP D 418 -10.78 21.18 -35.30
CA ASP D 418 -12.21 21.20 -35.00
C ASP D 418 -12.93 22.00 -36.10
N ALA D 419 -14.26 21.99 -36.05
CA ALA D 419 -15.08 22.86 -36.88
C ALA D 419 -14.68 24.32 -36.67
N PRO D 420 -14.67 25.14 -37.75
CA PRO D 420 -15.04 24.87 -39.14
C PRO D 420 -13.83 24.48 -40.02
N ASN D 421 -12.75 24.04 -39.40
CA ASN D 421 -11.49 23.85 -40.12
C ASN D 421 -11.46 22.58 -40.94
N GLY D 422 -11.08 22.73 -42.20
CA GLY D 422 -10.84 21.60 -43.07
C GLY D 422 -9.35 21.50 -43.36
N TRP D 423 -8.80 20.31 -43.13
CA TRP D 423 -7.38 20.04 -43.29
C TRP D 423 -7.21 19.01 -44.41
N ALA D 424 -6.33 19.31 -45.39
CA ALA D 424 -6.06 18.42 -46.56
C ALA D 424 -5.86 16.91 -46.28
N PRO D 425 -5.00 16.53 -45.31
CA PRO D 425 -4.75 15.10 -45.10
C PRO D 425 -6.03 14.32 -44.77
N LEU D 426 -6.96 14.97 -44.08
CA LEU D 426 -8.23 14.39 -43.68
C LEU D 426 -9.20 14.31 -44.87
N GLN D 427 -9.24 15.36 -45.70
CA GLN D 427 -9.98 15.30 -46.99
C GLN D 427 -9.59 14.07 -47.77
N TRP D 428 -8.30 13.81 -47.86
CA TRP D 428 -7.80 12.76 -48.71
C TRP D 428 -8.06 11.38 -48.08
N VAL D 429 -7.82 11.27 -46.79
CA VAL D 429 -8.07 10.01 -46.08
C VAL D 429 -9.55 9.62 -46.21
N ALA D 430 -10.43 10.60 -46.08
CA ALA D 430 -11.86 10.38 -46.24
C ALA D 430 -12.26 9.97 -47.67
N THR D 431 -11.65 10.63 -48.66
CA THR D 431 -11.88 10.37 -50.07
C THR D 431 -11.42 8.96 -50.43
N GLU D 432 -10.15 8.65 -50.13
CA GLU D 432 -9.58 7.34 -50.39
CA GLU D 432 -9.59 7.33 -50.41
C GLU D 432 -10.28 6.22 -49.63
N GLY D 433 -10.84 6.57 -48.46
CA GLY D 433 -11.54 5.59 -47.62
C GLY D 433 -12.92 5.30 -48.15
N LEU D 434 -13.65 6.35 -48.50
CA LEU D 434 -14.99 6.22 -49.04
C LEU D 434 -14.95 5.55 -50.40
N GLN D 435 -13.91 5.83 -51.18
CA GLN D 435 -13.68 5.22 -52.48
C GLN D 435 -13.35 3.74 -52.37
N ASN D 436 -12.64 3.35 -51.31
CA ASN D 436 -12.32 1.95 -51.06
C ASN D 436 -13.58 1.08 -50.96
N TYR D 437 -14.66 1.66 -50.47
CA TYR D 437 -15.89 0.92 -50.24
C TYR D 437 -16.98 1.32 -51.23
N GLY D 438 -16.56 1.73 -52.42
CA GLY D 438 -17.47 2.11 -53.50
C GLY D 438 -18.43 3.23 -53.16
N GLN D 439 -18.08 4.07 -52.19
CA GLN D 439 -18.93 5.21 -51.86
C GLN D 439 -18.48 6.46 -52.63
N LYS D 440 -18.41 6.32 -53.96
CA LYS D 440 -18.02 7.37 -54.90
C LYS D 440 -18.72 8.71 -54.66
N GLU D 441 -20.03 8.65 -54.42
CA GLU D 441 -20.84 9.86 -54.31
C GLU D 441 -20.26 10.84 -53.29
N VAL D 442 -20.24 10.42 -52.02
CA VAL D 442 -19.69 11.22 -50.91
C VAL D 442 -18.21 11.56 -51.15
N ALA D 443 -17.43 10.58 -51.59
CA ALA D 443 -16.01 10.77 -51.88
C ALA D 443 -15.80 11.92 -52.88
N MET D 444 -16.65 11.94 -53.90
CA MET D 444 -16.54 12.92 -54.97
C MET D 444 -17.02 14.27 -54.49
N ASP D 445 -18.02 14.27 -53.61
CA ASP D 445 -18.50 15.52 -53.02
C ASP D 445 -17.42 16.20 -52.17
N ILE D 446 -16.70 15.42 -51.35
CA ILE D 446 -15.61 15.98 -50.52
C ILE D 446 -14.54 16.63 -51.41
N SER D 447 -14.11 15.87 -52.42
CA SER D 447 -13.10 16.34 -53.38
C SER D 447 -13.49 17.62 -54.08
N TRP D 448 -14.66 17.65 -54.71
CA TRP D 448 -15.15 18.86 -55.38
C TRP D 448 -15.29 20.05 -54.44
N HIS D 449 -15.88 19.81 -53.27
CA HIS D 449 -16.13 20.87 -52.32
C HIS D 449 -14.81 21.48 -51.86
N PHE D 450 -13.88 20.63 -51.46
CA PHE D 450 -12.57 21.08 -50.96
C PHE D 450 -11.78 21.69 -52.12
N LEU D 451 -11.84 21.08 -53.30
CA LEU D 451 -11.09 21.62 -54.45
C LEU D 451 -11.60 22.99 -54.83
N THR D 452 -12.91 23.19 -54.75
CA THR D 452 -13.48 24.51 -55.03
C THR D 452 -13.00 25.53 -54.00
N ASN D 453 -12.91 25.12 -52.75
CA ASN D 453 -12.40 25.97 -51.68
C ASN D 453 -10.95 26.39 -51.99
N VAL D 454 -10.10 25.41 -52.30
CA VAL D 454 -8.71 25.65 -52.72
C VAL D 454 -8.58 26.57 -53.95
N GLN D 455 -9.37 26.31 -54.98
CA GLN D 455 -9.33 27.16 -56.18
C GLN D 455 -9.70 28.61 -55.89
N HIS D 456 -10.75 28.81 -55.09
CA HIS D 456 -11.25 30.13 -54.70
CA HIS D 456 -11.22 30.16 -54.79
C HIS D 456 -10.17 30.98 -54.04
N THR D 457 -9.46 30.37 -53.09
CA THR D 457 -8.39 31.08 -52.40
C THR D 457 -7.24 31.38 -53.36
N TYR D 458 -6.92 30.40 -54.20
CA TYR D 458 -5.87 30.59 -55.19
C TYR D 458 -6.20 31.74 -56.15
N ASP D 459 -7.46 31.80 -56.62
CA ASP D 459 -7.89 32.84 -57.56
C ASP D 459 -7.76 34.21 -56.94
N ARG D 460 -8.19 34.33 -55.68
CA ARG D 460 -8.17 35.60 -54.96
C ARG D 460 -6.78 35.98 -54.44
N GLU D 461 -6.14 35.05 -53.75
CA GLU D 461 -4.88 35.33 -53.04
C GLU D 461 -3.60 34.83 -53.71
N LYS D 462 -3.73 34.03 -54.77
CA LYS D 462 -2.59 33.43 -55.49
C LYS D 462 -1.70 32.51 -54.63
N LYS D 463 -2.32 31.82 -53.68
CA LYS D 463 -1.58 30.90 -52.80
C LYS D 463 -2.43 29.73 -52.33
N LEU D 464 -1.77 28.70 -51.80
CA LEU D 464 -2.45 27.62 -51.10
C LEU D 464 -2.03 27.76 -49.62
N VAL D 465 -2.94 27.45 -48.71
CA VAL D 465 -2.69 27.63 -47.28
C VAL D 465 -2.82 26.29 -46.54
N GLU D 466 -2.53 26.30 -45.25
CA GLU D 466 -2.45 25.07 -44.46
C GLU D 466 -3.82 24.43 -44.16
N LYS D 467 -4.85 25.25 -44.10
CA LYS D 467 -6.19 24.80 -43.71
C LYS D 467 -7.22 25.69 -44.38
N TYR D 468 -8.44 25.19 -44.50
CA TYR D 468 -9.54 25.93 -45.13
C TYR D 468 -10.76 25.92 -44.21
N ASP D 469 -11.52 27.02 -44.24
CA ASP D 469 -12.82 27.10 -43.56
C ASP D 469 -13.84 26.42 -44.48
N VAL D 470 -14.42 25.31 -44.03
CA VAL D 470 -15.35 24.49 -44.85
C VAL D 470 -16.82 24.97 -44.88
N SER D 471 -17.16 26.03 -44.15
CA SER D 471 -18.56 26.50 -44.12
C SER D 471 -19.01 27.14 -45.45
N THR D 472 -18.09 27.83 -46.12
CA THR D 472 -18.26 28.25 -47.53
C THR D 472 -17.01 27.84 -48.35
N THR D 473 -17.05 28.09 -49.66
CA THR D 473 -15.89 27.94 -50.55
C THR D 473 -15.28 29.30 -50.88
N TYR D 482 -0.92 31.42 -33.75
CA TYR D 482 -0.02 31.71 -34.89
C TYR D 482 -0.82 31.91 -36.21
N PRO D 483 -0.35 32.85 -37.08
CA PRO D 483 -1.14 33.25 -38.27
C PRO D 483 -1.25 32.16 -39.35
N LEU D 484 -2.16 32.32 -40.30
CA LEU D 484 -2.38 31.29 -41.32
C LEU D 484 -1.16 31.16 -42.23
N GLN D 485 -0.62 29.94 -42.30
CA GLN D 485 0.62 29.69 -43.05
C GLN D 485 0.36 29.28 -44.50
N ASP D 486 1.24 29.71 -45.41
CA ASP D 486 1.13 29.49 -46.87
CA ASP D 486 1.05 29.36 -46.82
C ASP D 486 2.18 28.50 -47.39
N GLY D 487 1.91 27.93 -48.57
CA GLY D 487 2.80 27.03 -49.28
C GLY D 487 1.95 26.18 -50.21
N PHE D 488 1.34 25.10 -49.72
CA PHE D 488 1.60 24.51 -48.38
C PHE D 488 1.59 23.01 -48.58
N GLY D 489 2.69 22.36 -48.17
CA GLY D 489 2.98 20.96 -48.47
C GLY D 489 1.81 20.03 -48.72
N TRP D 490 1.10 19.66 -47.66
CA TRP D 490 0.05 18.65 -47.81
C TRP D 490 -1.16 19.14 -48.60
N THR D 491 -1.39 20.46 -48.60
CA THR D 491 -2.48 21.03 -49.39
C THR D 491 -2.19 20.83 -50.87
N ASN D 492 -0.93 21.10 -51.26
CA ASN D 492 -0.48 21.03 -52.66
C ASN D 492 -0.54 19.59 -53.14
N GLY D 493 -0.05 18.68 -52.30
CA GLY D 493 -0.04 17.23 -52.61
C GLY D 493 -1.43 16.65 -52.81
N VAL D 494 -2.33 16.96 -51.88
CA VAL D 494 -3.72 16.52 -51.95
C VAL D 494 -4.48 17.17 -53.12
N THR D 495 -4.19 18.44 -53.41
CA THR D 495 -4.83 19.16 -54.54
C THR D 495 -4.56 18.47 -55.88
N LEU D 496 -3.30 18.14 -56.17
CA LEU D 496 -2.95 17.42 -57.40
C LEU D 496 -3.67 16.07 -57.51
N LYS D 497 -3.73 15.35 -56.40
CA LYS D 497 -4.38 14.04 -56.35
C LYS D 497 -5.87 14.16 -56.63
N MET D 498 -6.52 15.15 -55.99
CA MET D 498 -7.94 15.36 -56.18
C MET D 498 -8.23 15.89 -57.58
N LEU D 499 -7.45 16.87 -58.04
CA LEU D 499 -7.54 17.39 -59.41
C LEU D 499 -7.59 16.27 -60.44
N ASP D 500 -6.64 15.36 -60.34
CA ASP D 500 -6.58 14.17 -61.19
C ASP D 500 -7.83 13.30 -61.06
N LEU D 501 -8.38 13.22 -59.86
CA LEU D 501 -9.58 12.42 -59.58
C LEU D 501 -10.82 13.00 -60.23
N ILE D 502 -11.01 14.33 -60.13
CA ILE D 502 -12.24 14.96 -60.60
C ILE D 502 -12.35 15.14 -62.12
N CYS D 503 -11.25 14.90 -62.85
CA CYS D 503 -11.24 15.06 -64.32
C CYS D 503 -10.80 13.77 -65.00
N PRO D 504 -11.26 13.53 -66.26
CA PRO D 504 -10.82 12.37 -67.04
C PRO D 504 -9.30 12.24 -67.11
N LYS D 505 -8.79 11.01 -67.14
CA LYS D 505 -7.35 10.73 -67.18
C LYS D 505 -6.67 11.26 -68.45
N GLU D 506 -7.39 11.23 -69.57
CA GLU D 506 -6.83 11.70 -70.85
C GLU D 506 -7.22 13.14 -71.21
N GLN D 507 -8.03 13.77 -70.35
CA GLN D 507 -8.31 15.20 -70.45
C GLN D 507 -8.20 15.89 -69.06
N PRO D 508 -6.97 16.02 -68.54
CA PRO D 508 -6.76 16.55 -67.18
C PRO D 508 -7.11 18.03 -67.08
N CYS D 509 -7.47 18.46 -65.87
CA CYS D 509 -7.73 19.88 -65.62
CA CYS D 509 -7.74 19.88 -65.61
C CYS D 509 -6.56 20.50 -64.86
N ASP D 510 -6.34 21.79 -65.07
CA ASP D 510 -5.23 22.50 -64.43
C ASP D 510 -5.74 23.48 -63.40
N ASN D 511 -7.05 23.70 -63.47
CA ASN D 511 -7.80 24.42 -62.47
C ASN D 511 -9.07 23.62 -62.20
N VAL D 512 -9.74 23.94 -61.10
CA VAL D 512 -11.00 23.28 -60.77
C VAL D 512 -12.08 23.75 -61.75
N PRO D 513 -12.72 22.81 -62.47
CA PRO D 513 -13.83 23.25 -63.31
C PRO D 513 -14.84 24.07 -62.51
N ALA D 514 -15.21 25.22 -63.04
CA ALA D 514 -16.22 26.10 -62.45
C ALA D 514 -17.63 25.62 -62.78
N THR D 515 -17.75 24.39 -63.28
CA THR D 515 -19.01 23.69 -63.41
C THR D 515 -18.73 22.21 -63.23
N ARG D 516 -19.41 21.58 -62.27
CA ARG D 516 -19.20 20.17 -62.00
C ARG D 516 -19.80 19.27 -63.09
#